data_8VR6
# 
_entry.id   8VR6 
# 
_audit_conform.dict_name       mmcif_pdbx.dic 
_audit_conform.dict_version    5.384 
_audit_conform.dict_location   http://mmcif.pdb.org/dictionaries/ascii/mmcif_pdbx.dic 
# 
loop_
_database_2.database_id 
_database_2.database_code 
_database_2.pdbx_database_accession 
_database_2.pdbx_DOI 
PDB   8VR6         pdb_00008vr6 10.2210/pdb8vr6/pdb 
WWPDB D_1000281072 ?            ?                   
# 
_pdbx_audit_revision_history.ordinal             1 
_pdbx_audit_revision_history.data_content_type   'Structure model' 
_pdbx_audit_revision_history.major_revision      1 
_pdbx_audit_revision_history.minor_revision      0 
_pdbx_audit_revision_history.revision_date       2024-01-31 
# 
_pdbx_audit_revision_details.ordinal             1 
_pdbx_audit_revision_details.revision_ordinal    1 
_pdbx_audit_revision_details.data_content_type   'Structure model' 
_pdbx_audit_revision_details.provider            repository 
_pdbx_audit_revision_details.type                'Initial release' 
_pdbx_audit_revision_details.description         ? 
_pdbx_audit_revision_details.details             ? 
# 
_pdbx_database_status.status_code                     REL 
_pdbx_database_status.status_code_sf                  REL 
_pdbx_database_status.status_code_mr                  ? 
_pdbx_database_status.entry_id                        8VR6 
_pdbx_database_status.recvd_initial_deposition_date   2024-01-20 
_pdbx_database_status.SG_entry                        N 
_pdbx_database_status.deposit_site                    RCSB 
_pdbx_database_status.process_site                    RCSB 
_pdbx_database_status.status_code_cs                  ? 
_pdbx_database_status.status_code_nmr_data            ? 
_pdbx_database_status.methods_development_category    ? 
_pdbx_database_status.pdb_format_compatible           Y 
# 
_pdbx_contact_author.id                 2 
_pdbx_contact_author.email              Hazel_Holden@biochem.wisc.edu 
_pdbx_contact_author.name_first         Hazel 
_pdbx_contact_author.name_last          Holden 
_pdbx_contact_author.name_mi            M 
_pdbx_contact_author.role               'principal investigator/group leader' 
_pdbx_contact_author.identifier_ORCID   0000-0001-6214-3638 
# 
loop_
_audit_author.name 
_audit_author.pdbx_ordinal 
_audit_author.identifier_ORCID 
'Dunsirn, M.M.'  1 ? 
'Bockhaus, N.J.' 2 ? 
'Thoden, J.B.'   3 ? 
'Holden, H.M.'   4 ? 
# 
_citation.abstract                  ? 
_citation.abstract_id_CAS           ? 
_citation.book_id_ISBN              ? 
_citation.book_publisher            ? 
_citation.book_publisher_city       ? 
_citation.book_title                ? 
_citation.coordinate_linkage        ? 
_citation.country                   ? 
_citation.database_id_Medline       ? 
_citation.details                   ? 
_citation.id                        primary 
_citation.journal_abbrev            'To Be Published' 
_citation.journal_id_ASTM           ? 
_citation.journal_id_CSD            0353 
_citation.journal_id_ISSN           ? 
_citation.journal_full              ? 
_citation.journal_issue             ? 
_citation.journal_volume            ? 
_citation.language                  ? 
_citation.page_first                ? 
_citation.page_last                 ? 
_citation.title                     
;Biochemical Investigation of the Enzymes Required for the Production of 2,3,4-triacetoamido-2,3,4-trideoxy-l-arabinose in Psychrobacter cryohalolentis K5
;
_citation.year                      ? 
_citation.database_id_CSD           ? 
_citation.pdbx_database_id_DOI      ? 
_citation.pdbx_database_id_PubMed   ? 
_citation.pdbx_database_id_patent   ? 
_citation.unpublished_flag          ? 
# 
loop_
_citation_author.citation_id 
_citation_author.name 
_citation_author.ordinal 
_citation_author.identifier_ORCID 
primary 'Bockhaus, N.J.' 1 ? 
primary 'Dunsirn, M.M.'  2 ? 
primary 'Thoden, J.B.'   3 ? 
primary 'Holden, H.M.'   4 ? 
# 
loop_
_entity.id 
_entity.type 
_entity.src_method 
_entity.pdbx_description 
_entity.formula_weight 
_entity.pdbx_number_of_molecules 
_entity.pdbx_ec 
_entity.pdbx_mutation 
_entity.pdbx_fragment 
_entity.details 
1 polymer     man 'Acetyltransferase, putative' 19598.547 1  ? ? ? ? 
2 non-polymer syn 
;[[(2~{S},3~{S},4~{R},5~{R})-5-(6-aminopurin-9-yl)-4-oxidanyl-3-phosphonooxy-oxolan-2-yl]methoxy-oxidanyl-phosphoryl] [(3~{R})-4-[[3-[2-[2-[3-[[(2~{R})-4-[[[(2~{R},3~{S},4~{R},5~{R})-5-(6-aminopurin-9-yl)-4-oxidanyl-3-phosphonooxy-oxolan-2-yl]methoxy-oxidanyl-phosphoryl]oxy-oxidanyl-phosphoryl]oxy-3,3-dimethyl-2-oxidanyl-butanoyl]amino]propanoylamino]ethyldisulfanyl]ethylamino]-3-oxidanylidene-propyl]amino]-2,2-dimethyl-3-oxidanyl-4-oxidanylidene-butyl] hydrogen phosphate
;
1533.052  1  ? ? ? ? 
3 water       nat water 18.015    62 ? ? ? ? 
# 
_entity_poly.entity_id                      1 
_entity_poly.type                           'polypeptide(L)' 
_entity_poly.nstd_linkage                   no 
_entity_poly.nstd_monomer                   no 
_entity_poly.pdbx_seq_one_letter_code       
;GGGHMILLKELKELFFLRTTYYLKKYNRSLPFGDMIVDRWDKAKLLGFGEGTSIYDSSIVLGEVKVGKDTWIGPNTILDG
SGGGLIIGSNCSISAGVQIYTHDTVRKSLSGGKADIDKASTRIGSDCYLGPNTIIVKGVKIGDRVVVGANSLVLKDIPSD
CKVFGSPAVIITDSLNYQRNNI
;
_entity_poly.pdbx_seq_one_letter_code_can   
;GGGHMILLKELKELFFLRTTYYLKKYNRSLPFGDMIVDRWDKAKLLGFGEGTSIYDSSIVLGEVKVGKDTWIGPNTILDG
SGGGLIIGSNCSISAGVQIYTHDTVRKSLSGGKADIDKASTRIGSDCYLGPNTIIVKGVKIGDRVVVGANSLVLKDIPSD
CKVFGSPAVIITDSLNYQRNNI
;
_entity_poly.pdbx_strand_id                 A 
_entity_poly.pdbx_target_identifier         ? 
# 
loop_
_pdbx_entity_nonpoly.entity_id 
_pdbx_entity_nonpoly.name 
_pdbx_entity_nonpoly.comp_id 
2 
;[[(2~{S},3~{S},4~{R},5~{R})-5-(6-aminopurin-9-yl)-4-oxidanyl-3-phosphonooxy-oxolan-2-yl]methoxy-oxidanyl-phosphoryl] [(3~{R})-4-[[3-[2-[2-[3-[[(2~{R})-4-[[[(2~{R},3~{S},4~{R},5~{R})-5-(6-aminopurin-9-yl)-4-oxidanyl-3-phosphonooxy-oxolan-2-yl]methoxy-oxidanyl-phosphoryl]oxy-oxidanyl-phosphoryl]oxy-3,3-dimethyl-2-oxidanyl-butanoyl]amino]propanoylamino]ethyldisulfanyl]ethylamino]-3-oxidanylidene-propyl]amino]-2,2-dimethyl-3-oxidanyl-4-oxidanylidene-butyl] hydrogen phosphate
;
5NG 
3 water HOH 
# 
loop_
_entity_poly_seq.entity_id 
_entity_poly_seq.num 
_entity_poly_seq.mon_id 
_entity_poly_seq.hetero 
1 1   GLY n 
1 2   GLY n 
1 3   GLY n 
1 4   HIS n 
1 5   MET n 
1 6   ILE n 
1 7   LEU n 
1 8   LEU n 
1 9   LYS n 
1 10  GLU n 
1 11  LEU n 
1 12  LYS n 
1 13  GLU n 
1 14  LEU n 
1 15  PHE n 
1 16  PHE n 
1 17  LEU n 
1 18  ARG n 
1 19  THR n 
1 20  THR n 
1 21  TYR n 
1 22  TYR n 
1 23  LEU n 
1 24  LYS n 
1 25  LYS n 
1 26  TYR n 
1 27  ASN n 
1 28  ARG n 
1 29  SER n 
1 30  LEU n 
1 31  PRO n 
1 32  PHE n 
1 33  GLY n 
1 34  ASP n 
1 35  MET n 
1 36  ILE n 
1 37  VAL n 
1 38  ASP n 
1 39  ARG n 
1 40  TRP n 
1 41  ASP n 
1 42  LYS n 
1 43  ALA n 
1 44  LYS n 
1 45  LEU n 
1 46  LEU n 
1 47  GLY n 
1 48  PHE n 
1 49  GLY n 
1 50  GLU n 
1 51  GLY n 
1 52  THR n 
1 53  SER n 
1 54  ILE n 
1 55  TYR n 
1 56  ASP n 
1 57  SER n 
1 58  SER n 
1 59  ILE n 
1 60  VAL n 
1 61  LEU n 
1 62  GLY n 
1 63  GLU n 
1 64  VAL n 
1 65  LYS n 
1 66  VAL n 
1 67  GLY n 
1 68  LYS n 
1 69  ASP n 
1 70  THR n 
1 71  TRP n 
1 72  ILE n 
1 73  GLY n 
1 74  PRO n 
1 75  ASN n 
1 76  THR n 
1 77  ILE n 
1 78  LEU n 
1 79  ASP n 
1 80  GLY n 
1 81  SER n 
1 82  GLY n 
1 83  GLY n 
1 84  GLY n 
1 85  LEU n 
1 86  ILE n 
1 87  ILE n 
1 88  GLY n 
1 89  SER n 
1 90  ASN n 
1 91  CYS n 
1 92  SER n 
1 93  ILE n 
1 94  SER n 
1 95  ALA n 
1 96  GLY n 
1 97  VAL n 
1 98  GLN n 
1 99  ILE n 
1 100 TYR n 
1 101 THR n 
1 102 HIS n 
1 103 ASP n 
1 104 THR n 
1 105 VAL n 
1 106 ARG n 
1 107 LYS n 
1 108 SER n 
1 109 LEU n 
1 110 SER n 
1 111 GLY n 
1 112 GLY n 
1 113 LYS n 
1 114 ALA n 
1 115 ASP n 
1 116 ILE n 
1 117 ASP n 
1 118 LYS n 
1 119 ALA n 
1 120 SER n 
1 121 THR n 
1 122 ARG n 
1 123 ILE n 
1 124 GLY n 
1 125 SER n 
1 126 ASP n 
1 127 CYS n 
1 128 TYR n 
1 129 LEU n 
1 130 GLY n 
1 131 PRO n 
1 132 ASN n 
1 133 THR n 
1 134 ILE n 
1 135 ILE n 
1 136 VAL n 
1 137 LYS n 
1 138 GLY n 
1 139 VAL n 
1 140 LYS n 
1 141 ILE n 
1 142 GLY n 
1 143 ASP n 
1 144 ARG n 
1 145 VAL n 
1 146 VAL n 
1 147 VAL n 
1 148 GLY n 
1 149 ALA n 
1 150 ASN n 
1 151 SER n 
1 152 LEU n 
1 153 VAL n 
1 154 LEU n 
1 155 LYS n 
1 156 ASP n 
1 157 ILE n 
1 158 PRO n 
1 159 SER n 
1 160 ASP n 
1 161 CYS n 
1 162 LYS n 
1 163 VAL n 
1 164 PHE n 
1 165 GLY n 
1 166 SER n 
1 167 PRO n 
1 168 ALA n 
1 169 VAL n 
1 170 ILE n 
1 171 ILE n 
1 172 THR n 
1 173 ASP n 
1 174 SER n 
1 175 LEU n 
1 176 ASN n 
1 177 TYR n 
1 178 GLN n 
1 179 ARG n 
1 180 ASN n 
1 181 ASN n 
1 182 ILE n 
# 
_entity_src_gen.entity_id                          1 
_entity_src_gen.pdbx_src_id                        1 
_entity_src_gen.pdbx_alt_source_flag               sample 
_entity_src_gen.pdbx_seq_type                      'Biological sequence' 
_entity_src_gen.pdbx_beg_seq_num                   1 
_entity_src_gen.pdbx_end_seq_num                   182 
_entity_src_gen.gene_src_common_name               ? 
_entity_src_gen.gene_src_genus                     ? 
_entity_src_gen.pdbx_gene_src_gene                 Pcryo_0619 
_entity_src_gen.gene_src_species                   ? 
_entity_src_gen.gene_src_strain                    ? 
_entity_src_gen.gene_src_tissue                    ? 
_entity_src_gen.gene_src_tissue_fraction           ? 
_entity_src_gen.gene_src_details                   ? 
_entity_src_gen.pdbx_gene_src_fragment             ? 
_entity_src_gen.pdbx_gene_src_scientific_name      'Psychrobacter cryohalolentis K5' 
_entity_src_gen.pdbx_gene_src_ncbi_taxonomy_id     335284 
_entity_src_gen.pdbx_gene_src_variant              ? 
_entity_src_gen.pdbx_gene_src_cell_line            ? 
_entity_src_gen.pdbx_gene_src_atcc                 ? 
_entity_src_gen.pdbx_gene_src_organ                ? 
_entity_src_gen.pdbx_gene_src_organelle            ? 
_entity_src_gen.pdbx_gene_src_cell                 ? 
_entity_src_gen.pdbx_gene_src_cellular_location    ? 
_entity_src_gen.host_org_common_name               ? 
_entity_src_gen.pdbx_host_org_scientific_name      'Escherichia coli BL21(DE3)' 
_entity_src_gen.pdbx_host_org_ncbi_taxonomy_id     469008 
_entity_src_gen.host_org_genus                     ? 
_entity_src_gen.pdbx_host_org_gene                 ? 
_entity_src_gen.pdbx_host_org_organ                ? 
_entity_src_gen.host_org_species                   ? 
_entity_src_gen.pdbx_host_org_tissue               ? 
_entity_src_gen.pdbx_host_org_tissue_fraction      ? 
_entity_src_gen.pdbx_host_org_strain               ? 
_entity_src_gen.pdbx_host_org_variant              Rosetta2 
_entity_src_gen.pdbx_host_org_cell_line            ? 
_entity_src_gen.pdbx_host_org_atcc                 ? 
_entity_src_gen.pdbx_host_org_culture_collection   ? 
_entity_src_gen.pdbx_host_org_cell                 ? 
_entity_src_gen.pdbx_host_org_organelle            ? 
_entity_src_gen.pdbx_host_org_cellular_location    ? 
_entity_src_gen.pdbx_host_org_vector_type          ? 
_entity_src_gen.pdbx_host_org_vector               ? 
_entity_src_gen.host_org_details                   ? 
_entity_src_gen.expression_system_id               ? 
_entity_src_gen.plasmid_name                       ? 
_entity_src_gen.plasmid_details                    ? 
_entity_src_gen.pdbx_description                   ? 
# 
loop_
_chem_comp.id 
_chem_comp.type 
_chem_comp.mon_nstd_flag 
_chem_comp.name 
_chem_comp.pdbx_synonyms 
_chem_comp.formula 
_chem_comp.formula_weight 
5NG non-polymer         . 
;[[(2~{S},3~{S},4~{R},5~{R})-5-(6-aminopurin-9-yl)-4-oxidanyl-3-phosphonooxy-oxolan-2-yl]methoxy-oxidanyl-phosphoryl] [(3~{R})-4-[[3-[2-[2-[3-[[(2~{R})-4-[[[(2~{R},3~{S},4~{R},5~{R})-5-(6-aminopurin-9-yl)-4-oxidanyl-3-phosphonooxy-oxolan-2-yl]methoxy-oxidanyl-phosphoryl]oxy-oxidanyl-phosphoryl]oxy-3,3-dimethyl-2-oxidanyl-butanoyl]amino]propanoylamino]ethyldisulfanyl]ethylamino]-3-oxidanylidene-propyl]amino]-2,2-dimethyl-3-oxidanyl-4-oxidanylidene-butyl] hydrogen phosphate
;
CoA-disulfide 'C42 H70 N14 O32 P6 S2' 1533.052 
ALA 'L-peptide linking' y ALANINE ?             'C3 H7 N O2'            89.093   
ARG 'L-peptide linking' y ARGININE ?             'C6 H15 N4 O2 1'        175.209  
ASN 'L-peptide linking' y ASPARAGINE ?             'C4 H8 N2 O3'           132.118  
ASP 'L-peptide linking' y 'ASPARTIC ACID' ?             'C4 H7 N O4'            133.103  
CYS 'L-peptide linking' y CYSTEINE ?             'C3 H7 N O2 S'          121.158  
GLN 'L-peptide linking' y GLUTAMINE ?             'C5 H10 N2 O3'          146.144  
GLU 'L-peptide linking' y 'GLUTAMIC ACID' ?             'C5 H9 N O4'            147.129  
GLY 'peptide linking'   y GLYCINE ?             'C2 H5 N O2'            75.067   
HIS 'L-peptide linking' y HISTIDINE ?             'C6 H10 N3 O2 1'        156.162  
HOH non-polymer         . WATER ?             'H2 O'                  18.015   
ILE 'L-peptide linking' y ISOLEUCINE ?             'C6 H13 N O2'           131.173  
LEU 'L-peptide linking' y LEUCINE ?             'C6 H13 N O2'           131.173  
LYS 'L-peptide linking' y LYSINE ?             'C6 H15 N2 O2 1'        147.195  
MET 'L-peptide linking' y METHIONINE ?             'C5 H11 N O2 S'         149.211  
PHE 'L-peptide linking' y PHENYLALANINE ?             'C9 H11 N O2'           165.189  
PRO 'L-peptide linking' y PROLINE ?             'C5 H9 N O2'            115.130  
SER 'L-peptide linking' y SERINE ?             'C3 H7 N O3'            105.093  
THR 'L-peptide linking' y THREONINE ?             'C4 H9 N O3'            119.119  
TRP 'L-peptide linking' y TRYPTOPHAN ?             'C11 H12 N2 O2'         204.225  
TYR 'L-peptide linking' y TYROSINE ?             'C9 H11 N O3'           181.189  
VAL 'L-peptide linking' y VALINE ?             'C5 H11 N O2'           117.146  
# 
loop_
_pdbx_poly_seq_scheme.asym_id 
_pdbx_poly_seq_scheme.entity_id 
_pdbx_poly_seq_scheme.seq_id 
_pdbx_poly_seq_scheme.mon_id 
_pdbx_poly_seq_scheme.ndb_seq_num 
_pdbx_poly_seq_scheme.pdb_seq_num 
_pdbx_poly_seq_scheme.auth_seq_num 
_pdbx_poly_seq_scheme.pdb_mon_id 
_pdbx_poly_seq_scheme.auth_mon_id 
_pdbx_poly_seq_scheme.pdb_strand_id 
_pdbx_poly_seq_scheme.pdb_ins_code 
_pdbx_poly_seq_scheme.hetero 
A 1 1   GLY 1   -3  ?   ?   ?   A . n 
A 1 2   GLY 2   -2  ?   ?   ?   A . n 
A 1 3   GLY 3   -1  ?   ?   ?   A . n 
A 1 4   HIS 4   0   0   HIS HIS A . n 
A 1 5   MET 5   1   1   MET MET A . n 
A 1 6   ILE 6   2   2   ILE ILE A . n 
A 1 7   LEU 7   3   3   LEU LEU A . n 
A 1 8   LEU 8   4   4   LEU LEU A . n 
A 1 9   LYS 9   5   5   LYS LYS A . n 
A 1 10  GLU 10  6   6   GLU GLU A . n 
A 1 11  LEU 11  7   7   LEU LEU A . n 
A 1 12  LYS 12  8   8   LYS LYS A . n 
A 1 13  GLU 13  9   9   GLU GLU A . n 
A 1 14  LEU 14  10  10  LEU LEU A . n 
A 1 15  PHE 15  11  11  PHE PHE A . n 
A 1 16  PHE 16  12  12  PHE PHE A . n 
A 1 17  LEU 17  13  13  LEU LEU A . n 
A 1 18  ARG 18  14  14  ARG ARG A . n 
A 1 19  THR 19  15  15  THR THR A . n 
A 1 20  THR 20  16  16  THR THR A . n 
A 1 21  TYR 21  17  17  TYR TYR A . n 
A 1 22  TYR 22  18  18  TYR TYR A . n 
A 1 23  LEU 23  19  19  LEU LEU A . n 
A 1 24  LYS 24  20  20  LYS LYS A . n 
A 1 25  LYS 25  21  21  LYS LYS A . n 
A 1 26  TYR 26  22  22  TYR TYR A . n 
A 1 27  ASN 27  23  23  ASN ASN A . n 
A 1 28  ARG 28  24  24  ARG ARG A . n 
A 1 29  SER 29  25  25  SER SER A . n 
A 1 30  LEU 30  26  26  LEU LEU A . n 
A 1 31  PRO 31  27  27  PRO PRO A . n 
A 1 32  PHE 32  28  28  PHE PHE A . n 
A 1 33  GLY 33  29  29  GLY GLY A . n 
A 1 34  ASP 34  30  30  ASP ASP A . n 
A 1 35  MET 35  31  31  MET MET A . n 
A 1 36  ILE 36  32  32  ILE ILE A . n 
A 1 37  VAL 37  33  33  VAL VAL A . n 
A 1 38  ASP 38  34  34  ASP ASP A . n 
A 1 39  ARG 39  35  35  ARG ARG A . n 
A 1 40  TRP 40  36  36  TRP TRP A . n 
A 1 41  ASP 41  37  37  ASP ASP A . n 
A 1 42  LYS 42  38  38  LYS LYS A . n 
A 1 43  ALA 43  39  39  ALA ALA A . n 
A 1 44  LYS 44  40  40  LYS LYS A . n 
A 1 45  LEU 45  41  41  LEU LEU A . n 
A 1 46  LEU 46  42  42  LEU LEU A . n 
A 1 47  GLY 47  43  43  GLY GLY A . n 
A 1 48  PHE 48  44  44  PHE PHE A . n 
A 1 49  GLY 49  45  45  GLY GLY A . n 
A 1 50  GLU 50  46  46  GLU GLU A . n 
A 1 51  GLY 51  47  47  GLY GLY A . n 
A 1 52  THR 52  48  48  THR THR A . n 
A 1 53  SER 53  49  49  SER SER A . n 
A 1 54  ILE 54  50  50  ILE ILE A . n 
A 1 55  TYR 55  51  51  TYR TYR A . n 
A 1 56  ASP 56  52  52  ASP ASP A . n 
A 1 57  SER 57  53  53  SER SER A . n 
A 1 58  SER 58  54  54  SER SER A . n 
A 1 59  ILE 59  55  55  ILE ILE A . n 
A 1 60  VAL 60  56  56  VAL VAL A . n 
A 1 61  LEU 61  57  57  LEU LEU A . n 
A 1 62  GLY 62  58  58  GLY GLY A . n 
A 1 63  GLU 63  59  59  GLU GLU A . n 
A 1 64  VAL 64  60  60  VAL VAL A . n 
A 1 65  LYS 65  61  61  LYS LYS A . n 
A 1 66  VAL 66  62  62  VAL VAL A . n 
A 1 67  GLY 67  63  63  GLY GLY A . n 
A 1 68  LYS 68  64  64  LYS LYS A . n 
A 1 69  ASP 69  65  65  ASP ASP A . n 
A 1 70  THR 70  66  66  THR THR A . n 
A 1 71  TRP 71  67  67  TRP TRP A . n 
A 1 72  ILE 72  68  68  ILE ILE A . n 
A 1 73  GLY 73  69  69  GLY GLY A . n 
A 1 74  PRO 74  70  70  PRO PRO A . n 
A 1 75  ASN 75  71  71  ASN ASN A . n 
A 1 76  THR 76  72  72  THR THR A . n 
A 1 77  ILE 77  73  73  ILE ILE A . n 
A 1 78  LEU 78  74  74  LEU LEU A . n 
A 1 79  ASP 79  75  75  ASP ASP A . n 
A 1 80  GLY 80  76  76  GLY GLY A . n 
A 1 81  SER 81  77  77  SER SER A . n 
A 1 82  GLY 82  78  78  GLY GLY A . n 
A 1 83  GLY 83  79  79  GLY GLY A . n 
A 1 84  GLY 84  80  80  GLY GLY A . n 
A 1 85  LEU 85  81  81  LEU LEU A . n 
A 1 86  ILE 86  82  82  ILE ILE A . n 
A 1 87  ILE 87  83  83  ILE ILE A . n 
A 1 88  GLY 88  84  84  GLY GLY A . n 
A 1 89  SER 89  85  85  SER SER A . n 
A 1 90  ASN 90  86  86  ASN ASN A . n 
A 1 91  CYS 91  87  87  CYS CYS A . n 
A 1 92  SER 92  88  88  SER SER A . n 
A 1 93  ILE 93  89  89  ILE ILE A . n 
A 1 94  SER 94  90  90  SER SER A . n 
A 1 95  ALA 95  91  91  ALA ALA A . n 
A 1 96  GLY 96  92  92  GLY GLY A . n 
A 1 97  VAL 97  93  93  VAL VAL A . n 
A 1 98  GLN 98  94  94  GLN GLN A . n 
A 1 99  ILE 99  95  95  ILE ILE A . n 
A 1 100 TYR 100 96  96  TYR TYR A . n 
A 1 101 THR 101 97  97  THR THR A . n 
A 1 102 HIS 102 98  98  HIS HIS A . n 
A 1 103 ASP 103 99  99  ASP ASP A . n 
A 1 104 THR 104 100 100 THR THR A . n 
A 1 105 VAL 105 101 101 VAL VAL A . n 
A 1 106 ARG 106 102 102 ARG ARG A . n 
A 1 107 LYS 107 103 103 LYS LYS A . n 
A 1 108 SER 108 104 104 SER SER A . n 
A 1 109 LEU 109 105 105 LEU LEU A . n 
A 1 110 SER 110 106 106 SER SER A . n 
A 1 111 GLY 111 107 107 GLY GLY A . n 
A 1 112 GLY 112 108 108 GLY GLY A . n 
A 1 113 LYS 113 109 109 LYS LYS A . n 
A 1 114 ALA 114 110 110 ALA ALA A . n 
A 1 115 ASP 115 111 111 ASP ASP A . n 
A 1 116 ILE 116 112 112 ILE ILE A . n 
A 1 117 ASP 117 113 113 ASP ASP A . n 
A 1 118 LYS 118 114 114 LYS LYS A . n 
A 1 119 ALA 119 115 115 ALA ALA A . n 
A 1 120 SER 120 116 116 SER SER A . n 
A 1 121 THR 121 117 117 THR THR A . n 
A 1 122 ARG 122 118 118 ARG ARG A . n 
A 1 123 ILE 123 119 119 ILE ILE A . n 
A 1 124 GLY 124 120 120 GLY GLY A . n 
A 1 125 SER 125 121 121 SER SER A . n 
A 1 126 ASP 126 122 122 ASP ASP A . n 
A 1 127 CYS 127 123 123 CYS CYS A . n 
A 1 128 TYR 128 124 124 TYR TYR A . n 
A 1 129 LEU 129 125 125 LEU LEU A . n 
A 1 130 GLY 130 126 126 GLY GLY A . n 
A 1 131 PRO 131 127 127 PRO PRO A . n 
A 1 132 ASN 132 128 128 ASN ASN A . n 
A 1 133 THR 133 129 129 THR THR A . n 
A 1 134 ILE 134 130 130 ILE ILE A . n 
A 1 135 ILE 135 131 131 ILE ILE A . n 
A 1 136 VAL 136 132 132 VAL VAL A . n 
A 1 137 LYS 137 133 133 LYS LYS A . n 
A 1 138 GLY 138 134 134 GLY GLY A . n 
A 1 139 VAL 139 135 135 VAL VAL A . n 
A 1 140 LYS 140 136 136 LYS LYS A . n 
A 1 141 ILE 141 137 137 ILE ILE A . n 
A 1 142 GLY 142 138 138 GLY GLY A . n 
A 1 143 ASP 143 139 139 ASP ASP A . n 
A 1 144 ARG 144 140 140 ARG ARG A . n 
A 1 145 VAL 145 141 141 VAL VAL A . n 
A 1 146 VAL 146 142 142 VAL VAL A . n 
A 1 147 VAL 147 143 143 VAL VAL A . n 
A 1 148 GLY 148 144 144 GLY GLY A . n 
A 1 149 ALA 149 145 145 ALA ALA A . n 
A 1 150 ASN 150 146 146 ASN ASN A . n 
A 1 151 SER 151 147 147 SER SER A . n 
A 1 152 LEU 152 148 148 LEU LEU A . n 
A 1 153 VAL 153 149 149 VAL VAL A . n 
A 1 154 LEU 154 150 150 LEU LEU A . n 
A 1 155 LYS 155 151 151 LYS LYS A . n 
A 1 156 ASP 156 152 152 ASP ASP A . n 
A 1 157 ILE 157 153 153 ILE ILE A . n 
A 1 158 PRO 158 154 154 PRO PRO A . n 
A 1 159 SER 159 155 155 SER SER A . n 
A 1 160 ASP 160 156 156 ASP ASP A . n 
A 1 161 CYS 161 157 157 CYS CYS A . n 
A 1 162 LYS 162 158 158 LYS LYS A . n 
A 1 163 VAL 163 159 159 VAL VAL A . n 
A 1 164 PHE 164 160 160 PHE PHE A . n 
A 1 165 GLY 165 161 161 GLY GLY A . n 
A 1 166 SER 166 162 162 SER SER A . n 
A 1 167 PRO 167 163 163 PRO PRO A . n 
A 1 168 ALA 168 164 164 ALA ALA A . n 
A 1 169 VAL 169 165 165 VAL VAL A . n 
A 1 170 ILE 170 166 166 ILE ILE A . n 
A 1 171 ILE 171 167 167 ILE ILE A . n 
A 1 172 THR 172 168 168 THR THR A . n 
A 1 173 ASP 173 169 169 ASP ASP A . n 
A 1 174 SER 174 170 170 SER SER A . n 
A 1 175 LEU 175 171 171 LEU LEU A . n 
A 1 176 ASN 176 172 172 ASN ASN A . n 
A 1 177 TYR 177 173 173 TYR TYR A . n 
A 1 178 GLN 178 174 174 GLN GLN A . n 
A 1 179 ARG 179 175 175 ARG ALA A . n 
A 1 180 ASN 180 176 176 ASN ALA A . n 
A 1 181 ASN 181 177 ?   ?   ?   A . n 
A 1 182 ILE 182 178 ?   ?   ?   A . n 
# 
loop_
_pdbx_nonpoly_scheme.asym_id 
_pdbx_nonpoly_scheme.entity_id 
_pdbx_nonpoly_scheme.mon_id 
_pdbx_nonpoly_scheme.ndb_seq_num 
_pdbx_nonpoly_scheme.pdb_seq_num 
_pdbx_nonpoly_scheme.auth_seq_num 
_pdbx_nonpoly_scheme.pdb_mon_id 
_pdbx_nonpoly_scheme.auth_mon_id 
_pdbx_nonpoly_scheme.pdb_strand_id 
_pdbx_nonpoly_scheme.pdb_ins_code 
B 2 5NG 1  201 201 5NG 5NG A . 
C 3 HOH 1  301 83  HOH HOH A . 
C 3 HOH 2  302 70  HOH HOH A . 
C 3 HOH 3  303 41  HOH HOH A . 
C 3 HOH 4  304 73  HOH HOH A . 
C 3 HOH 5  305 82  HOH HOH A . 
C 3 HOH 6  306 14  HOH HOH A . 
C 3 HOH 7  307 1   HOH HOH A . 
C 3 HOH 8  308 7   HOH HOH A . 
C 3 HOH 9  309 13  HOH HOH A . 
C 3 HOH 10 310 64  HOH HOH A . 
C 3 HOH 11 311 4   HOH HOH A . 
C 3 HOH 12 312 19  HOH HOH A . 
C 3 HOH 13 313 8   HOH HOH A . 
C 3 HOH 14 314 80  HOH HOH A . 
C 3 HOH 15 315 25  HOH HOH A . 
C 3 HOH 16 316 2   HOH HOH A . 
C 3 HOH 17 317 78  HOH HOH A . 
C 3 HOH 18 318 33  HOH HOH A . 
C 3 HOH 19 319 11  HOH HOH A . 
C 3 HOH 20 320 3   HOH HOH A . 
C 3 HOH 21 321 44  HOH HOH A . 
C 3 HOH 22 322 67  HOH HOH A . 
C 3 HOH 23 323 26  HOH HOH A . 
C 3 HOH 24 324 36  HOH HOH A . 
C 3 HOH 25 325 9   HOH HOH A . 
C 3 HOH 26 326 12  HOH HOH A . 
C 3 HOH 27 327 87  HOH HOH A . 
C 3 HOH 28 328 18  HOH HOH A . 
C 3 HOH 29 329 16  HOH HOH A . 
C 3 HOH 30 330 76  HOH HOH A . 
C 3 HOH 31 331 77  HOH HOH A . 
C 3 HOH 32 332 35  HOH HOH A . 
C 3 HOH 33 333 29  HOH HOH A . 
C 3 HOH 34 334 34  HOH HOH A . 
C 3 HOH 35 335 84  HOH HOH A . 
C 3 HOH 36 336 50  HOH HOH A . 
C 3 HOH 37 337 38  HOH HOH A . 
C 3 HOH 38 338 10  HOH HOH A . 
C 3 HOH 39 339 15  HOH HOH A . 
C 3 HOH 40 340 24  HOH HOH A . 
C 3 HOH 41 341 31  HOH HOH A . 
C 3 HOH 42 342 17  HOH HOH A . 
C 3 HOH 43 343 28  HOH HOH A . 
C 3 HOH 44 344 79  HOH HOH A . 
C 3 HOH 45 345 21  HOH HOH A . 
C 3 HOH 46 346 40  HOH HOH A . 
C 3 HOH 47 347 72  HOH HOH A . 
C 3 HOH 48 348 65  HOH HOH A . 
C 3 HOH 49 349 81  HOH HOH A . 
C 3 HOH 50 350 66  HOH HOH A . 
C 3 HOH 51 351 88  HOH HOH A . 
C 3 HOH 52 352 74  HOH HOH A . 
C 3 HOH 53 353 62  HOH HOH A . 
C 3 HOH 54 354 68  HOH HOH A . 
C 3 HOH 55 355 71  HOH HOH A . 
C 3 HOH 56 356 75  HOH HOH A . 
C 3 HOH 57 357 42  HOH HOH A . 
C 3 HOH 58 358 27  HOH HOH A . 
C 3 HOH 59 359 86  HOH HOH A . 
C 3 HOH 60 360 61  HOH HOH A . 
C 3 HOH 61 361 69  HOH HOH A . 
C 3 HOH 62 362 85  HOH HOH A . 
# 
loop_
_pdbx_unobs_or_zero_occ_atoms.id 
_pdbx_unobs_or_zero_occ_atoms.PDB_model_num 
_pdbx_unobs_or_zero_occ_atoms.polymer_flag 
_pdbx_unobs_or_zero_occ_atoms.occupancy_flag 
_pdbx_unobs_or_zero_occ_atoms.auth_asym_id 
_pdbx_unobs_or_zero_occ_atoms.auth_comp_id 
_pdbx_unobs_or_zero_occ_atoms.auth_seq_id 
_pdbx_unobs_or_zero_occ_atoms.PDB_ins_code 
_pdbx_unobs_or_zero_occ_atoms.auth_atom_id 
_pdbx_unobs_or_zero_occ_atoms.label_alt_id 
_pdbx_unobs_or_zero_occ_atoms.label_asym_id 
_pdbx_unobs_or_zero_occ_atoms.label_comp_id 
_pdbx_unobs_or_zero_occ_atoms.label_seq_id 
_pdbx_unobs_or_zero_occ_atoms.label_atom_id 
1 1 Y 1 A ARG 175 ? CG  ? A ARG 179 CG  
2 1 Y 1 A ARG 175 ? CD  ? A ARG 179 CD  
3 1 Y 1 A ARG 175 ? NE  ? A ARG 179 NE  
4 1 Y 1 A ARG 175 ? CZ  ? A ARG 179 CZ  
5 1 Y 1 A ARG 175 ? NH1 ? A ARG 179 NH1 
6 1 Y 1 A ARG 175 ? NH2 ? A ARG 179 NH2 
7 1 Y 1 A ASN 176 ? CG  ? A ASN 180 CG  
8 1 Y 1 A ASN 176 ? OD1 ? A ASN 180 OD1 
9 1 Y 1 A ASN 176 ? ND2 ? A ASN 180 ND2 
# 
loop_
_software.citation_id 
_software.classification 
_software.compiler_name 
_software.compiler_version 
_software.contact_author 
_software.contact_author_email 
_software.date 
_software.description 
_software.dependencies 
_software.hardware 
_software.language 
_software.location 
_software.mods 
_software.name 
_software.os 
_software.os_version 
_software.type 
_software.version 
_software.pdbx_ordinal 
? refinement       ? ? ? ? ? ? ? ? ? ? ? REFMAC   ? ? ? 5.8.0405 1 
? 'data reduction' ? ? ? ? ? ? ? ? ? ? ? HKL-3000 ? ? ? .        2 
? 'data scaling'   ? ? ? ? ? ? ? ? ? ? ? HKL-3000 ? ? ? .        3 
? phasing          ? ? ? ? ? ? ? ? ? ? ? SHELXDE  ? ? ? .        4 
# 
_cell.angle_alpha                  90.00 
_cell.angle_alpha_esd              ? 
_cell.angle_beta                   90.00 
_cell.angle_beta_esd               ? 
_cell.angle_gamma                  90.00 
_cell.angle_gamma_esd              ? 
_cell.entry_id                     8VR6 
_cell.details                      ? 
_cell.formula_units_Z              ? 
_cell.length_a                     114.903 
_cell.length_a_esd                 ? 
_cell.length_b                     114.903 
_cell.length_b_esd                 ? 
_cell.length_c                     114.903 
_cell.length_c_esd                 ? 
_cell.volume                       ? 
_cell.volume_esd                   ? 
_cell.Z_PDB                        24 
_cell.reciprocal_angle_alpha       ? 
_cell.reciprocal_angle_beta        ? 
_cell.reciprocal_angle_gamma       ? 
_cell.reciprocal_angle_alpha_esd   ? 
_cell.reciprocal_angle_beta_esd    ? 
_cell.reciprocal_angle_gamma_esd   ? 
_cell.reciprocal_length_a          ? 
_cell.reciprocal_length_b          ? 
_cell.reciprocal_length_c          ? 
_cell.reciprocal_length_a_esd      ? 
_cell.reciprocal_length_b_esd      ? 
_cell.reciprocal_length_c_esd      ? 
_cell.pdbx_unique_axis             ? 
_cell.pdbx_esd_method              ? 
# 
_symmetry.entry_id                         8VR6 
_symmetry.cell_setting                     ? 
_symmetry.Int_Tables_number                199 
_symmetry.space_group_name_Hall            ? 
_symmetry.space_group_name_H-M             'I 21 3' 
_symmetry.pdbx_full_space_group_name_H-M   ? 
# 
_exptl.absorpt_coefficient_mu     ? 
_exptl.absorpt_correction_T_max   ? 
_exptl.absorpt_correction_T_min   ? 
_exptl.absorpt_correction_type    ? 
_exptl.absorpt_process_details    ? 
_exptl.entry_id                   8VR6 
_exptl.crystals_number            1 
_exptl.details                    ? 
_exptl.method                     'X-RAY DIFFRACTION' 
_exptl.method_details             ? 
# 
_exptl_crystal.colour                       ? 
_exptl_crystal.density_diffrn               ? 
_exptl_crystal.density_Matthews             3.24 
_exptl_crystal.density_method               ? 
_exptl_crystal.density_percent_sol          62.09 
_exptl_crystal.description                  ? 
_exptl_crystal.F_000                        ? 
_exptl_crystal.id                           1 
_exptl_crystal.preparation                  ? 
_exptl_crystal.size_max                     ? 
_exptl_crystal.size_mid                     ? 
_exptl_crystal.size_min                     ? 
_exptl_crystal.size_rad                     ? 
_exptl_crystal.colour_lustre                ? 
_exptl_crystal.colour_modifier              ? 
_exptl_crystal.colour_primary               ? 
_exptl_crystal.density_meas                 ? 
_exptl_crystal.density_meas_esd             ? 
_exptl_crystal.density_meas_gt              ? 
_exptl_crystal.density_meas_lt              ? 
_exptl_crystal.density_meas_temp            ? 
_exptl_crystal.density_meas_temp_esd        ? 
_exptl_crystal.density_meas_temp_gt         ? 
_exptl_crystal.density_meas_temp_lt         ? 
_exptl_crystal.pdbx_crystal_image_url       ? 
_exptl_crystal.pdbx_crystal_image_format    ? 
_exptl_crystal.pdbx_mosaicity               ? 
_exptl_crystal.pdbx_mosaicity_esd           ? 
_exptl_crystal.pdbx_mosaic_method           ? 
_exptl_crystal.pdbx_mosaic_block_size       ? 
_exptl_crystal.pdbx_mosaic_block_size_esd   ? 
# 
_exptl_crystal_grow.apparatus       ? 
_exptl_crystal_grow.atmosphere      ? 
_exptl_crystal_grow.crystal_id      1 
_exptl_crystal_grow.details         ? 
_exptl_crystal_grow.method          'VAPOR DIFFUSION, HANGING DROP' 
_exptl_crystal_grow.method_ref      ? 
_exptl_crystal_grow.pH              6 
_exptl_crystal_grow.pressure        ? 
_exptl_crystal_grow.pressure_esd    ? 
_exptl_crystal_grow.seeding         ? 
_exptl_crystal_grow.seeding_ref     ? 
_exptl_crystal_grow.temp_details    ? 
_exptl_crystal_grow.temp_esd        ? 
_exptl_crystal_grow.time            ? 
_exptl_crystal_grow.pdbx_details    
;Protein incubated with 2 mM coenzyme A.
Precipitant:  23-26% pentaerythritol ethoxylate (3/4 EO/OH), 100 mM MES (pH 6)
;
_exptl_crystal_grow.pdbx_pH_range   ? 
_exptl_crystal_grow.temp            293 
# 
_diffrn.ambient_environment              ? 
_diffrn.ambient_temp                     100 
_diffrn.ambient_temp_details             ? 
_diffrn.ambient_temp_esd                 ? 
_diffrn.crystal_id                       1 
_diffrn.crystal_support                  ? 
_diffrn.crystal_treatment                ? 
_diffrn.details                          ? 
_diffrn.id                               1 
_diffrn.ambient_pressure                 ? 
_diffrn.ambient_pressure_esd             ? 
_diffrn.ambient_pressure_gt              ? 
_diffrn.ambient_pressure_lt              ? 
_diffrn.ambient_temp_gt                  ? 
_diffrn.ambient_temp_lt                  ? 
_diffrn.pdbx_serial_crystal_experiment   N 
# 
_diffrn_detector.details                      ? 
_diffrn_detector.detector                     CCD 
_diffrn_detector.diffrn_id                    1 
_diffrn_detector.type                         'ADSC QUANTUM 270' 
_diffrn_detector.area_resol_mean              ? 
_diffrn_detector.dtime                        ? 
_diffrn_detector.pdbx_frames_total            ? 
_diffrn_detector.pdbx_collection_time_total   ? 
_diffrn_detector.pdbx_collection_date         2019-08-09 
_diffrn_detector.pdbx_frequency               ? 
_diffrn_detector.id                           ? 
_diffrn_detector.number_of_axes               ? 
# 
_diffrn_radiation.collimation                      ? 
_diffrn_radiation.diffrn_id                        1 
_diffrn_radiation.filter_edge                      ? 
_diffrn_radiation.inhomogeneity                    ? 
_diffrn_radiation.monochromator                    ? 
_diffrn_radiation.polarisn_norm                    ? 
_diffrn_radiation.polarisn_ratio                   ? 
_diffrn_radiation.probe                            ? 
_diffrn_radiation.type                             ? 
_diffrn_radiation.xray_symbol                      ? 
_diffrn_radiation.wavelength_id                    1 
_diffrn_radiation.pdbx_monochromatic_or_laue_m_l   M 
_diffrn_radiation.pdbx_wavelength_list             ? 
_diffrn_radiation.pdbx_wavelength                  ? 
_diffrn_radiation.pdbx_diffrn_protocol             'SINGLE WAVELENGTH' 
_diffrn_radiation.pdbx_analyzer                    ? 
_diffrn_radiation.pdbx_scattering_type             x-ray 
# 
_diffrn_radiation_wavelength.id           1 
_diffrn_radiation_wavelength.wavelength   0.9792 
_diffrn_radiation_wavelength.wt           1.0 
# 
_diffrn_source.current                     ? 
_diffrn_source.details                     ? 
_diffrn_source.diffrn_id                   1 
_diffrn_source.power                       ? 
_diffrn_source.size                        ? 
_diffrn_source.source                      SYNCHROTRON 
_diffrn_source.target                      ? 
_diffrn_source.type                        'APS BEAMLINE 19-BM' 
_diffrn_source.voltage                     ? 
_diffrn_source.take-off_angle              ? 
_diffrn_source.pdbx_wavelength_list        0.9792 
_diffrn_source.pdbx_wavelength             ? 
_diffrn_source.pdbx_synchrotron_beamline   19-BM 
_diffrn_source.pdbx_synchrotron_site       APS 
# 
_reflns.B_iso_Wilson_estimate                          ? 
_reflns.entry_id                                       8VR6 
_reflns.data_reduction_details                         ? 
_reflns.data_reduction_method                          ? 
_reflns.d_resolution_high                              1.9 
_reflns.d_resolution_low                               50 
_reflns.details                                        ? 
_reflns.limit_h_max                                    ? 
_reflns.limit_h_min                                    ? 
_reflns.limit_k_max                                    ? 
_reflns.limit_k_min                                    ? 
_reflns.limit_l_max                                    ? 
_reflns.limit_l_min                                    ? 
_reflns.number_all                                     ? 
_reflns.number_obs                                     19728 
_reflns.observed_criterion                             ? 
_reflns.observed_criterion_F_max                       ? 
_reflns.observed_criterion_F_min                       ? 
_reflns.observed_criterion_I_max                       ? 
_reflns.observed_criterion_I_min                       ? 
_reflns.observed_criterion_sigma_F                     0 
_reflns.observed_criterion_sigma_I                     0 
_reflns.percent_possible_obs                           98.3 
_reflns.R_free_details                                 ? 
_reflns.Rmerge_F_all                                   ? 
_reflns.Rmerge_F_obs                                   ? 
_reflns.Friedel_coverage                               ? 
_reflns.number_gt                                      ? 
_reflns.threshold_expression                           ? 
_reflns.pdbx_redundancy                                8.5 
_reflns.pdbx_netI_over_av_sigmaI                       ? 
_reflns.pdbx_netI_over_sigmaI                          52.0 
_reflns.pdbx_res_netI_over_av_sigmaI_2                 ? 
_reflns.pdbx_res_netI_over_sigmaI_2                    ? 
_reflns.pdbx_chi_squared                               ? 
_reflns.pdbx_scaling_rejects                           ? 
_reflns.pdbx_d_res_high_opt                            ? 
_reflns.pdbx_d_res_low_opt                             ? 
_reflns.pdbx_d_res_opt_method                          ? 
_reflns.phase_calculation_details                      ? 
_reflns.pdbx_Rrim_I_all                                ? 
_reflns.pdbx_Rpim_I_all                                ? 
_reflns.pdbx_d_opt                                     ? 
_reflns.pdbx_number_measured_all                       ? 
_reflns.pdbx_diffrn_id                                 1 
_reflns.pdbx_ordinal                                   1 
_reflns.pdbx_CC_half                                   ? 
_reflns.pdbx_CC_star                                   ? 
_reflns.pdbx_R_split                                   ? 
_reflns.pdbx_Rmerge_I_obs                              ? 
_reflns.pdbx_Rmerge_I_all                              ? 
_reflns.pdbx_Rsym_value                                0.079 
_reflns.pdbx_CC_split_method                           ? 
_reflns.pdbx_aniso_diffraction_limit_axis_1_ortho[1]   ? 
_reflns.pdbx_aniso_diffraction_limit_axis_1_ortho[2]   ? 
_reflns.pdbx_aniso_diffraction_limit_axis_1_ortho[3]   ? 
_reflns.pdbx_aniso_diffraction_limit_axis_2_ortho[1]   ? 
_reflns.pdbx_aniso_diffraction_limit_axis_2_ortho[2]   ? 
_reflns.pdbx_aniso_diffraction_limit_axis_2_ortho[3]   ? 
_reflns.pdbx_aniso_diffraction_limit_axis_3_ortho[1]   ? 
_reflns.pdbx_aniso_diffraction_limit_axis_3_ortho[2]   ? 
_reflns.pdbx_aniso_diffraction_limit_axis_3_ortho[3]   ? 
_reflns.pdbx_aniso_diffraction_limit_1                 ? 
_reflns.pdbx_aniso_diffraction_limit_2                 ? 
_reflns.pdbx_aniso_diffraction_limit_3                 ? 
_reflns.pdbx_aniso_B_tensor_eigenvector_1_ortho[1]     ? 
_reflns.pdbx_aniso_B_tensor_eigenvector_1_ortho[2]     ? 
_reflns.pdbx_aniso_B_tensor_eigenvector_1_ortho[3]     ? 
_reflns.pdbx_aniso_B_tensor_eigenvector_2_ortho[1]     ? 
_reflns.pdbx_aniso_B_tensor_eigenvector_2_ortho[2]     ? 
_reflns.pdbx_aniso_B_tensor_eigenvector_2_ortho[3]     ? 
_reflns.pdbx_aniso_B_tensor_eigenvector_3_ortho[1]     ? 
_reflns.pdbx_aniso_B_tensor_eigenvector_3_ortho[2]     ? 
_reflns.pdbx_aniso_B_tensor_eigenvector_3_ortho[3]     ? 
_reflns.pdbx_aniso_B_tensor_eigenvalue_1               ? 
_reflns.pdbx_aniso_B_tensor_eigenvalue_2               ? 
_reflns.pdbx_aniso_B_tensor_eigenvalue_3               ? 
_reflns.pdbx_orthogonalization_convention              ? 
_reflns.pdbx_percent_possible_ellipsoidal              ? 
_reflns.pdbx_percent_possible_spherical                ? 
_reflns.pdbx_percent_possible_ellipsoidal_anomalous    ? 
_reflns.pdbx_percent_possible_spherical_anomalous      ? 
_reflns.pdbx_redundancy_anomalous                      ? 
_reflns.pdbx_CC_half_anomalous                         ? 
_reflns.pdbx_absDiff_over_sigma_anomalous              ? 
_reflns.pdbx_percent_possible_anomalous                ? 
_reflns.pdbx_observed_signal_threshold                 ? 
_reflns.pdbx_signal_type                               ? 
_reflns.pdbx_signal_details                            ? 
_reflns.pdbx_signal_software_id                        ? 
# 
_reflns_shell.d_res_high                                    1.9 
_reflns_shell.d_res_low                                     1.93 
_reflns_shell.meanI_over_sigI_all                           ? 
_reflns_shell.meanI_over_sigI_obs                           ? 
_reflns_shell.number_measured_all                           ? 
_reflns_shell.number_measured_obs                           ? 
_reflns_shell.number_possible                               ? 
_reflns_shell.number_unique_all                             ? 
_reflns_shell.number_unique_obs                             973 
_reflns_shell.percent_possible_obs                          ? 
_reflns_shell.Rmerge_F_all                                  ? 
_reflns_shell.Rmerge_F_obs                                  ? 
_reflns_shell.meanI_over_sigI_gt                            ? 
_reflns_shell.meanI_over_uI_all                             ? 
_reflns_shell.meanI_over_uI_gt                              ? 
_reflns_shell.number_measured_gt                            ? 
_reflns_shell.number_unique_gt                              ? 
_reflns_shell.percent_possible_gt                           ? 
_reflns_shell.Rmerge_F_gt                                   ? 
_reflns_shell.Rmerge_I_gt                                   ? 
_reflns_shell.pdbx_redundancy                               4.9 
_reflns_shell.pdbx_chi_squared                              ? 
_reflns_shell.pdbx_netI_over_sigmaI_all                     ? 
_reflns_shell.pdbx_netI_over_sigmaI_obs                     ? 
_reflns_shell.pdbx_Rrim_I_all                               ? 
_reflns_shell.pdbx_Rpim_I_all                               ? 
_reflns_shell.pdbx_rejects                                  ? 
_reflns_shell.pdbx_ordinal                                  1 
_reflns_shell.pdbx_diffrn_id                                1 
_reflns_shell.pdbx_CC_half                                  ? 
_reflns_shell.pdbx_CC_star                                  ? 
_reflns_shell.pdbx_R_split                                  2.1 
_reflns_shell.percent_possible_all                          97.9 
_reflns_shell.Rmerge_I_all                                  ? 
_reflns_shell.Rmerge_I_obs                                  ? 
_reflns_shell.pdbx_Rsym_value                               0.47 
_reflns_shell.pdbx_percent_possible_ellipsoidal             ? 
_reflns_shell.pdbx_percent_possible_spherical               ? 
_reflns_shell.pdbx_percent_possible_ellipsoidal_anomalous   ? 
_reflns_shell.pdbx_percent_possible_spherical_anomalous     ? 
_reflns_shell.pdbx_redundancy_anomalous                     ? 
_reflns_shell.pdbx_CC_half_anomalous                        ? 
_reflns_shell.pdbx_absDiff_over_sigma_anomalous             ? 
_reflns_shell.pdbx_percent_possible_anomalous               ? 
# 
_refine.aniso_B[1][1]                            0.00 
_refine.aniso_B[1][2]                            0.00 
_refine.aniso_B[1][3]                            0.00 
_refine.aniso_B[2][2]                            0.00 
_refine.aniso_B[2][3]                            0.00 
_refine.aniso_B[3][3]                            0.00 
_refine.B_iso_max                                ? 
_refine.B_iso_mean                               52.283 
_refine.B_iso_min                                ? 
_refine.correlation_coeff_Fo_to_Fc               0.967 
_refine.correlation_coeff_Fo_to_Fc_free          0.951 
_refine.details                                  'HYDROGENS HAVE BEEN ADDED IN THE RIDING POSITIONS' 
_refine.diff_density_max                         ? 
_refine.diff_density_max_esd                     ? 
_refine.diff_density_min                         ? 
_refine.diff_density_min_esd                     ? 
_refine.diff_density_rms                         ? 
_refine.diff_density_rms_esd                     ? 
_refine.entry_id                                 8VR6 
_refine.pdbx_refine_id                           'X-RAY DIFFRACTION' 
_refine.ls_abs_structure_details                 ? 
_refine.ls_abs_structure_Flack                   ? 
_refine.ls_abs_structure_Flack_esd               ? 
_refine.ls_abs_structure_Rogers                  ? 
_refine.ls_abs_structure_Rogers_esd              ? 
_refine.ls_d_res_high                            1.90 
_refine.ls_d_res_low                             40.62 
_refine.ls_extinction_coef                       ? 
_refine.ls_extinction_coef_esd                   ? 
_refine.ls_extinction_expression                 ? 
_refine.ls_extinction_method                     ? 
_refine.ls_goodness_of_fit_all                   ? 
_refine.ls_goodness_of_fit_all_esd               ? 
_refine.ls_goodness_of_fit_obs                   ? 
_refine.ls_goodness_of_fit_obs_esd               ? 
_refine.ls_hydrogen_treatment                    ? 
_refine.ls_matrix_type                           ? 
_refine.ls_number_constraints                    ? 
_refine.ls_number_parameters                     ? 
_refine.ls_number_reflns_all                     ? 
_refine.ls_number_reflns_obs                     18711 
_refine.ls_number_reflns_R_free                  1017 
_refine.ls_number_reflns_R_work                  ? 
_refine.ls_number_restraints                     ? 
_refine.ls_percent_reflns_obs                    98.28 
_refine.ls_percent_reflns_R_free                 5.2 
_refine.ls_R_factor_all                          ? 
_refine.ls_R_factor_obs                          0.20459 
_refine.ls_R_factor_R_free                       0.24211 
_refine.ls_R_factor_R_free_error                 ? 
_refine.ls_R_factor_R_free_error_details         ? 
_refine.ls_R_factor_R_work                       0.20242 
_refine.ls_R_Fsqd_factor_obs                     ? 
_refine.ls_R_I_factor_obs                        ? 
_refine.ls_redundancy_reflns_all                 ? 
_refine.ls_redundancy_reflns_obs                 ? 
_refine.ls_restrained_S_all                      ? 
_refine.ls_restrained_S_obs                      ? 
_refine.ls_shift_over_esd_max                    ? 
_refine.ls_shift_over_esd_mean                   ? 
_refine.ls_structure_factor_coef                 ? 
_refine.ls_weighting_details                     ? 
_refine.ls_weighting_scheme                      ? 
_refine.ls_wR_factor_all                         ? 
_refine.ls_wR_factor_obs                         ? 
_refine.ls_wR_factor_R_free                      ? 
_refine.ls_wR_factor_R_work                      ? 
_refine.occupancy_max                            ? 
_refine.occupancy_min                            ? 
_refine.solvent_model_details                    MASK 
_refine.solvent_model_param_bsol                 ? 
_refine.solvent_model_param_ksol                 ? 
_refine.pdbx_R_complete                          ? 
_refine.ls_R_factor_gt                           ? 
_refine.ls_goodness_of_fit_gt                    ? 
_refine.ls_goodness_of_fit_ref                   ? 
_refine.ls_shift_over_su_max                     ? 
_refine.ls_shift_over_su_max_lt                  ? 
_refine.ls_shift_over_su_mean                    ? 
_refine.ls_shift_over_su_mean_lt                 ? 
_refine.pdbx_ls_sigma_I                          ? 
_refine.pdbx_ls_sigma_F                          ? 
_refine.pdbx_ls_sigma_Fsqd                       ? 
_refine.pdbx_data_cutoff_high_absF               ? 
_refine.pdbx_data_cutoff_high_rms_absF           ? 
_refine.pdbx_data_cutoff_low_absF                ? 
_refine.pdbx_isotropic_thermal_model             ? 
_refine.pdbx_ls_cross_valid_method               THROUGHOUT 
_refine.pdbx_method_to_determine_struct          SAD 
_refine.pdbx_starting_model                      ? 
_refine.pdbx_stereochemistry_target_values       'MAXIMUM LIKELIHOOD' 
_refine.pdbx_R_Free_selection_details            RANDOM 
_refine.pdbx_stereochem_target_val_spec_case     ? 
_refine.pdbx_overall_ESU_R                       0.135 
_refine.pdbx_overall_ESU_R_Free                  0.133 
_refine.pdbx_solvent_vdw_probe_radii             1.20 
_refine.pdbx_solvent_ion_probe_radii             0.80 
_refine.pdbx_solvent_shrinkage_radii             0.80 
_refine.pdbx_real_space_R                        ? 
_refine.pdbx_density_correlation                 ? 
_refine.pdbx_pd_number_of_powder_patterns        ? 
_refine.pdbx_pd_number_of_points                 ? 
_refine.pdbx_pd_meas_number_of_points            ? 
_refine.pdbx_pd_proc_ls_prof_R_factor            ? 
_refine.pdbx_pd_proc_ls_prof_wR_factor           ? 
_refine.pdbx_pd_Marquardt_correlation_coeff      ? 
_refine.pdbx_pd_Fsqrd_R_factor                   ? 
_refine.pdbx_pd_ls_matrix_band_width             ? 
_refine.pdbx_overall_phase_error                 ? 
_refine.pdbx_overall_SU_R_free_Cruickshank_DPI   ? 
_refine.pdbx_overall_SU_R_free_Blow_DPI          ? 
_refine.pdbx_overall_SU_R_Blow_DPI               ? 
_refine.pdbx_TLS_residual_ADP_flag               ? 
_refine.pdbx_diffrn_id                           1 
_refine.overall_SU_B                             4.305 
_refine.overall_SU_ML                            0.118 
_refine.overall_SU_R_Cruickshank_DPI             ? 
_refine.overall_SU_R_free                        ? 
_refine.overall_FOM_free_R_set                   ? 
_refine.overall_FOM_work_R_set                   ? 
_refine.pdbx_average_fsc_overall                 ? 
_refine.pdbx_average_fsc_work                    ? 
_refine.pdbx_average_fsc_free                    ? 
# 
_refine_hist.pdbx_refine_id                   'X-RAY DIFFRACTION' 
_refine_hist.cycle_id                         1 
_refine_hist.details                          ? 
_refine_hist.d_res_high                       1.90 
_refine_hist.d_res_low                        40.62 
_refine_hist.number_atoms_solvent             62 
_refine_hist.number_atoms_total               1497 
_refine_hist.number_reflns_all                ? 
_refine_hist.number_reflns_obs                ? 
_refine_hist.number_reflns_R_free             ? 
_refine_hist.number_reflns_R_work             ? 
_refine_hist.R_factor_all                     ? 
_refine_hist.R_factor_obs                     ? 
_refine_hist.R_factor_R_free                  ? 
_refine_hist.R_factor_R_work                  ? 
_refine_hist.pdbx_number_residues_total       ? 
_refine_hist.pdbx_B_iso_mean_ligand           ? 
_refine_hist.pdbx_B_iso_mean_solvent          ? 
_refine_hist.pdbx_number_atoms_protein        1339 
_refine_hist.pdbx_number_atoms_nucleic_acid   0 
_refine_hist.pdbx_number_atoms_ligand         96 
_refine_hist.pdbx_number_atoms_lipid          ? 
_refine_hist.pdbx_number_atoms_carb           ? 
_refine_hist.pdbx_pseudo_atom_details         ? 
# 
loop_
_refine_ls_restr.pdbx_refine_id 
_refine_ls_restr.criterion 
_refine_ls_restr.dev_ideal 
_refine_ls_restr.dev_ideal_target 
_refine_ls_restr.number 
_refine_ls_restr.rejects 
_refine_ls_restr.type 
_refine_ls_restr.weight 
_refine_ls_restr.pdbx_restraint_function 
'X-RAY DIFFRACTION' ? 0.007  0.012  1462 ? r_bond_refined_d             ? ? 
'X-RAY DIFFRACTION' ? 0.001  0.016  1401 ? r_bond_other_d               ? ? 
'X-RAY DIFFRACTION' ? 1.490  1.650  1990 ? r_angle_refined_deg          ? ? 
'X-RAY DIFFRACTION' ? 0.507  1.575  3237 ? r_angle_other_deg            ? ? 
'X-RAY DIFFRACTION' ? 6.851  5.000  176  ? r_dihedral_angle_1_deg       ? ? 
'X-RAY DIFFRACTION' ? 20.488 5.000  10   ? r_dihedral_angle_2_deg       ? ? 
'X-RAY DIFFRACTION' ? 14.953 10.000 245  ? r_dihedral_angle_3_deg       ? ? 
'X-RAY DIFFRACTION' ? ?      ?      ?    ? r_dihedral_angle_4_deg       ? ? 
'X-RAY DIFFRACTION' ? 0.066  0.200  233  ? r_chiral_restr               ? ? 
'X-RAY DIFFRACTION' ? 0.008  0.020  1600 ? r_gen_planes_refined         ? ? 
'X-RAY DIFFRACTION' ? 0.001  0.020  298  ? r_gen_planes_other           ? ? 
'X-RAY DIFFRACTION' ? ?      ?      ?    ? r_nbd_refined                ? ? 
'X-RAY DIFFRACTION' ? ?      ?      ?    ? r_nbd_other                  ? ? 
'X-RAY DIFFRACTION' ? ?      ?      ?    ? r_nbtor_refined              ? ? 
'X-RAY DIFFRACTION' ? ?      ?      ?    ? r_nbtor_other                ? ? 
'X-RAY DIFFRACTION' ? ?      ?      ?    ? r_xyhbond_nbd_refined        ? ? 
'X-RAY DIFFRACTION' ? ?      ?      ?    ? r_xyhbond_nbd_other          ? ? 
'X-RAY DIFFRACTION' ? ?      ?      ?    ? r_metal_ion_refined          ? ? 
'X-RAY DIFFRACTION' ? ?      ?      ?    ? r_metal_ion_other            ? ? 
'X-RAY DIFFRACTION' ? ?      ?      ?    ? r_symmetry_vdw_refined       ? ? 
'X-RAY DIFFRACTION' ? ?      ?      ?    ? r_symmetry_vdw_other         ? ? 
'X-RAY DIFFRACTION' ? ?      ?      ?    ? r_symmetry_hbond_refined     ? ? 
'X-RAY DIFFRACTION' ? ?      ?      ?    ? r_symmetry_hbond_other       ? ? 
'X-RAY DIFFRACTION' ? ?      ?      ?    ? r_symmetry_metal_ion_refined ? ? 
'X-RAY DIFFRACTION' ? ?      ?      ?    ? r_symmetry_metal_ion_other   ? ? 
'X-RAY DIFFRACTION' ? 4.218  5.081  707  ? r_mcbond_it                  ? ? 
'X-RAY DIFFRACTION' ? 4.214  5.082  707  ? r_mcbond_other               ? ? 
'X-RAY DIFFRACTION' ? 5.040  9.083  882  ? r_mcangle_it                 ? ? 
'X-RAY DIFFRACTION' ? 5.038  9.090  883  ? r_mcangle_other              ? ? 
'X-RAY DIFFRACTION' ? 5.756  5.768  755  ? r_scbond_it                  ? ? 
'X-RAY DIFFRACTION' ? 5.753  5.770  756  ? r_scbond_other               ? ? 
'X-RAY DIFFRACTION' ? ?      ?      ?    ? r_scangle_it                 ? ? 
'X-RAY DIFFRACTION' ? 8.055  10.421 1109 ? r_scangle_other              ? ? 
'X-RAY DIFFRACTION' ? 9.247  58.79  1656 ? r_long_range_B_refined       ? ? 
'X-RAY DIFFRACTION' ? 9.267  58.90  1645 ? r_long_range_B_other         ? ? 
'X-RAY DIFFRACTION' ? ?      ?      ?    ? r_rigid_bond_restr           ? ? 
'X-RAY DIFFRACTION' ? ?      ?      ?    ? r_sphericity_free            ? ? 
'X-RAY DIFFRACTION' ? ?      ?      ?    ? r_sphericity_bonded          ? ? 
# 
_refine_ls_shell.pdbx_refine_id                   'X-RAY DIFFRACTION' 
_refine_ls_shell.d_res_high                       1.9 
_refine_ls_shell.d_res_low                        1.948 
_refine_ls_shell.number_reflns_all                ? 
_refine_ls_shell.number_reflns_obs                ? 
_refine_ls_shell.number_reflns_R_free             76 
_refine_ls_shell.number_reflns_R_work             1347 
_refine_ls_shell.percent_reflns_obs               97.40 
_refine_ls_shell.percent_reflns_R_free            ? 
_refine_ls_shell.R_factor_all                     ? 
_refine_ls_shell.R_factor_obs                     ? 
_refine_ls_shell.R_factor_R_free_error            ? 
_refine_ls_shell.R_factor_R_work                  0.409 
_refine_ls_shell.redundancy_reflns_all            ? 
_refine_ls_shell.redundancy_reflns_obs            ? 
_refine_ls_shell.wR_factor_all                    ? 
_refine_ls_shell.wR_factor_obs                    ? 
_refine_ls_shell.wR_factor_R_free                 ? 
_refine_ls_shell.wR_factor_R_work                 ? 
_refine_ls_shell.pdbx_R_complete                  ? 
_refine_ls_shell.pdbx_total_number_of_bins_used   ? 
_refine_ls_shell.pdbx_phase_error                 ? 
_refine_ls_shell.pdbx_fsc_work                    ? 
_refine_ls_shell.pdbx_fsc_free                    ? 
_refine_ls_shell.R_factor_R_free                  0.395 
# 
_struct.entry_id                     8VR6 
_struct.title                        
'crystal structure of the Pcryo_0619 N-acetryltransferase from Psychrobacter cryohalolentis K5 in the presence of CoA-disulfide' 
_struct.pdbx_model_details           ? 
_struct.pdbx_formula_weight          ? 
_struct.pdbx_formula_weight_method   ? 
_struct.pdbx_model_type_details      ? 
_struct.pdbx_CASP_flag               N 
# 
_struct_keywords.entry_id        8VR6 
_struct_keywords.text            'psychrobacter, n-acetyltransferase, 2, 3, 4-triacetoamido-2, 4-trideoxy-l-arabinose, TRANSFERASE' 
_struct_keywords.pdbx_keywords   TRANSFERASE 
# 
loop_
_struct_asym.id 
_struct_asym.pdbx_blank_PDB_chainid_flag 
_struct_asym.pdbx_modified 
_struct_asym.entity_id 
_struct_asym.details 
A N N 1 ? 
B N N 2 ? 
C N N 3 ? 
# 
_struct_ref.id                         1 
_struct_ref.db_name                    UNP 
_struct_ref.db_code                    Q1QD51_PSYCK 
_struct_ref.pdbx_db_accession          Q1QD51 
_struct_ref.pdbx_db_isoform            ? 
_struct_ref.entity_id                  1 
_struct_ref.pdbx_seq_one_letter_code   
;MILLKELKELFFLRTTYYLKKYNRSLPFGDMIVDRWDKAKLLGFGEGTSIYDSSIVLGEVKVGKDTWIGPNTILDGSGGG
LIIGSNCSISAGVQIYTHDTVRKSLSGGKADIDKASTRIGSDCYLGPNTIIVKGVKIGDRVVVGANSLVLKDIPSDCKVF
GSPAVIITDSLNYQRNNI
;
_struct_ref.pdbx_align_begin           0 
# 
_struct_ref_seq.align_id                      1 
_struct_ref_seq.ref_id                        1 
_struct_ref_seq.pdbx_PDB_id_code              8VR6 
_struct_ref_seq.pdbx_strand_id                A 
_struct_ref_seq.seq_align_beg                 5 
_struct_ref_seq.pdbx_seq_align_beg_ins_code   ? 
_struct_ref_seq.seq_align_end                 182 
_struct_ref_seq.pdbx_seq_align_end_ins_code   ? 
_struct_ref_seq.pdbx_db_accession             Q1QD51 
_struct_ref_seq.db_align_beg                  1 
_struct_ref_seq.pdbx_db_align_beg_ins_code    ? 
_struct_ref_seq.db_align_end                  178 
_struct_ref_seq.pdbx_db_align_end_ins_code    ? 
_struct_ref_seq.pdbx_auth_seq_align_beg       1 
_struct_ref_seq.pdbx_auth_seq_align_end       178 
# 
loop_
_struct_ref_seq_dif.align_id 
_struct_ref_seq_dif.pdbx_pdb_id_code 
_struct_ref_seq_dif.mon_id 
_struct_ref_seq_dif.pdbx_pdb_strand_id 
_struct_ref_seq_dif.seq_num 
_struct_ref_seq_dif.pdbx_pdb_ins_code 
_struct_ref_seq_dif.pdbx_seq_db_name 
_struct_ref_seq_dif.pdbx_seq_db_accession_code 
_struct_ref_seq_dif.db_mon_id 
_struct_ref_seq_dif.pdbx_seq_db_seq_num 
_struct_ref_seq_dif.details 
_struct_ref_seq_dif.pdbx_auth_seq_num 
_struct_ref_seq_dif.pdbx_ordinal 
1 8VR6 GLY A 1 ? UNP Q1QD51 ? ? 'expression tag' -3 1 
1 8VR6 GLY A 2 ? UNP Q1QD51 ? ? 'expression tag' -2 2 
1 8VR6 GLY A 3 ? UNP Q1QD51 ? ? 'expression tag' -1 3 
1 8VR6 HIS A 4 ? UNP Q1QD51 ? ? 'expression tag' 0  4 
# 
_pdbx_struct_assembly.id                   1 
_pdbx_struct_assembly.details              author_and_software_defined_assembly 
_pdbx_struct_assembly.method_details       PISA 
_pdbx_struct_assembly.oligomeric_details   trimeric 
_pdbx_struct_assembly.oligomeric_count     3 
# 
loop_
_pdbx_struct_assembly_prop.biol_id 
_pdbx_struct_assembly_prop.type 
_pdbx_struct_assembly_prop.value 
_pdbx_struct_assembly_prop.details 
1 'ABSA (A^2)' 12390 ? 
1 MORE         -68   ? 
1 'SSA (A^2)'  20240 ? 
# 
_pdbx_struct_assembly_gen.assembly_id       1 
_pdbx_struct_assembly_gen.oper_expression   1,2,3 
_pdbx_struct_assembly_gen.asym_id_list      A,B,C 
# 
loop_
_pdbx_struct_oper_list.id 
_pdbx_struct_oper_list.type 
_pdbx_struct_oper_list.name 
_pdbx_struct_oper_list.symmetry_operation 
_pdbx_struct_oper_list.matrix[1][1] 
_pdbx_struct_oper_list.matrix[1][2] 
_pdbx_struct_oper_list.matrix[1][3] 
_pdbx_struct_oper_list.vector[1] 
_pdbx_struct_oper_list.matrix[2][1] 
_pdbx_struct_oper_list.matrix[2][2] 
_pdbx_struct_oper_list.matrix[2][3] 
_pdbx_struct_oper_list.vector[2] 
_pdbx_struct_oper_list.matrix[3][1] 
_pdbx_struct_oper_list.matrix[3][2] 
_pdbx_struct_oper_list.matrix[3][3] 
_pdbx_struct_oper_list.vector[3] 
1 'identity operation'         1_555  x,y,z           1.0000000000 0.0000000000  0.0000000000  0.0000000000  0.0000000000  1.0000000000  0.0000000000  0.0000000000   0.0000000000  0.0000000000  1.0000000000  0.0000000000   
2 'crystal symmetry operation' 6_445  z-1/2,-x-1/2,-y 0.4347439315 0.8173803368  -0.3780040992 1.5709639928  -0.1125572990 -0.3671359348 -0.9233320420 -17.8720692601 -0.8934923438 0.4439601225  -0.0676079967 -7.5971490784  
3 'crystal symmetry operation' 12_455 -y-1/2,-z,x+1/2 0.4347439315 -0.1125572990 -0.8934923438 -9.4825934429 0.8173803368  -0.3671359348 0.4439601225  -4.4727226972  -0.3780040992 -0.9233320420 -0.0676079967 -16.4216514058 
# 
loop_
_struct_conf.conf_type_id 
_struct_conf.id 
_struct_conf.pdbx_PDB_helix_id 
_struct_conf.beg_label_comp_id 
_struct_conf.beg_label_asym_id 
_struct_conf.beg_label_seq_id 
_struct_conf.pdbx_beg_PDB_ins_code 
_struct_conf.end_label_comp_id 
_struct_conf.end_label_asym_id 
_struct_conf.end_label_seq_id 
_struct_conf.pdbx_end_PDB_ins_code 
_struct_conf.beg_auth_comp_id 
_struct_conf.beg_auth_asym_id 
_struct_conf.beg_auth_seq_id 
_struct_conf.end_auth_comp_id 
_struct_conf.end_auth_asym_id 
_struct_conf.end_auth_seq_id 
_struct_conf.pdbx_PDB_helix_class 
_struct_conf.details 
_struct_conf.pdbx_PDB_helix_length 
HELX_P HELX_P1 AA1 HIS A 4   ? ASN A 27  ? HIS A 0   ASN A 23  1 ? 24 
HELX_P HELX_P2 AA2 PRO A 31  ? VAL A 37  ? PRO A 27  VAL A 33  1 ? 7  
HELX_P HELX_P3 AA3 ASP A 38  ? LEU A 46  ? ASP A 34  LEU A 42  1 ? 9  
HELX_P HELX_P4 AA4 THR A 104 ? SER A 110 ? THR A 100 SER A 106 1 ? 7  
HELX_P HELX_P5 AA5 LEU A 175 ? ARG A 179 ? LEU A 171 ARG A 175 5 ? 5  
# 
_struct_conf_type.id          HELX_P 
_struct_conf_type.criteria    ? 
_struct_conf_type.reference   ? 
# 
_struct_mon_prot_cis.pdbx_id                1 
_struct_mon_prot_cis.label_comp_id          SER 
_struct_mon_prot_cis.label_seq_id           166 
_struct_mon_prot_cis.label_asym_id          A 
_struct_mon_prot_cis.label_alt_id           . 
_struct_mon_prot_cis.pdbx_PDB_ins_code      ? 
_struct_mon_prot_cis.auth_comp_id           SER 
_struct_mon_prot_cis.auth_seq_id            162 
_struct_mon_prot_cis.auth_asym_id           A 
_struct_mon_prot_cis.pdbx_label_comp_id_2   PRO 
_struct_mon_prot_cis.pdbx_label_seq_id_2    167 
_struct_mon_prot_cis.pdbx_label_asym_id_2   A 
_struct_mon_prot_cis.pdbx_PDB_ins_code_2    ? 
_struct_mon_prot_cis.pdbx_auth_comp_id_2    PRO 
_struct_mon_prot_cis.pdbx_auth_seq_id_2     163 
_struct_mon_prot_cis.pdbx_auth_asym_id_2    A 
_struct_mon_prot_cis.pdbx_PDB_model_num     1 
_struct_mon_prot_cis.pdbx_omega_angle       2.25 
# 
loop_
_struct_sheet.id 
_struct_sheet.type 
_struct_sheet.number_strands 
_struct_sheet.details 
AA1 ? 7 ? 
AA2 ? 4 ? 
AA3 ? 5 ? 
AA4 ? 2 ? 
# 
loop_
_struct_sheet_order.sheet_id 
_struct_sheet_order.range_id_1 
_struct_sheet_order.range_id_2 
_struct_sheet_order.offset 
_struct_sheet_order.sense 
AA1 1 2 ? parallel      
AA1 2 3 ? parallel      
AA1 3 4 ? parallel      
AA1 4 5 ? parallel      
AA1 5 6 ? parallel      
AA1 6 7 ? anti-parallel 
AA2 1 2 ? parallel      
AA2 2 3 ? parallel      
AA2 3 4 ? parallel      
AA3 1 2 ? parallel      
AA3 2 3 ? parallel      
AA3 3 4 ? parallel      
AA3 4 5 ? parallel      
AA4 1 2 ? anti-parallel 
# 
loop_
_struct_sheet_range.sheet_id 
_struct_sheet_range.id 
_struct_sheet_range.beg_label_comp_id 
_struct_sheet_range.beg_label_asym_id 
_struct_sheet_range.beg_label_seq_id 
_struct_sheet_range.pdbx_beg_PDB_ins_code 
_struct_sheet_range.end_label_comp_id 
_struct_sheet_range.end_label_asym_id 
_struct_sheet_range.end_label_seq_id 
_struct_sheet_range.pdbx_end_PDB_ins_code 
_struct_sheet_range.beg_auth_comp_id 
_struct_sheet_range.beg_auth_asym_id 
_struct_sheet_range.beg_auth_seq_id 
_struct_sheet_range.end_auth_comp_id 
_struct_sheet_range.end_auth_asym_id 
_struct_sheet_range.end_auth_seq_id 
AA1 1 SER A 53  ? ILE A 54  ? SER A 49  ILE A 50  
AA1 2 TRP A 71  ? ILE A 72  ? TRP A 67  ILE A 68  
AA1 3 SER A 92  ? ILE A 93  ? SER A 88  ILE A 89  
AA1 4 TYR A 128 ? LEU A 129 ? TYR A 124 LEU A 125 
AA1 5 VAL A 146 ? VAL A 147 ? VAL A 142 VAL A 143 
AA1 6 CYS A 161 ? PHE A 164 ? CYS A 157 PHE A 160 
AA1 7 VAL A 169 ? ASP A 173 ? VAL A 165 ASP A 169 
AA2 1 ILE A 59  ? VAL A 66  ? ILE A 55  VAL A 62  
AA2 2 ILE A 77  ? ILE A 87  ? ILE A 73  ILE A 83  
AA2 3 THR A 121 ? ILE A 123 ? THR A 117 ILE A 119 
AA2 4 LYS A 140 ? ILE A 141 ? LYS A 136 ILE A 137 
AA3 1 ILE A 59  ? VAL A 66  ? ILE A 55  VAL A 62  
AA3 2 ILE A 77  ? ILE A 87  ? ILE A 73  ILE A 83  
AA3 3 GLN A 98  ? ILE A 99  ? GLN A 94  ILE A 95  
AA3 4 ILE A 134 ? ILE A 135 ? ILE A 130 ILE A 131 
AA3 5 LEU A 152 ? VAL A 153 ? LEU A 148 VAL A 149 
AA4 1 HIS A 102 ? ASP A 103 ? HIS A 98  ASP A 99  
AA4 2 ASP A 117 ? LYS A 118 ? ASP A 113 LYS A 114 
# 
loop_
_pdbx_struct_sheet_hbond.sheet_id 
_pdbx_struct_sheet_hbond.range_id_1 
_pdbx_struct_sheet_hbond.range_id_2 
_pdbx_struct_sheet_hbond.range_1_label_atom_id 
_pdbx_struct_sheet_hbond.range_1_label_comp_id 
_pdbx_struct_sheet_hbond.range_1_label_asym_id 
_pdbx_struct_sheet_hbond.range_1_label_seq_id 
_pdbx_struct_sheet_hbond.range_1_PDB_ins_code 
_pdbx_struct_sheet_hbond.range_1_auth_atom_id 
_pdbx_struct_sheet_hbond.range_1_auth_comp_id 
_pdbx_struct_sheet_hbond.range_1_auth_asym_id 
_pdbx_struct_sheet_hbond.range_1_auth_seq_id 
_pdbx_struct_sheet_hbond.range_2_label_atom_id 
_pdbx_struct_sheet_hbond.range_2_label_comp_id 
_pdbx_struct_sheet_hbond.range_2_label_asym_id 
_pdbx_struct_sheet_hbond.range_2_label_seq_id 
_pdbx_struct_sheet_hbond.range_2_PDB_ins_code 
_pdbx_struct_sheet_hbond.range_2_auth_atom_id 
_pdbx_struct_sheet_hbond.range_2_auth_comp_id 
_pdbx_struct_sheet_hbond.range_2_auth_asym_id 
_pdbx_struct_sheet_hbond.range_2_auth_seq_id 
AA1 1 2 N SER A 53  ? N SER A 49  O ILE A 72  ? O ILE A 68  
AA1 2 3 N TRP A 71  ? N TRP A 67  O ILE A 93  ? O ILE A 89  
AA1 3 4 N SER A 92  ? N SER A 88  O LEU A 129 ? O LEU A 125 
AA1 4 5 N TYR A 128 ? N TYR A 124 O VAL A 147 ? O VAL A 143 
AA1 5 6 N VAL A 146 ? N VAL A 142 O VAL A 163 ? O VAL A 159 
AA1 6 7 N LYS A 162 ? N LYS A 158 O ILE A 171 ? O ILE A 167 
AA2 1 2 N LEU A 61  ? N LEU A 57  O GLY A 80  ? O GLY A 76  
AA2 2 3 N ILE A 86  ? N ILE A 82  O ILE A 123 ? O ILE A 119 
AA2 3 4 N ARG A 122 ? N ARG A 118 O ILE A 141 ? O ILE A 137 
AA3 1 2 N LEU A 61  ? N LEU A 57  O GLY A 80  ? O GLY A 76  
AA3 2 3 N ILE A 77  ? N ILE A 73  O ILE A 99  ? O ILE A 95  
AA3 3 4 N GLN A 98  ? N GLN A 94  O ILE A 135 ? O ILE A 131 
AA3 4 5 N ILE A 134 ? N ILE A 130 O VAL A 153 ? O VAL A 149 
AA4 1 2 N ASP A 103 ? N ASP A 99  O ASP A 117 ? O ASP A 113 
# 
loop_
_pdbx_validate_torsion.id 
_pdbx_validate_torsion.PDB_model_num 
_pdbx_validate_torsion.auth_comp_id 
_pdbx_validate_torsion.auth_asym_id 
_pdbx_validate_torsion.auth_seq_id 
_pdbx_validate_torsion.PDB_ins_code 
_pdbx_validate_torsion.label_alt_id 
_pdbx_validate_torsion.phi 
_pdbx_validate_torsion.psi 
1 1 ASN A 23  ? ? 35.47   59.06   
2 1 ASP A 152 ? ? -48.81  151.65  
3 1 THR A 168 ? ? -173.41 -169.27 
4 1 ARG A 175 ? ? -65.52  -176.74 
# 
loop_
_pdbx_validate_planes.id 
_pdbx_validate_planes.PDB_model_num 
_pdbx_validate_planes.auth_comp_id 
_pdbx_validate_planes.auth_asym_id 
_pdbx_validate_planes.auth_seq_id 
_pdbx_validate_planes.PDB_ins_code 
_pdbx_validate_planes.label_alt_id 
_pdbx_validate_planes.rmsd 
_pdbx_validate_planes.type 
1 1 ARG A 14  ? ? 0.182 'SIDE CHAIN' 
2 1 ARG A 102 ? ? 0.101 'SIDE CHAIN' 
3 1 ARG A 140 ? ? 0.094 'SIDE CHAIN' 
# 
loop_
_pdbx_struct_special_symmetry.id 
_pdbx_struct_special_symmetry.PDB_model_num 
_pdbx_struct_special_symmetry.auth_asym_id 
_pdbx_struct_special_symmetry.auth_comp_id 
_pdbx_struct_special_symmetry.auth_seq_id 
_pdbx_struct_special_symmetry.PDB_ins_code 
_pdbx_struct_special_symmetry.label_asym_id 
_pdbx_struct_special_symmetry.label_comp_id 
_pdbx_struct_special_symmetry.label_seq_id 
1 1 A HOH 346 ? C HOH . 
2 1 A HOH 357 ? C HOH . 
3 1 A HOH 358 ? C HOH . 
# 
_pdbx_entry_details.entry_id                 8VR6 
_pdbx_entry_details.has_ligand_of_interest   Y 
_pdbx_entry_details.compound_details         ? 
_pdbx_entry_details.source_details           ? 
_pdbx_entry_details.nonpolymer_details       ? 
_pdbx_entry_details.sequence_details         ? 
# 
loop_
_pdbx_unobs_or_zero_occ_residues.id 
_pdbx_unobs_or_zero_occ_residues.PDB_model_num 
_pdbx_unobs_or_zero_occ_residues.polymer_flag 
_pdbx_unobs_or_zero_occ_residues.occupancy_flag 
_pdbx_unobs_or_zero_occ_residues.auth_asym_id 
_pdbx_unobs_or_zero_occ_residues.auth_comp_id 
_pdbx_unobs_or_zero_occ_residues.auth_seq_id 
_pdbx_unobs_or_zero_occ_residues.PDB_ins_code 
_pdbx_unobs_or_zero_occ_residues.label_asym_id 
_pdbx_unobs_or_zero_occ_residues.label_comp_id 
_pdbx_unobs_or_zero_occ_residues.label_seq_id 
1 1 Y 1 A GLY -3  ? A GLY 1   
2 1 Y 1 A GLY -2  ? A GLY 2   
3 1 Y 1 A GLY -1  ? A GLY 3   
4 1 Y 1 A ASN 177 ? A ASN 181 
5 1 Y 1 A ILE 178 ? A ILE 182 
# 
loop_
_chem_comp_atom.comp_id 
_chem_comp_atom.atom_id 
_chem_comp_atom.type_symbol 
_chem_comp_atom.pdbx_aromatic_flag 
_chem_comp_atom.pdbx_stereo_config 
_chem_comp_atom.pdbx_ordinal 
5NG C17  C N R 1   
5NG C20  C N S 2   
5NG C01  C N N 3   
5NG C02  C N N 4   
5NG C03  C N N 5   
5NG C04  C N N 6   
5NG O05  O N N 7   
5NG P06  P N N 8   
5NG O07  O N N 9   
5NG O08  O N N 10  
5NG O09  O N N 11  
5NG P10  P N N 12  
5NG O11  O N N 13  
5NG O12  O N N 14  
5NG O13  O N N 15  
5NG C14  C N N 16  
5NG O16  O N N 17  
5NG C18  C N R 18  
5NG O19  O N N 19  
5NG O21  O N N 20  
5NG P22  P N N 21  
5NG O23  O N N 22  
5NG O24  O N N 23  
5NG O25  O N N 24  
5NG N26  N Y N 25  
5NG C27  C Y N 26  
5NG N28  N Y N 27  
5NG C29  C Y N 28  
5NG C30  C Y N 29  
5NG N31  N N N 30  
5NG N32  N Y N 31  
5NG C33  C Y N 32  
5NG N34  N Y N 33  
5NG C35  C Y N 34  
5NG C36  C N R 35  
5NG O37  O N N 36  
5NG C38  C N N 37  
5NG O39  O N N 38  
5NG N40  N N N 39  
5NG C41  C N N 40  
5NG C42  C N N 41  
5NG C43  C N N 42  
5NG O44  O N N 43  
5NG N45  N N N 44  
5NG C46  C N N 45  
5NG C47  C N N 46  
5NG S48  S N N 47  
5NG S49  S N N 48  
5NG C50  C N N 49  
5NG C51  C N N 50  
5NG N52  N N N 51  
5NG C53  C N N 52  
5NG O54  O N N 53  
5NG C55  C N N 54  
5NG C56  C N N 55  
5NG N57  N N N 56  
5NG C58  C N N 57  
5NG O59  O N N 58  
5NG C60  C N R 59  
5NG O61  O N N 60  
5NG C62  C N N 61  
5NG C63  C N N 62  
5NG C64  C N N 63  
5NG C65  C N N 64  
5NG O66  O N N 65  
5NG P67  P N N 66  
5NG O68  O N N 67  
5NG O69  O N N 68  
5NG O70  O N N 69  
5NG P71  P N N 70  
5NG O72  O N N 71  
5NG O73  O N N 72  
5NG O74  O N N 73  
5NG C75  C N N 74  
5NG C76  C N R 75  
5NG O77  O N N 76  
5NG C78  C N R 77  
5NG C79  C N R 78  
5NG O80  O N N 79  
5NG C81  C N S 80  
5NG O82  O N N 81  
5NG P83  P N N 82  
5NG O84  O N N 83  
5NG O85  O N N 84  
5NG O86  O N N 85  
5NG N87  N Y N 86  
5NG C88  C Y N 87  
5NG N89  N Y N 88  
5NG C90  C Y N 89  
5NG C91  C Y N 90  
5NG N92  N N N 91  
5NG N93  N Y N 92  
5NG C94  C Y N 93  
5NG N95  N Y N 94  
5NG C96  C Y N 95  
5NG H151 H N N 96  
5NG H171 H N N 97  
5NG H201 H N N 98  
5NG H011 H N N 99  
5NG H012 H N N 100 
5NG H013 H N N 101 
5NG H031 H N N 102 
5NG H032 H N N 103 
5NG H033 H N N 104 
5NG H041 H N N 105 
5NG H042 H N N 106 
5NG H2   H N N 107 
5NG H3   H N N 108 
5NG H141 H N N 109 
5NG H142 H N N 110 
5NG H181 H N N 111 
5NG H191 H N N 112 
5NG H5   H N N 113 
5NG H6   H N N 114 
5NG H271 H N N 115 
5NG H311 H N N 116 
5NG H312 H N N 117 
5NG H331 H N N 118 
5NG H361 H N N 119 
5NG H371 H N N 120 
5NG H401 H N N 121 
5NG H411 H N N 122 
5NG H412 H N N 123 
5NG H421 H N N 124 
5NG H422 H N N 125 
5NG H451 H N N 126 
5NG H461 H N N 127 
5NG H462 H N N 128 
5NG H471 H N N 129 
5NG H472 H N N 130 
5NG H501 H N N 131 
5NG H502 H N N 132 
5NG H511 H N N 133 
5NG H512 H N N 134 
5NG H521 H N N 135 
5NG H551 H N N 136 
5NG H552 H N N 137 
5NG H561 H N N 138 
5NG H562 H N N 139 
5NG H571 H N N 140 
5NG H601 H N N 141 
5NG H611 H N N 142 
5NG H631 H N N 143 
5NG H632 H N N 144 
5NG H633 H N N 145 
5NG H641 H N N 146 
5NG H642 H N N 147 
5NG H643 H N N 148 
5NG H651 H N N 149 
5NG H652 H N N 150 
5NG H7   H N N 151 
5NG H8   H N N 152 
5NG H751 H N N 153 
5NG H752 H N N 154 
5NG H761 H N N 155 
5NG H781 H N N 156 
5NG H791 H N N 157 
5NG H801 H N N 158 
5NG H811 H N N 159 
5NG H9   H N N 160 
5NG H10  H N N 161 
5NG H881 H N N 162 
5NG H921 H N N 163 
5NG H922 H N N 164 
5NG H941 H N N 165 
5NG C15  C N R 166 
ALA N    N N N 167 
ALA CA   C N S 168 
ALA C    C N N 169 
ALA O    O N N 170 
ALA CB   C N N 171 
ALA OXT  O N N 172 
ALA H    H N N 173 
ALA H2   H N N 174 
ALA HA   H N N 175 
ALA HB1  H N N 176 
ALA HB2  H N N 177 
ALA HB3  H N N 178 
ALA HXT  H N N 179 
ARG N    N N N 180 
ARG CA   C N S 181 
ARG C    C N N 182 
ARG O    O N N 183 
ARG CB   C N N 184 
ARG CG   C N N 185 
ARG CD   C N N 186 
ARG NE   N N N 187 
ARG CZ   C N N 188 
ARG NH1  N N N 189 
ARG NH2  N N N 190 
ARG OXT  O N N 191 
ARG H    H N N 192 
ARG H2   H N N 193 
ARG HA   H N N 194 
ARG HB2  H N N 195 
ARG HB3  H N N 196 
ARG HG2  H N N 197 
ARG HG3  H N N 198 
ARG HD2  H N N 199 
ARG HD3  H N N 200 
ARG HE   H N N 201 
ARG HH11 H N N 202 
ARG HH12 H N N 203 
ARG HH21 H N N 204 
ARG HH22 H N N 205 
ARG HXT  H N N 206 
ASN N    N N N 207 
ASN CA   C N S 208 
ASN C    C N N 209 
ASN O    O N N 210 
ASN CB   C N N 211 
ASN CG   C N N 212 
ASN OD1  O N N 213 
ASN ND2  N N N 214 
ASN OXT  O N N 215 
ASN H    H N N 216 
ASN H2   H N N 217 
ASN HA   H N N 218 
ASN HB2  H N N 219 
ASN HB3  H N N 220 
ASN HD21 H N N 221 
ASN HD22 H N N 222 
ASN HXT  H N N 223 
ASP N    N N N 224 
ASP CA   C N S 225 
ASP C    C N N 226 
ASP O    O N N 227 
ASP CB   C N N 228 
ASP CG   C N N 229 
ASP OD1  O N N 230 
ASP OD2  O N N 231 
ASP OXT  O N N 232 
ASP H    H N N 233 
ASP H2   H N N 234 
ASP HA   H N N 235 
ASP HB2  H N N 236 
ASP HB3  H N N 237 
ASP HD2  H N N 238 
ASP HXT  H N N 239 
CYS N    N N N 240 
CYS CA   C N R 241 
CYS C    C N N 242 
CYS O    O N N 243 
CYS CB   C N N 244 
CYS SG   S N N 245 
CYS OXT  O N N 246 
CYS H    H N N 247 
CYS H2   H N N 248 
CYS HA   H N N 249 
CYS HB2  H N N 250 
CYS HB3  H N N 251 
CYS HG   H N N 252 
CYS HXT  H N N 253 
GLN N    N N N 254 
GLN CA   C N S 255 
GLN C    C N N 256 
GLN O    O N N 257 
GLN CB   C N N 258 
GLN CG   C N N 259 
GLN CD   C N N 260 
GLN OE1  O N N 261 
GLN NE2  N N N 262 
GLN OXT  O N N 263 
GLN H    H N N 264 
GLN H2   H N N 265 
GLN HA   H N N 266 
GLN HB2  H N N 267 
GLN HB3  H N N 268 
GLN HG2  H N N 269 
GLN HG3  H N N 270 
GLN HE21 H N N 271 
GLN HE22 H N N 272 
GLN HXT  H N N 273 
GLU N    N N N 274 
GLU CA   C N S 275 
GLU C    C N N 276 
GLU O    O N N 277 
GLU CB   C N N 278 
GLU CG   C N N 279 
GLU CD   C N N 280 
GLU OE1  O N N 281 
GLU OE2  O N N 282 
GLU OXT  O N N 283 
GLU H    H N N 284 
GLU H2   H N N 285 
GLU HA   H N N 286 
GLU HB2  H N N 287 
GLU HB3  H N N 288 
GLU HG2  H N N 289 
GLU HG3  H N N 290 
GLU HE2  H N N 291 
GLU HXT  H N N 292 
GLY N    N N N 293 
GLY CA   C N N 294 
GLY C    C N N 295 
GLY O    O N N 296 
GLY OXT  O N N 297 
GLY H    H N N 298 
GLY H2   H N N 299 
GLY HA2  H N N 300 
GLY HA3  H N N 301 
GLY HXT  H N N 302 
HIS N    N N N 303 
HIS CA   C N S 304 
HIS C    C N N 305 
HIS O    O N N 306 
HIS CB   C N N 307 
HIS CG   C Y N 308 
HIS ND1  N Y N 309 
HIS CD2  C Y N 310 
HIS CE1  C Y N 311 
HIS NE2  N Y N 312 
HIS OXT  O N N 313 
HIS H    H N N 314 
HIS H2   H N N 315 
HIS HA   H N N 316 
HIS HB2  H N N 317 
HIS HB3  H N N 318 
HIS HD1  H N N 319 
HIS HD2  H N N 320 
HIS HE1  H N N 321 
HIS HE2  H N N 322 
HIS HXT  H N N 323 
HOH O    O N N 324 
HOH H1   H N N 325 
HOH H2   H N N 326 
ILE N    N N N 327 
ILE CA   C N S 328 
ILE C    C N N 329 
ILE O    O N N 330 
ILE CB   C N S 331 
ILE CG1  C N N 332 
ILE CG2  C N N 333 
ILE CD1  C N N 334 
ILE OXT  O N N 335 
ILE H    H N N 336 
ILE H2   H N N 337 
ILE HA   H N N 338 
ILE HB   H N N 339 
ILE HG12 H N N 340 
ILE HG13 H N N 341 
ILE HG21 H N N 342 
ILE HG22 H N N 343 
ILE HG23 H N N 344 
ILE HD11 H N N 345 
ILE HD12 H N N 346 
ILE HD13 H N N 347 
ILE HXT  H N N 348 
LEU N    N N N 349 
LEU CA   C N S 350 
LEU C    C N N 351 
LEU O    O N N 352 
LEU CB   C N N 353 
LEU CG   C N N 354 
LEU CD1  C N N 355 
LEU CD2  C N N 356 
LEU OXT  O N N 357 
LEU H    H N N 358 
LEU H2   H N N 359 
LEU HA   H N N 360 
LEU HB2  H N N 361 
LEU HB3  H N N 362 
LEU HG   H N N 363 
LEU HD11 H N N 364 
LEU HD12 H N N 365 
LEU HD13 H N N 366 
LEU HD21 H N N 367 
LEU HD22 H N N 368 
LEU HD23 H N N 369 
LEU HXT  H N N 370 
LYS N    N N N 371 
LYS CA   C N S 372 
LYS C    C N N 373 
LYS O    O N N 374 
LYS CB   C N N 375 
LYS CG   C N N 376 
LYS CD   C N N 377 
LYS CE   C N N 378 
LYS NZ   N N N 379 
LYS OXT  O N N 380 
LYS H    H N N 381 
LYS H2   H N N 382 
LYS HA   H N N 383 
LYS HB2  H N N 384 
LYS HB3  H N N 385 
LYS HG2  H N N 386 
LYS HG3  H N N 387 
LYS HD2  H N N 388 
LYS HD3  H N N 389 
LYS HE2  H N N 390 
LYS HE3  H N N 391 
LYS HZ1  H N N 392 
LYS HZ2  H N N 393 
LYS HZ3  H N N 394 
LYS HXT  H N N 395 
MET N    N N N 396 
MET CA   C N S 397 
MET C    C N N 398 
MET O    O N N 399 
MET CB   C N N 400 
MET CG   C N N 401 
MET SD   S N N 402 
MET CE   C N N 403 
MET OXT  O N N 404 
MET H    H N N 405 
MET H2   H N N 406 
MET HA   H N N 407 
MET HB2  H N N 408 
MET HB3  H N N 409 
MET HG2  H N N 410 
MET HG3  H N N 411 
MET HE1  H N N 412 
MET HE2  H N N 413 
MET HE3  H N N 414 
MET HXT  H N N 415 
PHE N    N N N 416 
PHE CA   C N S 417 
PHE C    C N N 418 
PHE O    O N N 419 
PHE CB   C N N 420 
PHE CG   C Y N 421 
PHE CD1  C Y N 422 
PHE CD2  C Y N 423 
PHE CE1  C Y N 424 
PHE CE2  C Y N 425 
PHE CZ   C Y N 426 
PHE OXT  O N N 427 
PHE H    H N N 428 
PHE H2   H N N 429 
PHE HA   H N N 430 
PHE HB2  H N N 431 
PHE HB3  H N N 432 
PHE HD1  H N N 433 
PHE HD2  H N N 434 
PHE HE1  H N N 435 
PHE HE2  H N N 436 
PHE HZ   H N N 437 
PHE HXT  H N N 438 
PRO N    N N N 439 
PRO CA   C N S 440 
PRO C    C N N 441 
PRO O    O N N 442 
PRO CB   C N N 443 
PRO CG   C N N 444 
PRO CD   C N N 445 
PRO OXT  O N N 446 
PRO H    H N N 447 
PRO HA   H N N 448 
PRO HB2  H N N 449 
PRO HB3  H N N 450 
PRO HG2  H N N 451 
PRO HG3  H N N 452 
PRO HD2  H N N 453 
PRO HD3  H N N 454 
PRO HXT  H N N 455 
SER N    N N N 456 
SER CA   C N S 457 
SER C    C N N 458 
SER O    O N N 459 
SER CB   C N N 460 
SER OG   O N N 461 
SER OXT  O N N 462 
SER H    H N N 463 
SER H2   H N N 464 
SER HA   H N N 465 
SER HB2  H N N 466 
SER HB3  H N N 467 
SER HG   H N N 468 
SER HXT  H N N 469 
THR N    N N N 470 
THR CA   C N S 471 
THR C    C N N 472 
THR O    O N N 473 
THR CB   C N R 474 
THR OG1  O N N 475 
THR CG2  C N N 476 
THR OXT  O N N 477 
THR H    H N N 478 
THR H2   H N N 479 
THR HA   H N N 480 
THR HB   H N N 481 
THR HG1  H N N 482 
THR HG21 H N N 483 
THR HG22 H N N 484 
THR HG23 H N N 485 
THR HXT  H N N 486 
TRP N    N N N 487 
TRP CA   C N S 488 
TRP C    C N N 489 
TRP O    O N N 490 
TRP CB   C N N 491 
TRP CG   C Y N 492 
TRP CD1  C Y N 493 
TRP CD2  C Y N 494 
TRP NE1  N Y N 495 
TRP CE2  C Y N 496 
TRP CE3  C Y N 497 
TRP CZ2  C Y N 498 
TRP CZ3  C Y N 499 
TRP CH2  C Y N 500 
TRP OXT  O N N 501 
TRP H    H N N 502 
TRP H2   H N N 503 
TRP HA   H N N 504 
TRP HB2  H N N 505 
TRP HB3  H N N 506 
TRP HD1  H N N 507 
TRP HE1  H N N 508 
TRP HE3  H N N 509 
TRP HZ2  H N N 510 
TRP HZ3  H N N 511 
TRP HH2  H N N 512 
TRP HXT  H N N 513 
TYR N    N N N 514 
TYR CA   C N S 515 
TYR C    C N N 516 
TYR O    O N N 517 
TYR CB   C N N 518 
TYR CG   C Y N 519 
TYR CD1  C Y N 520 
TYR CD2  C Y N 521 
TYR CE1  C Y N 522 
TYR CE2  C Y N 523 
TYR CZ   C Y N 524 
TYR OH   O N N 525 
TYR OXT  O N N 526 
TYR H    H N N 527 
TYR H2   H N N 528 
TYR HA   H N N 529 
TYR HB2  H N N 530 
TYR HB3  H N N 531 
TYR HD1  H N N 532 
TYR HD2  H N N 533 
TYR HE1  H N N 534 
TYR HE2  H N N 535 
TYR HH   H N N 536 
TYR HXT  H N N 537 
VAL N    N N N 538 
VAL CA   C N S 539 
VAL C    C N N 540 
VAL O    O N N 541 
VAL CB   C N N 542 
VAL CG1  C N N 543 
VAL CG2  C N N 544 
VAL OXT  O N N 545 
VAL H    H N N 546 
VAL H2   H N N 547 
VAL HA   H N N 548 
VAL HB   H N N 549 
VAL HG11 H N N 550 
VAL HG12 H N N 551 
VAL HG13 H N N 552 
VAL HG21 H N N 553 
VAL HG22 H N N 554 
VAL HG23 H N N 555 
VAL HXT  H N N 556 
# 
loop_
_chem_comp_bond.comp_id 
_chem_comp_bond.atom_id_1 
_chem_comp_bond.atom_id_2 
_chem_comp_bond.value_order 
_chem_comp_bond.pdbx_aromatic_flag 
_chem_comp_bond.pdbx_stereo_config 
_chem_comp_bond.pdbx_ordinal 
5NG C15 C20  sing N N 1   
5NG C15 C14  sing N N 2   
5NG C17 O16  sing N N 3   
5NG C17 C18  sing N N 4   
5NG C17 N26  sing N N 5   
5NG C20 C18  sing N N 6   
5NG C20 O21  sing N N 7   
5NG C01 C02  sing N N 8   
5NG C02 C03  sing N N 9   
5NG C02 C04  sing N N 10  
5NG C02 C36  sing N N 11  
5NG C04 O05  sing N N 12  
5NG O05 P06  sing N N 13  
5NG P06 O07  doub N N 14  
5NG P06 O08  sing N N 15  
5NG P06 O09  sing N N 16  
5NG O09 P10  sing N N 17  
5NG P10 O11  doub N N 18  
5NG P10 O12  sing N N 19  
5NG P10 O13  sing N N 20  
5NG O13 C14  sing N N 21  
5NG C18 O19  sing N N 22  
5NG O21 P22  sing N N 23  
5NG P22 O23  doub N N 24  
5NG P22 O24  sing N N 25  
5NG P22 O25  sing N N 26  
5NG N26 C27  sing Y N 27  
5NG N26 C35  sing Y N 28  
5NG C27 N28  doub Y N 29  
5NG N28 C29  sing Y N 30  
5NG C29 C30  doub Y N 31  
5NG C29 C35  sing Y N 32  
5NG C30 N31  sing N N 33  
5NG C30 N32  sing Y N 34  
5NG N32 C33  doub Y N 35  
5NG C33 N34  sing Y N 36  
5NG N34 C35  doub Y N 37  
5NG C36 O37  sing N N 38  
5NG C36 C38  sing N N 39  
5NG C38 O39  doub N N 40  
5NG C38 N40  sing N N 41  
5NG N40 C41  sing N N 42  
5NG C41 C42  sing N N 43  
5NG C42 C43  sing N N 44  
5NG C43 O44  doub N N 45  
5NG C43 N45  sing N N 46  
5NG N45 C46  sing N N 47  
5NG C46 C47  sing N N 48  
5NG C47 S48  sing N N 49  
5NG S48 S49  sing N N 50  
5NG S49 C50  sing N N 51  
5NG C50 C51  sing N N 52  
5NG C51 N52  sing N N 53  
5NG N52 C53  sing N N 54  
5NG C53 O54  doub N N 55  
5NG C53 C55  sing N N 56  
5NG C55 C56  sing N N 57  
5NG C56 N57  sing N N 58  
5NG N57 C58  sing N N 59  
5NG C58 O59  doub N N 60  
5NG C58 C60  sing N N 61  
5NG C60 O61  sing N N 62  
5NG C60 C62  sing N N 63  
5NG C62 C63  sing N N 64  
5NG C62 C64  sing N N 65  
5NG C62 C65  sing N N 66  
5NG C65 O66  sing N N 67  
5NG O66 P67  sing N N 68  
5NG P67 O68  doub N N 69  
5NG P67 O69  sing N N 70  
5NG P67 O70  sing N N 71  
5NG O70 P71  sing N N 72  
5NG P71 O72  doub N N 73  
5NG P71 O73  sing N N 74  
5NG P71 O74  sing N N 75  
5NG O74 C75  sing N N 76  
5NG C75 C76  sing N N 77  
5NG C76 O77  sing N N 78  
5NG C76 C81  sing N N 79  
5NG O77 C78  sing N N 80  
5NG C78 C79  sing N N 81  
5NG C78 N87  sing N N 82  
5NG C79 O80  sing N N 83  
5NG C79 C81  sing N N 84  
5NG C81 O82  sing N N 85  
5NG O82 P83  sing N N 86  
5NG P83 O84  doub N N 87  
5NG P83 O85  sing N N 88  
5NG P83 O86  sing N N 89  
5NG N87 C88  sing Y N 90  
5NG N87 C96  sing Y N 91  
5NG C88 N89  doub Y N 92  
5NG N89 C90  sing Y N 93  
5NG C90 C91  doub Y N 94  
5NG C90 C96  sing Y N 95  
5NG C91 N92  sing N N 96  
5NG C91 N93  sing Y N 97  
5NG N93 C94  doub Y N 98  
5NG C94 N95  sing Y N 99  
5NG N95 C96  doub Y N 100 
5NG C15 H151 sing N N 101 
5NG C17 H171 sing N N 102 
5NG C20 H201 sing N N 103 
5NG C01 H011 sing N N 104 
5NG C01 H012 sing N N 105 
5NG C01 H013 sing N N 106 
5NG C03 H031 sing N N 107 
5NG C03 H032 sing N N 108 
5NG C03 H033 sing N N 109 
5NG C04 H041 sing N N 110 
5NG C04 H042 sing N N 111 
5NG O08 H2   sing N N 112 
5NG O12 H3   sing N N 113 
5NG C14 H141 sing N N 114 
5NG C14 H142 sing N N 115 
5NG C18 H181 sing N N 116 
5NG O19 H191 sing N N 117 
5NG O24 H5   sing N N 118 
5NG O25 H6   sing N N 119 
5NG C27 H271 sing N N 120 
5NG N31 H311 sing N N 121 
5NG N31 H312 sing N N 122 
5NG C33 H331 sing N N 123 
5NG C36 H361 sing N N 124 
5NG O37 H371 sing N N 125 
5NG N40 H401 sing N N 126 
5NG C41 H411 sing N N 127 
5NG C41 H412 sing N N 128 
5NG C42 H421 sing N N 129 
5NG C42 H422 sing N N 130 
5NG N45 H451 sing N N 131 
5NG C46 H461 sing N N 132 
5NG C46 H462 sing N N 133 
5NG C47 H471 sing N N 134 
5NG C47 H472 sing N N 135 
5NG C50 H501 sing N N 136 
5NG C50 H502 sing N N 137 
5NG C51 H511 sing N N 138 
5NG C51 H512 sing N N 139 
5NG N52 H521 sing N N 140 
5NG C55 H551 sing N N 141 
5NG C55 H552 sing N N 142 
5NG C56 H561 sing N N 143 
5NG C56 H562 sing N N 144 
5NG N57 H571 sing N N 145 
5NG C60 H601 sing N N 146 
5NG O61 H611 sing N N 147 
5NG C63 H631 sing N N 148 
5NG C63 H632 sing N N 149 
5NG C63 H633 sing N N 150 
5NG C64 H641 sing N N 151 
5NG C64 H642 sing N N 152 
5NG C64 H643 sing N N 153 
5NG C65 H651 sing N N 154 
5NG C65 H652 sing N N 155 
5NG O69 H7   sing N N 156 
5NG O73 H8   sing N N 157 
5NG C75 H751 sing N N 158 
5NG C75 H752 sing N N 159 
5NG C76 H761 sing N N 160 
5NG C78 H781 sing N N 161 
5NG C79 H791 sing N N 162 
5NG O80 H801 sing N N 163 
5NG C81 H811 sing N N 164 
5NG O85 H9   sing N N 165 
5NG O86 H10  sing N N 166 
5NG C88 H881 sing N N 167 
5NG N92 H921 sing N N 168 
5NG N92 H922 sing N N 169 
5NG C94 H941 sing N N 170 
5NG O16 C15  sing N N 171 
ALA N   CA   sing N N 172 
ALA N   H    sing N N 173 
ALA N   H2   sing N N 174 
ALA CA  C    sing N N 175 
ALA CA  CB   sing N N 176 
ALA CA  HA   sing N N 177 
ALA C   O    doub N N 178 
ALA C   OXT  sing N N 179 
ALA CB  HB1  sing N N 180 
ALA CB  HB2  sing N N 181 
ALA CB  HB3  sing N N 182 
ALA OXT HXT  sing N N 183 
ARG N   CA   sing N N 184 
ARG N   H    sing N N 185 
ARG N   H2   sing N N 186 
ARG CA  C    sing N N 187 
ARG CA  CB   sing N N 188 
ARG CA  HA   sing N N 189 
ARG C   O    doub N N 190 
ARG C   OXT  sing N N 191 
ARG CB  CG   sing N N 192 
ARG CB  HB2  sing N N 193 
ARG CB  HB3  sing N N 194 
ARG CG  CD   sing N N 195 
ARG CG  HG2  sing N N 196 
ARG CG  HG3  sing N N 197 
ARG CD  NE   sing N N 198 
ARG CD  HD2  sing N N 199 
ARG CD  HD3  sing N N 200 
ARG NE  CZ   sing N N 201 
ARG NE  HE   sing N N 202 
ARG CZ  NH1  sing N N 203 
ARG CZ  NH2  doub N N 204 
ARG NH1 HH11 sing N N 205 
ARG NH1 HH12 sing N N 206 
ARG NH2 HH21 sing N N 207 
ARG NH2 HH22 sing N N 208 
ARG OXT HXT  sing N N 209 
ASN N   CA   sing N N 210 
ASN N   H    sing N N 211 
ASN N   H2   sing N N 212 
ASN CA  C    sing N N 213 
ASN CA  CB   sing N N 214 
ASN CA  HA   sing N N 215 
ASN C   O    doub N N 216 
ASN C   OXT  sing N N 217 
ASN CB  CG   sing N N 218 
ASN CB  HB2  sing N N 219 
ASN CB  HB3  sing N N 220 
ASN CG  OD1  doub N N 221 
ASN CG  ND2  sing N N 222 
ASN ND2 HD21 sing N N 223 
ASN ND2 HD22 sing N N 224 
ASN OXT HXT  sing N N 225 
ASP N   CA   sing N N 226 
ASP N   H    sing N N 227 
ASP N   H2   sing N N 228 
ASP CA  C    sing N N 229 
ASP CA  CB   sing N N 230 
ASP CA  HA   sing N N 231 
ASP C   O    doub N N 232 
ASP C   OXT  sing N N 233 
ASP CB  CG   sing N N 234 
ASP CB  HB2  sing N N 235 
ASP CB  HB3  sing N N 236 
ASP CG  OD1  doub N N 237 
ASP CG  OD2  sing N N 238 
ASP OD2 HD2  sing N N 239 
ASP OXT HXT  sing N N 240 
CYS N   CA   sing N N 241 
CYS N   H    sing N N 242 
CYS N   H2   sing N N 243 
CYS CA  C    sing N N 244 
CYS CA  CB   sing N N 245 
CYS CA  HA   sing N N 246 
CYS C   O    doub N N 247 
CYS C   OXT  sing N N 248 
CYS CB  SG   sing N N 249 
CYS CB  HB2  sing N N 250 
CYS CB  HB3  sing N N 251 
CYS SG  HG   sing N N 252 
CYS OXT HXT  sing N N 253 
GLN N   CA   sing N N 254 
GLN N   H    sing N N 255 
GLN N   H2   sing N N 256 
GLN CA  C    sing N N 257 
GLN CA  CB   sing N N 258 
GLN CA  HA   sing N N 259 
GLN C   O    doub N N 260 
GLN C   OXT  sing N N 261 
GLN CB  CG   sing N N 262 
GLN CB  HB2  sing N N 263 
GLN CB  HB3  sing N N 264 
GLN CG  CD   sing N N 265 
GLN CG  HG2  sing N N 266 
GLN CG  HG3  sing N N 267 
GLN CD  OE1  doub N N 268 
GLN CD  NE2  sing N N 269 
GLN NE2 HE21 sing N N 270 
GLN NE2 HE22 sing N N 271 
GLN OXT HXT  sing N N 272 
GLU N   CA   sing N N 273 
GLU N   H    sing N N 274 
GLU N   H2   sing N N 275 
GLU CA  C    sing N N 276 
GLU CA  CB   sing N N 277 
GLU CA  HA   sing N N 278 
GLU C   O    doub N N 279 
GLU C   OXT  sing N N 280 
GLU CB  CG   sing N N 281 
GLU CB  HB2  sing N N 282 
GLU CB  HB3  sing N N 283 
GLU CG  CD   sing N N 284 
GLU CG  HG2  sing N N 285 
GLU CG  HG3  sing N N 286 
GLU CD  OE1  doub N N 287 
GLU CD  OE2  sing N N 288 
GLU OE2 HE2  sing N N 289 
GLU OXT HXT  sing N N 290 
GLY N   CA   sing N N 291 
GLY N   H    sing N N 292 
GLY N   H2   sing N N 293 
GLY CA  C    sing N N 294 
GLY CA  HA2  sing N N 295 
GLY CA  HA3  sing N N 296 
GLY C   O    doub N N 297 
GLY C   OXT  sing N N 298 
GLY OXT HXT  sing N N 299 
HIS N   CA   sing N N 300 
HIS N   H    sing N N 301 
HIS N   H2   sing N N 302 
HIS CA  C    sing N N 303 
HIS CA  CB   sing N N 304 
HIS CA  HA   sing N N 305 
HIS C   O    doub N N 306 
HIS C   OXT  sing N N 307 
HIS CB  CG   sing N N 308 
HIS CB  HB2  sing N N 309 
HIS CB  HB3  sing N N 310 
HIS CG  ND1  sing Y N 311 
HIS CG  CD2  doub Y N 312 
HIS ND1 CE1  doub Y N 313 
HIS ND1 HD1  sing N N 314 
HIS CD2 NE2  sing Y N 315 
HIS CD2 HD2  sing N N 316 
HIS CE1 NE2  sing Y N 317 
HIS CE1 HE1  sing N N 318 
HIS NE2 HE2  sing N N 319 
HIS OXT HXT  sing N N 320 
HOH O   H1   sing N N 321 
HOH O   H2   sing N N 322 
ILE N   CA   sing N N 323 
ILE N   H    sing N N 324 
ILE N   H2   sing N N 325 
ILE CA  C    sing N N 326 
ILE CA  CB   sing N N 327 
ILE CA  HA   sing N N 328 
ILE C   O    doub N N 329 
ILE C   OXT  sing N N 330 
ILE CB  CG1  sing N N 331 
ILE CB  CG2  sing N N 332 
ILE CB  HB   sing N N 333 
ILE CG1 CD1  sing N N 334 
ILE CG1 HG12 sing N N 335 
ILE CG1 HG13 sing N N 336 
ILE CG2 HG21 sing N N 337 
ILE CG2 HG22 sing N N 338 
ILE CG2 HG23 sing N N 339 
ILE CD1 HD11 sing N N 340 
ILE CD1 HD12 sing N N 341 
ILE CD1 HD13 sing N N 342 
ILE OXT HXT  sing N N 343 
LEU N   CA   sing N N 344 
LEU N   H    sing N N 345 
LEU N   H2   sing N N 346 
LEU CA  C    sing N N 347 
LEU CA  CB   sing N N 348 
LEU CA  HA   sing N N 349 
LEU C   O    doub N N 350 
LEU C   OXT  sing N N 351 
LEU CB  CG   sing N N 352 
LEU CB  HB2  sing N N 353 
LEU CB  HB3  sing N N 354 
LEU CG  CD1  sing N N 355 
LEU CG  CD2  sing N N 356 
LEU CG  HG   sing N N 357 
LEU CD1 HD11 sing N N 358 
LEU CD1 HD12 sing N N 359 
LEU CD1 HD13 sing N N 360 
LEU CD2 HD21 sing N N 361 
LEU CD2 HD22 sing N N 362 
LEU CD2 HD23 sing N N 363 
LEU OXT HXT  sing N N 364 
LYS N   CA   sing N N 365 
LYS N   H    sing N N 366 
LYS N   H2   sing N N 367 
LYS CA  C    sing N N 368 
LYS CA  CB   sing N N 369 
LYS CA  HA   sing N N 370 
LYS C   O    doub N N 371 
LYS C   OXT  sing N N 372 
LYS CB  CG   sing N N 373 
LYS CB  HB2  sing N N 374 
LYS CB  HB3  sing N N 375 
LYS CG  CD   sing N N 376 
LYS CG  HG2  sing N N 377 
LYS CG  HG3  sing N N 378 
LYS CD  CE   sing N N 379 
LYS CD  HD2  sing N N 380 
LYS CD  HD3  sing N N 381 
LYS CE  NZ   sing N N 382 
LYS CE  HE2  sing N N 383 
LYS CE  HE3  sing N N 384 
LYS NZ  HZ1  sing N N 385 
LYS NZ  HZ2  sing N N 386 
LYS NZ  HZ3  sing N N 387 
LYS OXT HXT  sing N N 388 
MET N   CA   sing N N 389 
MET N   H    sing N N 390 
MET N   H2   sing N N 391 
MET CA  C    sing N N 392 
MET CA  CB   sing N N 393 
MET CA  HA   sing N N 394 
MET C   O    doub N N 395 
MET C   OXT  sing N N 396 
MET CB  CG   sing N N 397 
MET CB  HB2  sing N N 398 
MET CB  HB3  sing N N 399 
MET CG  SD   sing N N 400 
MET CG  HG2  sing N N 401 
MET CG  HG3  sing N N 402 
MET SD  CE   sing N N 403 
MET CE  HE1  sing N N 404 
MET CE  HE2  sing N N 405 
MET CE  HE3  sing N N 406 
MET OXT HXT  sing N N 407 
PHE N   CA   sing N N 408 
PHE N   H    sing N N 409 
PHE N   H2   sing N N 410 
PHE CA  C    sing N N 411 
PHE CA  CB   sing N N 412 
PHE CA  HA   sing N N 413 
PHE C   O    doub N N 414 
PHE C   OXT  sing N N 415 
PHE CB  CG   sing N N 416 
PHE CB  HB2  sing N N 417 
PHE CB  HB3  sing N N 418 
PHE CG  CD1  doub Y N 419 
PHE CG  CD2  sing Y N 420 
PHE CD1 CE1  sing Y N 421 
PHE CD1 HD1  sing N N 422 
PHE CD2 CE2  doub Y N 423 
PHE CD2 HD2  sing N N 424 
PHE CE1 CZ   doub Y N 425 
PHE CE1 HE1  sing N N 426 
PHE CE2 CZ   sing Y N 427 
PHE CE2 HE2  sing N N 428 
PHE CZ  HZ   sing N N 429 
PHE OXT HXT  sing N N 430 
PRO N   CA   sing N N 431 
PRO N   CD   sing N N 432 
PRO N   H    sing N N 433 
PRO CA  C    sing N N 434 
PRO CA  CB   sing N N 435 
PRO CA  HA   sing N N 436 
PRO C   O    doub N N 437 
PRO C   OXT  sing N N 438 
PRO CB  CG   sing N N 439 
PRO CB  HB2  sing N N 440 
PRO CB  HB3  sing N N 441 
PRO CG  CD   sing N N 442 
PRO CG  HG2  sing N N 443 
PRO CG  HG3  sing N N 444 
PRO CD  HD2  sing N N 445 
PRO CD  HD3  sing N N 446 
PRO OXT HXT  sing N N 447 
SER N   CA   sing N N 448 
SER N   H    sing N N 449 
SER N   H2   sing N N 450 
SER CA  C    sing N N 451 
SER CA  CB   sing N N 452 
SER CA  HA   sing N N 453 
SER C   O    doub N N 454 
SER C   OXT  sing N N 455 
SER CB  OG   sing N N 456 
SER CB  HB2  sing N N 457 
SER CB  HB3  sing N N 458 
SER OG  HG   sing N N 459 
SER OXT HXT  sing N N 460 
THR N   CA   sing N N 461 
THR N   H    sing N N 462 
THR N   H2   sing N N 463 
THR CA  C    sing N N 464 
THR CA  CB   sing N N 465 
THR CA  HA   sing N N 466 
THR C   O    doub N N 467 
THR C   OXT  sing N N 468 
THR CB  OG1  sing N N 469 
THR CB  CG2  sing N N 470 
THR CB  HB   sing N N 471 
THR OG1 HG1  sing N N 472 
THR CG2 HG21 sing N N 473 
THR CG2 HG22 sing N N 474 
THR CG2 HG23 sing N N 475 
THR OXT HXT  sing N N 476 
TRP N   CA   sing N N 477 
TRP N   H    sing N N 478 
TRP N   H2   sing N N 479 
TRP CA  C    sing N N 480 
TRP CA  CB   sing N N 481 
TRP CA  HA   sing N N 482 
TRP C   O    doub N N 483 
TRP C   OXT  sing N N 484 
TRP CB  CG   sing N N 485 
TRP CB  HB2  sing N N 486 
TRP CB  HB3  sing N N 487 
TRP CG  CD1  doub Y N 488 
TRP CG  CD2  sing Y N 489 
TRP CD1 NE1  sing Y N 490 
TRP CD1 HD1  sing N N 491 
TRP CD2 CE2  doub Y N 492 
TRP CD2 CE3  sing Y N 493 
TRP NE1 CE2  sing Y N 494 
TRP NE1 HE1  sing N N 495 
TRP CE2 CZ2  sing Y N 496 
TRP CE3 CZ3  doub Y N 497 
TRP CE3 HE3  sing N N 498 
TRP CZ2 CH2  doub Y N 499 
TRP CZ2 HZ2  sing N N 500 
TRP CZ3 CH2  sing Y N 501 
TRP CZ3 HZ3  sing N N 502 
TRP CH2 HH2  sing N N 503 
TRP OXT HXT  sing N N 504 
TYR N   CA   sing N N 505 
TYR N   H    sing N N 506 
TYR N   H2   sing N N 507 
TYR CA  C    sing N N 508 
TYR CA  CB   sing N N 509 
TYR CA  HA   sing N N 510 
TYR C   O    doub N N 511 
TYR C   OXT  sing N N 512 
TYR CB  CG   sing N N 513 
TYR CB  HB2  sing N N 514 
TYR CB  HB3  sing N N 515 
TYR CG  CD1  doub Y N 516 
TYR CG  CD2  sing Y N 517 
TYR CD1 CE1  sing Y N 518 
TYR CD1 HD1  sing N N 519 
TYR CD2 CE2  doub Y N 520 
TYR CD2 HD2  sing N N 521 
TYR CE1 CZ   doub Y N 522 
TYR CE1 HE1  sing N N 523 
TYR CE2 CZ   sing Y N 524 
TYR CE2 HE2  sing N N 525 
TYR CZ  OH   sing N N 526 
TYR OH  HH   sing N N 527 
TYR OXT HXT  sing N N 528 
VAL N   CA   sing N N 529 
VAL N   H    sing N N 530 
VAL N   H2   sing N N 531 
VAL CA  C    sing N N 532 
VAL CA  CB   sing N N 533 
VAL CA  HA   sing N N 534 
VAL C   O    doub N N 535 
VAL C   OXT  sing N N 536 
VAL CB  CG1  sing N N 537 
VAL CB  CG2  sing N N 538 
VAL CB  HB   sing N N 539 
VAL CG1 HG11 sing N N 540 
VAL CG1 HG12 sing N N 541 
VAL CG1 HG13 sing N N 542 
VAL CG2 HG21 sing N N 543 
VAL CG2 HG22 sing N N 544 
VAL CG2 HG23 sing N N 545 
VAL OXT HXT  sing N N 546 
# 
_pdbx_audit_support.funding_organization   
'National Institutes of Health/National Institute of General Medical Sciences (NIH/NIGMS)' 
_pdbx_audit_support.country                'United States' 
_pdbx_audit_support.grant_number           'R35 GM134643' 
_pdbx_audit_support.ordinal                1 
# 
_pdbx_entity_instance_feature.ordinal        1 
_pdbx_entity_instance_feature.comp_id        5NG 
_pdbx_entity_instance_feature.asym_id        ? 
_pdbx_entity_instance_feature.seq_num        ? 
_pdbx_entity_instance_feature.auth_comp_id   5NG 
_pdbx_entity_instance_feature.auth_asym_id   ? 
_pdbx_entity_instance_feature.auth_seq_num   ? 
_pdbx_entity_instance_feature.feature_type   'SUBJECT OF INVESTIGATION' 
_pdbx_entity_instance_feature.details        ? 
# 
_atom_sites.entry_id                    8VR6 
_atom_sites.Cartn_transf_matrix[1][1]   ? 
_atom_sites.Cartn_transf_matrix[1][2]   ? 
_atom_sites.Cartn_transf_matrix[1][3]   ? 
_atom_sites.Cartn_transf_matrix[2][1]   ? 
_atom_sites.Cartn_transf_matrix[2][2]   ? 
_atom_sites.Cartn_transf_matrix[2][3]   ? 
_atom_sites.Cartn_transf_matrix[3][1]   ? 
_atom_sites.Cartn_transf_matrix[3][2]   ? 
_atom_sites.Cartn_transf_matrix[3][3]   ? 
_atom_sites.Cartn_transf_vector[1]      ? 
_atom_sites.Cartn_transf_vector[2]      ? 
_atom_sites.Cartn_transf_vector[3]      ? 
_atom_sites.Cartn_transform_axes        ? 
_atom_sites.fract_transf_matrix[1][1]   -0.00329218 
_atom_sites.fract_transf_matrix[1][2]   0.00422442 
_atom_sites.fract_transf_matrix[1][3]   0.00685989 
_atom_sites.fract_transf_matrix[2][1]   0.00057137 
_atom_sites.fract_transf_matrix[2][2]   0.00751433 
_atom_sites.fract_transf_matrix[2][3]   -0.00435322 
_atom_sites.fract_transf_matrix[3][1]   -0.00803600 
_atom_sites.fract_transf_matrix[3][2]   -0.00119638 
_atom_sites.fract_transf_matrix[3][3]   -0.00311987 
_atom_sites.fract_transf_vector[1]      -0.200441 
_atom_sites.fract_transf_vector[2]      -0.199232 
_atom_sites.fract_transf_vector[3]      0.166773 
_atom_sites.solution_primary            ? 
_atom_sites.solution_secondary          ? 
_atom_sites.solution_hydrogens          ? 
_atom_sites.special_details             ? 
# 
loop_
_atom_type.symbol 
C 
N 
O 
P 
S 
# 
loop_
_atom_site.group_PDB 
_atom_site.id 
_atom_site.type_symbol 
_atom_site.label_atom_id 
_atom_site.label_alt_id 
_atom_site.label_comp_id 
_atom_site.label_asym_id 
_atom_site.label_entity_id 
_atom_site.label_seq_id 
_atom_site.pdbx_PDB_ins_code 
_atom_site.Cartn_x 
_atom_site.Cartn_y 
_atom_site.Cartn_z 
_atom_site.occupancy 
_atom_site.B_iso_or_equiv 
_atom_site.pdbx_formal_charge 
_atom_site.auth_seq_id 
_atom_site.auth_comp_id 
_atom_site.auth_asym_id 
_atom_site.auth_atom_id 
_atom_site.pdbx_PDB_model_num 
ATOM   1    N N   . HIS A 1 4   ? 17.313  -1.028  -31.321 1.00 93.64  ? 0   HIS A N   1 
ATOM   2    C CA  . HIS A 1 4   ? 16.217  -1.732  -30.595 1.00 89.87  ? 0   HIS A CA  1 
ATOM   3    C C   . HIS A 1 4   ? 16.528  -3.226  -30.483 1.00 81.52  ? 0   HIS A C   1 
ATOM   4    O O   . HIS A 1 4   ? 16.258  -3.807  -29.438 1.00 63.79  ? 0   HIS A O   1 
ATOM   5    C CB  . HIS A 1 4   ? 14.845  -1.454  -31.224 1.00 87.97  ? 0   HIS A CB  1 
ATOM   6    C CG  . HIS A 1 4   ? 14.649  -2.067  -32.574 1.00 92.88  ? 0   HIS A CG  1 
ATOM   7    N ND1 . HIS A 1 4   ? 13.973  -3.259  -32.753 1.00 88.77  ? 0   HIS A ND1 1 
ATOM   8    C CD2 . HIS A 1 4   ? 15.054  -1.675  -33.797 1.00 91.94  ? 0   HIS A CD2 1 
ATOM   9    C CE1 . HIS A 1 4   ? 13.958  -3.564  -34.046 1.00 88.93  ? 0   HIS A CE1 1 
ATOM   10   N NE2 . HIS A 1 4   ? 14.611  -2.616  -34.698 1.00 97.86  ? 0   HIS A NE2 1 
ATOM   11   N N   . MET A 1 5   ? 17.065  -3.841  -31.556 1.00 73.94  ? 1   MET A N   1 
ATOM   12   C CA  . MET A 1 5   ? 17.466  -5.243  -31.541 1.00 72.61  ? 1   MET A CA  1 
ATOM   13   C C   . MET A 1 5   ? 18.500  -5.414  -30.427 1.00 60.29  ? 1   MET A C   1 
ATOM   14   O O   . MET A 1 5   ? 18.341  -6.226  -29.528 1.00 55.44  ? 1   MET A O   1 
ATOM   15   C CB  . MET A 1 5   ? 18.097  -5.688  -32.873 1.00 83.81  ? 1   MET A CB  1 
ATOM   16   C CG  . MET A 1 5   ? 17.170  -5.636  -34.101 1.00 103.91 ? 1   MET A CG  1 
ATOM   17   S SD  . MET A 1 5   ? 16.305  -7.195  -34.503 1.00 123.70 ? 1   MET A SD  1 
ATOM   18   C CE  . MET A 1 5   ? 15.963  -6.974  -36.250 1.00 117.40 ? 1   MET A CE  1 
ATOM   19   N N   . ILE A 1 6   ? 19.536  -4.579  -30.470 1.00 58.10  ? 2   ILE A N   1 
ATOM   20   C CA  . ILE A 1 6   ? 20.602  -4.625  -29.491 1.00 59.77  ? 2   ILE A CA  1 
ATOM   21   C C   . ILE A 1 6   ? 20.064  -4.228  -28.125 1.00 46.91  ? 2   ILE A C   1 
ATOM   22   O O   . ILE A 1 6   ? 20.543  -4.732  -27.127 1.00 44.88  ? 2   ILE A O   1 
ATOM   23   C CB  . ILE A 1 6   ? 21.790  -3.721  -29.880 1.00 62.13  ? 2   ILE A CB  1 
ATOM   24   C CG1 . ILE A 1 6   ? 22.348  -4.040  -31.273 1.00 73.53  ? 2   ILE A CG1 1 
ATOM   25   C CG2 . ILE A 1 6   ? 22.860  -3.794  -28.804 1.00 59.02  ? 2   ILE A CG2 1 
ATOM   26   C CD1 . ILE A 1 6   ? 23.154  -2.897  -31.891 1.00 77.25  ? 2   ILE A CD1 1 
ATOM   27   N N   . LEU A 1 7   ? 19.157  -3.259  -28.054 1.00 48.17  ? 3   LEU A N   1 
ATOM   28   C CA  . LEU A 1 7   ? 18.677  -2.860  -26.747 1.00 48.90  ? 3   LEU A CA  1 
ATOM   29   C C   . LEU A 1 7   ? 17.916  -4.021  -26.088 1.00 46.72  ? 3   LEU A C   1 
ATOM   30   O O   . LEU A 1 7   ? 18.110  -4.283  -24.912 1.00 41.50  ? 3   LEU A O   1 
ATOM   31   C CB  . LEU A 1 7   ? 17.813  -1.600  -26.852 1.00 48.10  ? 3   LEU A CB  1 
ATOM   32   C CG  . LEU A 1 7   ? 17.141  -1.206  -25.540 1.00 50.85  ? 3   LEU A CG  1 
ATOM   33   C CD1 . LEU A 1 7   ? 18.187  -0.972  -24.438 1.00 52.45  ? 3   LEU A CD1 1 
ATOM   34   C CD2 . LEU A 1 7   ? 16.247  0.010   -25.727 1.00 50.86  ? 3   LEU A CD2 1 
ATOM   35   N N   . LEU A 1 8   ? 17.031  -4.687  -26.832 1.00 40.50  ? 4   LEU A N   1 
ATOM   36   C CA  . LEU A 1 8   ? 16.300  -5.825  -26.305 1.00 43.52  ? 4   LEU A CA  1 
ATOM   37   C C   . LEU A 1 8   ? 17.255  -6.920  -25.832 1.00 43.07  ? 4   LEU A C   1 
ATOM   38   O O   . LEU A 1 8   ? 17.079  -7.499  -24.757 1.00 39.47  ? 4   LEU A O   1 
ATOM   39   C CB  . LEU A 1 8   ? 15.379  -6.381  -27.383 1.00 41.49  ? 4   LEU A CB  1 
ATOM   40   C CG  . LEU A 1 8   ? 14.548  -7.599  -26.974 1.00 44.60  ? 4   LEU A CG  1 
ATOM   41   C CD1 . LEU A 1 8   ? 13.467  -7.219  -25.964 1.00 45.55  ? 4   LEU A CD1 1 
ATOM   42   C CD2 . LEU A 1 8   ? 13.903  -8.239  -28.178 1.00 46.65  ? 4   LEU A CD2 1 
ATOM   43   N N   . LYS A 1 9   ? 18.288  -7.213  -26.627 1.00 44.09  ? 5   LYS A N   1 
ATOM   44   C CA  . LYS A 1 9   ? 19.258  -8.234  -26.230 1.00 43.59  ? 5   LYS A CA  1 
ATOM   45   C C   . LYS A 1 9   ? 19.991  -7.834  -24.940 1.00 38.47  ? 5   LYS A C   1 
ATOM   46   O O   . LYS A 1 9   ? 20.197  -8.663  -24.032 1.00 43.03  ? 5   LYS A O   1 
ATOM   47   C CB  . LYS A 1 9   ? 20.212  -8.448  -27.404 1.00 51.15  ? 5   LYS A CB  1 
ATOM   48   C CG  . LYS A 1 9   ? 21.313  -9.487  -27.230 1.00 63.69  ? 5   LYS A CG  1 
ATOM   49   C CD  . LYS A 1 9   ? 22.370  -9.315  -28.339 1.00 73.79  ? 5   LYS A CD  1 
ATOM   50   C CE  . LYS A 1 9   ? 23.215  -10.534 -28.624 1.00 85.56  ? 5   LYS A CE  1 
ATOM   51   N NZ  . LYS A 1 9   ? 24.511  -10.473 -27.915 1.00 95.11  ? 5   LYS A NZ  1 
ATOM   52   N N   . GLU A 1 10  ? 20.366  -6.555  -24.837 1.00 38.01  ? 6   GLU A N   1 
ATOM   53   C CA  . GLU A 1 10  ? 20.984  -6.055  -23.612 1.00 44.03  ? 6   GLU A CA  1 
ATOM   54   C C   . GLU A 1 10  ? 20.057  -6.130  -22.401 1.00 42.68  ? 6   GLU A C   1 
ATOM   55   O O   . GLU A 1 10  ? 20.500  -6.456  -21.301 1.00 40.72  ? 6   GLU A O   1 
ATOM   56   C CB  . GLU A 1 10  ? 21.455  -4.627  -23.802 1.00 40.51  ? 6   GLU A CB  1 
ATOM   57   C CG  . GLU A 1 10  ? 22.681  -4.557  -24.696 1.00 51.71  ? 6   GLU A CG  1 
ATOM   58   C CD  . GLU A 1 10  ? 23.261  -3.168  -24.927 1.00 61.73  ? 6   GLU A CD  1 
ATOM   59   O OE1 . GLU A 1 10  ? 22.543  -2.171  -24.682 1.00 63.51  ? 6   GLU A OE1 1 
ATOM   60   O OE2 . GLU A 1 10  ? 24.443  -3.096  -25.343 1.00 72.30  ? 6   GLU A OE2 1 
ATOM   61   N N   . LEU A 1 11  ? 18.794  -5.753  -22.581 1.00 38.81  ? 7   LEU A N   1 
ATOM   62   C CA  . LEU A 1 11  ? 17.847  -5.838  -21.484 1.00 39.62  ? 7   LEU A CA  1 
ATOM   63   C C   . LEU A 1 11  ? 17.711  -7.290  -21.009 1.00 39.09  ? 7   LEU A C   1 
ATOM   64   O O   . LEU A 1 11  ? 17.717  -7.556  -19.813 1.00 38.76  ? 7   LEU A O   1 
ATOM   65   C CB  . LEU A 1 11  ? 16.520  -5.232  -21.934 1.00 36.48  ? 7   LEU A CB  1 
ATOM   66   C CG  . LEU A 1 11  ? 16.476  -3.707  -22.029 1.00 36.32  ? 7   LEU A CG  1 
ATOM   67   C CD1 . LEU A 1 11  ? 15.245  -3.251  -22.789 1.00 38.98  ? 7   LEU A CD1 1 
ATOM   68   C CD2 . LEU A 1 11  ? 16.505  -3.053  -20.654 1.00 38.13  ? 7   LEU A CD2 1 
ATOM   69   N N   . LYS A 1 12  ? 17.623  -8.253  -21.927 1.00 40.04  ? 8   LYS A N   1 
ATOM   70   C CA  . LYS A 1 12  ? 17.524  -9.652  -21.536 1.00 44.80  ? 8   LYS A CA  1 
ATOM   71   C C   . LYS A 1 12  ? 18.786  -10.171 -20.849 1.00 42.92  ? 8   LYS A C   1 
ATOM   72   O O   . LYS A 1 12  ? 18.672  -11.000 -19.956 1.00 45.09  ? 8   LYS A O   1 
ATOM   73   C CB  . LYS A 1 12  ? 17.237  -10.538 -22.739 1.00 43.28  ? 8   LYS A CB  1 
ATOM   74   C CG  . LYS A 1 12  ? 15.860  -10.261 -23.316 1.00 49.38  ? 8   LYS A CG  1 
ATOM   75   C CD  . LYS A 1 12  ? 15.502  -11.052 -24.548 1.00 53.28  ? 8   LYS A CD  1 
ATOM   76   C CE  . LYS A 1 12  ? 14.005  -11.262 -24.564 1.00 54.75  ? 8   LYS A CE  1 
ATOM   77   N NZ  . LYS A 1 12  ? 13.567  -11.997 -25.757 1.00 62.45  ? 8   LYS A NZ  1 
ATOM   78   N N   . GLU A 1 13  ? 19.966  -9.734  -21.303 1.00 39.45  ? 9   GLU A N   1 
ATOM   79   C CA  . GLU A 1 13  ? 21.225  -10.111 -20.683 1.00 41.42  ? 9   GLU A CA  1 
ATOM   80   C C   . GLU A 1 13  ? 21.231  -9.583  -19.252 1.00 45.92  ? 9   GLU A C   1 
ATOM   81   O O   . GLU A 1 13  ? 21.652  -10.286 -18.337 1.00 43.80  ? 9   GLU A O   1 
ATOM   82   C CB  . GLU A 1 13  ? 22.417  -9.559  -21.472 1.00 48.72  ? 9   GLU A CB  1 
ATOM   83   C CG  . GLU A 1 13  ? 22.601  -10.303 -22.797 1.00 67.53  ? 9   GLU A CG  1 
ATOM   84   C CD  . GLU A 1 13  ? 23.633  -9.826  -23.821 1.00 70.14  ? 9   GLU A CD  1 
ATOM   85   O OE1 . GLU A 1 13  ? 24.321  -8.801  -23.587 1.00 73.76  ? 9   GLU A OE1 1 
ATOM   86   O OE2 . GLU A 1 13  ? 23.736  -10.498 -24.868 1.00 70.12  ? 9   GLU A OE2 1 
ATOM   87   N N   . LEU A 1 14  ? 20.759  -8.337  -19.096 1.00 44.37  ? 10  LEU A N   1 
ATOM   88   C CA  . LEU A 1 14  ? 20.714  -7.670  -17.806 1.00 47.59  ? 10  LEU A CA  1 
ATOM   89   C C   . LEU A 1 14  ? 19.736  -8.402  -16.895 1.00 43.91  ? 10  LEU A C   1 
ATOM   90   O O   . LEU A 1 14  ? 20.048  -8.677  -15.734 1.00 40.86  ? 10  LEU A O   1 
ATOM   91   C CB  . LEU A 1 14  ? 20.336  -6.196  -18.002 1.00 45.11  ? 10  LEU A CB  1 
ATOM   92   C CG  . LEU A 1 14  ? 20.143  -5.389  -16.724 1.00 48.35  ? 10  LEU A CG  1 
ATOM   93   C CD1 . LEU A 1 14  ? 21.412  -5.418  -15.891 1.00 53.97  ? 10  LEU A CD1 1 
ATOM   94   C CD2 . LEU A 1 14  ? 19.740  -3.957  -17.035 1.00 47.46  ? 10  LEU A CD2 1 
ATOM   95   N N   . PHE A 1 15  ? 18.595  -8.805  -17.444 1.00 37.48  ? 11  PHE A N   1 
ATOM   96   C CA  . PHE A 1 15  ? 17.641  -9.565  -16.657 1.00 41.04  ? 11  PHE A CA  1 
ATOM   97   C C   . PHE A 1 15  ? 18.263  -10.868 -16.153 1.00 47.69  ? 11  PHE A C   1 
ATOM   98   O O   . PHE A 1 15  ? 18.084  -11.279 -15.000 1.00 41.31  ? 11  PHE A O   1 
ATOM   99   C CB  . PHE A 1 15  ? 16.389  -9.911  -17.457 1.00 38.49  ? 11  PHE A CB  1 
ATOM   100  C CG  . PHE A 1 15  ? 15.432  -10.736 -16.643 1.00 46.85  ? 11  PHE A CG  1 
ATOM   101  C CD1 . PHE A 1 15  ? 15.346  -12.109 -16.817 1.00 49.63  ? 11  PHE A CD1 1 
ATOM   102  C CD2 . PHE A 1 15  ? 14.692  -10.147 -15.625 1.00 54.25  ? 11  PHE A CD2 1 
ATOM   103  C CE1 . PHE A 1 15  ? 14.501  -12.875 -16.027 1.00 48.48  ? 11  PHE A CE1 1 
ATOM   104  C CE2 . PHE A 1 15  ? 13.855  -10.915 -14.829 1.00 49.92  ? 11  PHE A CE2 1 
ATOM   105  C CZ  . PHE A 1 15  ? 13.772  -12.279 -15.032 1.00 45.07  ? 11  PHE A CZ  1 
ATOM   106  N N   . PHE A 1 16  ? 18.969  -11.561 -17.039 1.00 45.61  ? 12  PHE A N   1 
ATOM   107  C CA  . PHE A 1 16  ? 19.558  -12.830 -16.646 1.00 45.84  ? 12  PHE A CA  1 
ATOM   108  C C   . PHE A 1 16  ? 20.583  -12.627 -15.528 1.00 40.45  ? 12  PHE A C   1 
ATOM   109  O O   . PHE A 1 16  ? 20.589  -13.335 -14.527 1.00 40.61  ? 12  PHE A O   1 
ATOM   110  C CB  . PHE A 1 16  ? 20.217  -13.508 -17.845 1.00 46.43  ? 12  PHE A CB  1 
ATOM   111  C CG  . PHE A 1 16  ? 20.935  -14.761 -17.446 1.00 53.10  ? 12  PHE A CG  1 
ATOM   112  C CD1 . PHE A 1 16  ? 20.232  -15.941 -17.274 1.00 58.50  ? 12  PHE A CD1 1 
ATOM   113  C CD2 . PHE A 1 16  ? 22.301  -14.740 -17.177 1.00 61.84  ? 12  PHE A CD2 1 
ATOM   114  C CE1 . PHE A 1 16  ? 20.893  -17.096 -16.875 1.00 62.74  ? 12  PHE A CE1 1 
ATOM   115  C CE2 . PHE A 1 16  ? 22.952  -15.890 -16.759 1.00 67.01  ? 12  PHE A CE2 1 
ATOM   116  C CZ  . PHE A 1 16  ? 22.244  -17.065 -16.613 1.00 63.46  ? 12  PHE A CZ  1 
ATOM   117  N N   . LEU A 1 17  ? 21.489  -11.671 -15.729 1.00 38.21  ? 13  LEU A N   1 
ATOM   118  C CA  . LEU A 1 17  ? 22.569  -11.452 -14.791 1.00 43.12  ? 13  LEU A CA  1 
ATOM   119  C C   . LEU A 1 17  ? 22.048  -10.972 -13.443 1.00 42.86  ? 13  LEU A C   1 
ATOM   120  O O   . LEU A 1 17  ? 22.597  -11.316 -12.401 1.00 43.22  ? 13  LEU A O   1 
ATOM   121  C CB  . LEU A 1 17  ? 23.500  -10.406 -15.400 1.00 46.91  ? 13  LEU A CB  1 
ATOM   122  C CG  . LEU A 1 17  ? 24.328  -10.906 -16.571 1.00 50.43  ? 13  LEU A CG  1 
ATOM   123  C CD1 . LEU A 1 17  ? 25.157  -9.754  -17.119 1.00 53.35  ? 13  LEU A CD1 1 
ATOM   124  C CD2 . LEU A 1 17  ? 25.220  -12.069 -16.142 1.00 51.89  ? 13  LEU A CD2 1 
ATOM   125  N N   . ARG A 1 18  ? 21.130  -10.002 -13.477 1.00 41.24  ? 14  ARG A N   1 
ATOM   126  C CA  . ARG A 1 18  ? 20.588  -9.411  -12.268 1.00 43.82  ? 14  ARG A CA  1 
ATOM   127  C C   . ARG A 1 18  ? 19.786  -10.453 -11.482 1.00 38.49  ? 14  ARG A C   1 
ATOM   128  O O   . ARG A 1 18  ? 19.839  -10.479 -10.255 1.00 36.69  ? 14  ARG A O   1 
ATOM   129  C CB  . ARG A 1 18  ? 19.668  -8.233  -12.593 1.00 46.14  ? 14  ARG A CB  1 
ATOM   130  C CG  . ARG A 1 18  ? 20.225  -6.841  -12.369 1.00 50.72  ? 14  ARG A CG  1 
ATOM   131  C CD  . ARG A 1 18  ? 19.915  -6.565  -10.950 1.00 53.01  ? 14  ARG A CD  1 
ATOM   132  N NE  . ARG A 1 18  ? 20.003  -5.181  -10.519 1.00 47.15  ? 14  ARG A NE  1 
ATOM   133  C CZ  . ARG A 1 18  ? 20.909  -4.809  -9.637  1.00 42.08  ? 14  ARG A CZ  1 
ATOM   134  N NH1 . ARG A 1 18  ? 22.136  -5.291  -9.719  1.00 44.62  ? 14  ARG A NH1 1 
ATOM   135  N NH2 . ARG A 1 18  ? 20.641  -3.886  -8.749  1.00 47.48  ? 14  ARG A NH2 1 
ATOM   136  N N   . THR A 1 19  ? 19.049  -11.330 -12.175 1.00 37.28  ? 15  THR A N   1 
ATOM   137  C CA  . THR A 1 19  ? 18.286  -12.356 -11.474 1.00 38.84  ? 15  THR A CA  1 
ATOM   138  C C   . THR A 1 19  ? 19.264  -13.335 -10.812 1.00 43.36  ? 15  THR A C   1 
ATOM   139  O O   . THR A 1 19  ? 19.059  -13.768 -9.680  1.00 41.61  ? 15  THR A O   1 
ATOM   140  C CB  . THR A 1 19  ? 17.350  -13.103 -12.416 1.00 43.74  ? 15  THR A CB  1 
ATOM   141  O OG1 . THR A 1 19  ? 16.340  -12.230 -12.933 1.00 45.41  ? 15  THR A OG1 1 
ATOM   142  C CG2 . THR A 1 19  ? 16.719  -14.306 -11.753 1.00 40.82  ? 15  THR A CG2 1 
ATOM   143  N N   . THR A 1 20  ? 20.361  -13.638 -11.515 1.00 40.54  ? 16  THR A N   1 
ATOM   144  C CA  . THR A 1 20  ? 21.403  -14.511 -10.986 1.00 45.03  ? 16  THR A CA  1 
ATOM   145  C C   . THR A 1 20  ? 21.990  -13.895 -9.719  1.00 43.46  ? 16  THR A C   1 
ATOM   146  O O   . THR A 1 20  ? 22.116  -14.566 -8.700  1.00 41.50  ? 16  THR A O   1 
ATOM   147  C CB  . THR A 1 20  ? 22.446  -14.808 -12.078 1.00 45.13  ? 16  THR A CB  1 
ATOM   148  O OG1 . THR A 1 20  ? 21.784  -15.440 -13.195 1.00 42.17  ? 16  THR A OG1 1 
ATOM   149  C CG2 . THR A 1 20  ? 23.567  -15.698 -11.572 1.00 47.74  ? 16  THR A CG2 1 
ATOM   150  N N   . TYR A 1 21  ? 22.331  -12.602 -9.787  1.00 43.52  ? 17  TYR A N   1 
ATOM   151  C CA  . TYR A 1 21  ? 22.858  -11.882 -8.635  1.00 38.97  ? 17  TYR A CA  1 
ATOM   152  C C   . TYR A 1 21  ? 21.864  -11.834 -7.473  1.00 42.93  ? 17  TYR A C   1 
ATOM   153  O O   . TYR A 1 21  ? 22.258  -12.057 -6.323  1.00 41.65  ? 17  TYR A O   1 
ATOM   154  C CB  . TYR A 1 21  ? 23.326  -10.496 -9.075  1.00 38.85  ? 17  TYR A CB  1 
ATOM   155  C CG  . TYR A 1 21  ? 23.842  -9.592  -7.986  1.00 42.31  ? 17  TYR A CG  1 
ATOM   156  C CD1 . TYR A 1 21  ? 24.896  -9.976  -7.170  1.00 43.39  ? 17  TYR A CD1 1 
ATOM   157  C CD2 . TYR A 1 21  ? 23.313  -8.330  -7.809  1.00 44.34  ? 17  TYR A CD2 1 
ATOM   158  C CE1 . TYR A 1 21  ? 25.409  -9.113  -6.208  1.00 48.96  ? 17  TYR A CE1 1 
ATOM   159  C CE2 . TYR A 1 21  ? 23.824  -7.444  -6.871  1.00 48.88  ? 17  TYR A CE2 1 
ATOM   160  C CZ  . TYR A 1 21  ? 24.855  -7.851  -6.039  1.00 55.10  ? 17  TYR A CZ  1 
ATOM   161  O OH  . TYR A 1 21  ? 25.340  -6.962  -5.097  1.00 51.32  ? 17  TYR A OH  1 
ATOM   162  N N   . TYR A 1 22  ? 20.588  -11.528 -7.749  1.00 41.75  ? 18  TYR A N   1 
ATOM   163  C CA  . TYR A 1 22  ? 19.572  -11.432 -6.703  1.00 42.38  ? 18  TYR A CA  1 
ATOM   164  C C   . TYR A 1 22  ? 19.319  -12.787 -6.044  1.00 43.21  ? 18  TYR A C   1 
ATOM   165  O O   . TYR A 1 22  ? 19.120  -12.836 -4.823  1.00 41.58  ? 18  TYR A O   1 
ATOM   166  C CB  . TYR A 1 22  ? 18.266  -10.794 -7.208  1.00 39.85  ? 18  TYR A CB  1 
ATOM   167  C CG  . TYR A 1 22  ? 18.262  -9.291  -7.165  1.00 42.05  ? 18  TYR A CG  1 
ATOM   168  C CD1 . TYR A 1 22  ? 17.125  -8.596  -6.798  1.00 43.14  ? 18  TYR A CD1 1 
ATOM   169  C CD2 . TYR A 1 22  ? 19.431  -8.558  -7.367  1.00 43.55  ? 18  TYR A CD2 1 
ATOM   170  C CE1 . TYR A 1 22  ? 17.124  -7.210  -6.724  1.00 41.58  ? 18  TYR A CE1 1 
ATOM   171  C CE2 . TYR A 1 22  ? 19.452  -7.172  -7.273  1.00 47.52  ? 18  TYR A CE2 1 
ATOM   172  C CZ  . TYR A 1 22  ? 18.285  -6.495  -6.951  1.00 42.95  ? 18  TYR A CZ  1 
ATOM   173  O OH  . TYR A 1 22  ? 18.258  -5.134  -6.847  1.00 44.07  ? 18  TYR A OH  1 
ATOM   174  N N   . LEU A 1 23  ? 19.324  -13.883 -6.832  1.00 41.51  ? 19  LEU A N   1 
ATOM   175  C CA  . LEU A 1 23  ? 19.159  -15.204 -6.246  1.00 46.61  ? 19  LEU A CA  1 
ATOM   176  C C   . LEU A 1 23  ? 20.287  -15.484 -5.251  1.00 47.28  ? 19  LEU A C   1 
ATOM   177  O O   . LEU A 1 23  ? 20.014  -15.951 -4.155  1.00 48.19  ? 19  LEU A O   1 
ATOM   178  C CB  . LEU A 1 23  ? 19.122  -16.283 -7.336  1.00 45.10  ? 19  LEU A CB  1 
ATOM   179  C CG  . LEU A 1 23  ? 17.825  -16.404 -8.130  1.00 43.33  ? 19  LEU A CG  1 
ATOM   180  C CD1 . LEU A 1 23  ? 18.018  -17.383 -9.275  1.00 47.23  ? 19  LEU A CD1 1 
ATOM   181  C CD2 . LEU A 1 23  ? 16.683  -16.864 -7.244  1.00 49.28  ? 19  LEU A CD2 1 
ATOM   182  N N   . LYS A 1 24  ? 21.541  -15.205 -5.639  1.00 45.89  ? 20  LYS A N   1 
ATOM   183  C CA  . LYS A 1 24  ? 22.693  -15.458 -4.790  1.00 50.59  ? 20  LYS A CA  1 
ATOM   184  C C   . LYS A 1 24  ? 22.704  -14.479 -3.619  1.00 51.70  ? 20  LYS A C   1 
ATOM   185  O O   . LYS A 1 24  ? 23.017  -14.848 -2.505  1.00 50.44  ? 20  LYS A O   1 
ATOM   186  C CB  . LYS A 1 24  ? 23.994  -15.327 -5.595  1.00 55.86  ? 20  LYS A CB  1 
ATOM   187  C CG  . LYS A 1 24  ? 25.264  -15.125 -4.786  1.00 56.42  ? 20  LYS A CG  1 
ATOM   188  C CD  . LYS A 1 24  ? 26.545  -14.896 -5.604  1.00 64.26  ? 20  LYS A CD  1 
ATOM   189  C CE  . LYS A 1 24  ? 27.784  -15.171 -4.769  1.00 73.23  ? 20  LYS A CE  1 
ATOM   190  N NZ  . LYS A 1 24  ? 29.041  -14.781 -5.450  1.00 79.31  ? 20  LYS A NZ  1 
ATOM   191  N N   . LYS A 1 25  ? 22.400  -13.206 -3.839  1.00 47.53  ? 21  LYS A N   1 
ATOM   192  C CA  . LYS A 1 25  ? 22.608  -12.251 -2.773  1.00 44.12  ? 21  LYS A CA  1 
ATOM   193  C C   . LYS A 1 25  ? 21.382  -12.168 -1.861  1.00 49.83  ? 21  LYS A C   1 
ATOM   194  O O   . LYS A 1 25  ? 21.550  -12.015 -0.666  1.00 43.48  ? 21  LYS A O   1 
ATOM   195  C CB  . LYS A 1 25  ? 22.986  -10.881 -3.313  1.00 49.94  ? 21  LYS A CB  1 
ATOM   196  C CG  . LYS A 1 25  ? 22.980  -9.795  -2.253  1.00 50.99  ? 21  LYS A CG  1 
ATOM   197  C CD  . LYS A 1 25  ? 23.673  -8.560  -2.657  1.00 52.94  ? 21  LYS A CD  1 
ATOM   198  C CE  . LYS A 1 25  ? 23.969  -7.652  -1.481  1.00 57.47  ? 21  LYS A CE  1 
ATOM   199  N NZ  . LYS A 1 25  ? 24.350  -6.311  -1.973  1.00 57.56  ? 21  LYS A NZ  1 
ATOM   200  N N   . TYR A 1 26  ? 20.160  -12.237 -2.390  1.00 46.18  ? 22  TYR A N   1 
ATOM   201  C CA  . TYR A 1 26  ? 18.981  -11.892 -1.606  1.00 45.84  ? 22  TYR A CA  1 
ATOM   202  C C   . TYR A 1 26  ? 17.984  -13.042 -1.534  1.00 44.91  ? 22  TYR A C   1 
ATOM   203  O O   . TYR A 1 26  ? 16.864  -12.864 -1.061  1.00 44.77  ? 22  TYR A O   1 
ATOM   204  C CB  . TYR A 1 26  ? 18.256  -10.700 -2.222  1.00 47.47  ? 22  TYR A CB  1 
ATOM   205  C CG  . TYR A 1 26  ? 19.014  -9.405  -2.192  1.00 44.83  ? 22  TYR A CG  1 
ATOM   206  C CD1 . TYR A 1 26  ? 19.305  -8.766  -0.996  1.00 48.14  ? 22  TYR A CD1 1 
ATOM   207  C CD2 . TYR A 1 26  ? 19.421  -8.815  -3.371  1.00 43.88  ? 22  TYR A CD2 1 
ATOM   208  C CE1 . TYR A 1 26  ? 20.002  -7.567  -0.983  1.00 46.40  ? 22  TYR A CE1 1 
ATOM   209  C CE2 . TYR A 1 26  ? 20.058  -7.593  -3.383  1.00 46.68  ? 22  TYR A CE2 1 
ATOM   210  C CZ  . TYR A 1 26  ? 20.376  -6.990  -2.186  1.00 49.73  ? 22  TYR A CZ  1 
ATOM   211  O OH  . TYR A 1 26  ? 21.071  -5.843  -2.305  1.00 51.86  ? 22  TYR A OH  1 
ATOM   212  N N   . ASN A 1 27  ? 18.405  -14.199 -2.042  1.00 43.38  ? 23  ASN A N   1 
ATOM   213  C CA  . ASN A 1 27  ? 17.593  -15.396 -2.200  1.00 49.98  ? 23  ASN A CA  1 
ATOM   214  C C   . ASN A 1 27  ? 16.148  -15.075 -2.563  1.00 48.41  ? 23  ASN A C   1 
ATOM   215  O O   . ASN A 1 27  ? 15.224  -15.555 -1.920  1.00 50.52  ? 23  ASN A O   1 
ATOM   216  C CB  . ASN A 1 27  ? 17.646  -16.332 -0.981  1.00 57.92  ? 23  ASN A CB  1 
ATOM   217  C CG  . ASN A 1 27  ? 17.202  -17.737 -1.359  1.00 59.70  ? 23  ASN A CG  1 
ATOM   218  O OD1 . ASN A 1 27  ? 16.816  -18.524 -0.505  1.00 75.53  ? 23  ASN A OD1 1 
ATOM   219  N ND2 . ASN A 1 27  ? 17.168  -18.039 -2.652  1.00 71.54  ? 23  ASN A ND2 1 
ATOM   220  N N   . ARG A 1 28  ? 15.958  -14.381 -3.689  1.00 48.82  ? 24  ARG A N   1 
ATOM   221  C CA  . ARG A 1 28  ? 14.636  -14.111 -4.219  1.00 42.12  ? 24  ARG A CA  1 
ATOM   222  C C   . ARG A 1 28  ? 14.759  -13.748 -5.696  1.00 41.53  ? 24  ARG A C   1 
ATOM   223  O O   . ARG A 1 28  ? 15.849  -13.413 -6.170  1.00 39.12  ? 24  ARG A O   1 
ATOM   224  C CB  . ARG A 1 28  ? 13.981  -12.972 -3.426  1.00 44.70  ? 24  ARG A CB  1 
ATOM   225  C CG  . ARG A 1 28  ? 14.645  -11.619 -3.653  1.00 46.32  ? 24  ARG A CG  1 
ATOM   226  C CD  . ARG A 1 28  ? 14.277  -10.575 -2.649  1.00 49.07  ? 24  ARG A CD  1 
ATOM   227  N NE  . ARG A 1 28  ? 14.853  -10.966 -1.374  1.00 55.34  ? 24  ARG A NE  1 
ATOM   228  C CZ  . ARG A 1 28  ? 14.809  -10.234 -0.284  1.00 61.69  ? 24  ARG A CZ  1 
ATOM   229  N NH1 . ARG A 1 28  ? 15.520  -10.594 0.769   1.00 62.55  ? 24  ARG A NH1 1 
ATOM   230  N NH2 . ARG A 1 28  ? 14.109  -9.113  -0.275  1.00 62.55  ? 24  ARG A NH2 1 
ATOM   231  N N   . SER A 1 29  ? 13.618  -13.838 -6.393  1.00 40.67  ? 25  SER A N   1 
ATOM   232  C CA  . SER A 1 29  ? 13.451  -13.437 -7.786  1.00 41.33  ? 25  SER A CA  1 
ATOM   233  C C   . SER A 1 29  ? 12.316  -12.418 -7.864  1.00 40.63  ? 25  SER A C   1 
ATOM   234  O O   . SER A 1 29  ? 11.206  -12.680 -7.400  1.00 37.49  ? 25  SER A O   1 
ATOM   235  C CB  . SER A 1 29  ? 13.176  -14.654 -8.652  1.00 41.42  ? 25  SER A CB  1 
ATOM   236  O OG  . SER A 1 29  ? 12.585  -14.308 -9.900  1.00 39.87  ? 25  SER A OG  1 
ATOM   237  N N   . LEU A 1 30  ? 12.627  -11.238 -8.405  1.00 38.70  ? 26  LEU A N   1 
ATOM   238  C CA  . LEU A 1 30  ? 11.708  -10.133 -8.464  1.00 38.35  ? 26  LEU A CA  1 
ATOM   239  C C   . LEU A 1 30  ? 11.408  -9.811  -9.928  1.00 40.05  ? 26  LEU A C   1 
ATOM   240  O O   . LEU A 1 30  ? 12.180  -10.162 -10.835 1.00 38.12  ? 26  LEU A O   1 
ATOM   241  C CB  . LEU A 1 30  ? 12.371  -8.940  -7.767  1.00 38.75  ? 26  LEU A CB  1 
ATOM   242  C CG  . LEU A 1 30  ? 12.785  -9.129  -6.312  1.00 42.12  ? 26  LEU A CG  1 
ATOM   243  C CD1 . LEU A 1 30  ? 13.307  -7.815  -5.752  1.00 41.97  ? 26  LEU A CD1 1 
ATOM   244  C CD2 . LEU A 1 30  ? 11.637  -9.685  -5.463  1.00 42.12  ? 26  LEU A CD2 1 
ATOM   245  N N   . PRO A 1 31  ? 10.326  -9.047  -10.179 1.00 36.04  ? 27  PRO A N   1 
ATOM   246  C CA  . PRO A 1 31  ? 10.091  -8.460  -11.488 1.00 34.14  ? 27  PRO A CA  1 
ATOM   247  C C   . PRO A 1 31  ? 11.239  -7.558  -11.925 1.00 35.12  ? 27  PRO A C   1 
ATOM   248  O O   . PRO A 1 31  ? 11.923  -6.920  -11.109 1.00 36.09  ? 27  PRO A O   1 
ATOM   249  C CB  . PRO A 1 31  ? 8.806   -7.624  -11.330 1.00 35.72  ? 27  PRO A CB  1 
ATOM   250  C CG  . PRO A 1 31  ? 8.128   -8.174  -10.076 1.00 37.31  ? 27  PRO A CG  1 
ATOM   251  C CD  . PRO A 1 31  ? 9.241   -8.742  -9.219  1.00 38.57  ? 27  PRO A CD  1 
ATOM   252  N N   . PHE A 1 32  ? 11.364  -7.422  -13.246 1.00 35.76  ? 28  PHE A N   1 
ATOM   253  C CA  . PHE A 1 32  ? 12.403  -6.608  -13.874 1.00 35.99  ? 28  PHE A CA  1 
ATOM   254  C C   . PHE A 1 32  ? 12.512  -5.233  -13.203 1.00 36.34  ? 28  PHE A C   1 
ATOM   255  O O   . PHE A 1 32  ? 13.585  -4.759  -12.842 1.00 39.29  ? 28  PHE A O   1 
ATOM   256  C CB  . PHE A 1 32  ? 12.071  -6.480  -15.372 1.00 36.12  ? 28  PHE A CB  1 
ATOM   257  C CG  . PHE A 1 32  ? 13.117  -5.733  -16.172 1.00 45.28  ? 28  PHE A CG  1 
ATOM   258  C CD1 . PHE A 1 32  ? 14.286  -6.362  -16.570 1.00 48.40  ? 28  PHE A CD1 1 
ATOM   259  C CD2 . PHE A 1 32  ? 12.962  -4.384  -16.468 1.00 62.42  ? 28  PHE A CD2 1 
ATOM   260  C CE1 . PHE A 1 32  ? 15.269  -5.688  -17.282 1.00 52.19  ? 28  PHE A CE1 1 
ATOM   261  C CE2 . PHE A 1 32  ? 13.945  -3.699  -17.172 1.00 67.55  ? 28  PHE A CE2 1 
ATOM   262  C CZ  . PHE A 1 32  ? 15.101  -4.353  -17.564 1.00 65.13  ? 28  PHE A CZ  1 
ATOM   263  N N   . GLY A 1 33  ? 11.355  -4.572  -13.036 1.00 42.35  ? 29  GLY A N   1 
ATOM   264  C CA  . GLY A 1 33  ? 11.316  -3.228  -12.515 1.00 37.36  ? 29  GLY A CA  1 
ATOM   265  C C   . GLY A 1 33  ? 11.839  -3.137  -11.083 1.00 38.04  ? 29  GLY A C   1 
ATOM   266  O O   . GLY A 1 33  ? 12.375  -2.110  -10.706 1.00 36.31  ? 29  GLY A O   1 
ATOM   267  N N   . ASP A 1 34  ? 11.610  -4.177  -10.286 1.00 35.55  ? 30  ASP A N   1 
ATOM   268  C CA  . ASP A 1 34  ? 12.056  -4.255  -8.902  1.00 37.37  ? 30  ASP A CA  1 
ATOM   269  C C   . ASP A 1 34  ? 13.531  -4.653  -8.818  1.00 41.48  ? 30  ASP A C   1 
ATOM   270  O O   . ASP A 1 34  ? 14.098  -4.631  -7.739  1.00 40.58  ? 30  ASP A O   1 
ATOM   271  C CB  . ASP A 1 34  ? 11.192  -5.252  -8.125  1.00 41.03  ? 30  ASP A CB  1 
ATOM   272  C CG  . ASP A 1 34  ? 9.842   -4.661  -7.774  1.00 40.74  ? 30  ASP A CG  1 
ATOM   273  O OD1 . ASP A 1 34  ? 8.850   -5.133  -8.324  1.00 44.04  ? 30  ASP A OD1 1 
ATOM   274  O OD2 . ASP A 1 34  ? 9.835   -3.704  -6.955  1.00 40.22  ? 30  ASP A OD2 1 
ATOM   275  N N   . MET A 1 35  ? 14.176  -4.920  -9.953  1.00 42.00  ? 31  MET A N   1 
ATOM   276  C CA  . MET A 1 35  ? 15.625  -5.076  -9.958  1.00 42.00  ? 31  MET A CA  1 
ATOM   277  C C   . MET A 1 35  ? 16.332  -3.788  -10.379 1.00 41.60  ? 31  MET A C   1 
ATOM   278  O O   . MET A 1 35  ? 17.554  -3.704  -10.298 1.00 47.67  ? 31  MET A O   1 
ATOM   279  C CB  . MET A 1 35  ? 16.005  -6.228  -10.884 1.00 42.83  ? 31  MET A CB  1 
ATOM   280  C CG  . MET A 1 35  ? 15.697  -7.564  -10.247 1.00 50.87  ? 31  MET A CG  1 
ATOM   281  S SD  . MET A 1 35  ? 16.291  -8.970  -11.215 1.00 56.77  ? 31  MET A SD  1 
ATOM   282  C CE  . MET A 1 35  ? 15.077  -8.914  -12.511 1.00 42.21  ? 31  MET A CE  1 
ATOM   283  N N   . ILE A 1 36  ? 15.570  -2.814  -10.883 1.00 40.52  ? 32  ILE A N   1 
ATOM   284  C CA  . ILE A 1 36  ? 16.089  -1.505  -11.217 1.00 42.35  ? 32  ILE A CA  1 
ATOM   285  C C   . ILE A 1 36  ? 15.872  -0.556  -10.053 1.00 44.67  ? 32  ILE A C   1 
ATOM   286  O O   . ILE A 1 36  ? 16.759  0.235   -9.730  1.00 42.24  ? 32  ILE A O   1 
ATOM   287  C CB  . ILE A 1 36  ? 15.387  -0.979  -12.476 1.00 44.77  ? 32  ILE A CB  1 
ATOM   288  C CG1 . ILE A 1 36  ? 15.660  -1.915  -13.648 1.00 46.20  ? 32  ILE A CG1 1 
ATOM   289  C CG2 . ILE A 1 36  ? 15.779  0.473   -12.779 1.00 43.80  ? 32  ILE A CG2 1 
ATOM   290  C CD1 . ILE A 1 36  ? 14.697  -1.740  -14.748 1.00 53.69  ? 32  ILE A CD1 1 
ATOM   291  N N   . VAL A 1 37  ? 14.672  -0.638  -9.463  1.00 39.10  ? 33  VAL A N   1 
ATOM   292  C CA  . VAL A 1 37  ? 14.257  0.325   -8.460  1.00 45.81  ? 33  VAL A CA  1 
ATOM   293  C C   . VAL A 1 37  ? 14.623  -0.228  -7.089  1.00 43.14  ? 33  VAL A C   1 
ATOM   294  O O   . VAL A 1 37  ? 14.340  -1.375  -6.805  1.00 48.95  ? 33  VAL A O   1 
ATOM   295  C CB  . VAL A 1 37  ? 12.754  0.605   -8.622  1.00 45.37  ? 33  VAL A CB  1 
ATOM   296  C CG1 . VAL A 1 37  ? 12.199  1.433   -7.492  1.00 44.81  ? 33  VAL A CG1 1 
ATOM   297  C CG2 . VAL A 1 37  ? 12.473  1.278   -9.960  1.00 46.17  ? 33  VAL A CG2 1 
ATOM   298  N N   . ASP A 1 38  ? 15.268  0.602   -6.262  1.00 45.35  ? 34  ASP A N   1 
ATOM   299  C CA  . ASP A 1 38  ? 15.584  0.262   -4.885  1.00 45.25  ? 34  ASP A CA  1 
ATOM   300  C C   . ASP A 1 38  ? 14.424  0.713   -3.997  1.00 44.19  ? 34  ASP A C   1 
ATOM   301  O O   . ASP A 1 38  ? 14.003  1.861   -4.051  1.00 46.26  ? 34  ASP A O   1 
ATOM   302  C CB  . ASP A 1 38  ? 16.886  0.922   -4.427  1.00 46.80  ? 34  ASP A CB  1 
ATOM   303  C CG  . ASP A 1 38  ? 17.272  0.623   -2.978  1.00 50.80  ? 34  ASP A CG  1 
ATOM   304  O OD1 . ASP A 1 38  ? 16.602  1.121   -2.065  1.00 46.72  ? 34  ASP A OD1 1 
ATOM   305  O OD2 . ASP A 1 38  ? 18.265  -0.080  -2.769  1.00 51.22  ? 34  ASP A OD2 1 
ATOM   306  N N   . ARG A 1 39  ? 13.918  -0.187  -3.164  1.00 40.76  ? 35  ARG A N   1 
ATOM   307  C CA  . ARG A 1 39  ? 12.699  0.075   -2.407  1.00 44.56  ? 35  ARG A CA  1 
ATOM   308  C C   . ARG A 1 39  ? 12.882  1.243   -1.439  1.00 45.31  ? 35  ARG A C   1 
ATOM   309  O O   . ARG A 1 39  ? 11.927  1.995   -1.231  1.00 41.33  ? 35  ARG A O   1 
ATOM   310  C CB  . ARG A 1 39  ? 12.228  -1.168  -1.641  1.00 42.42  ? 35  ARG A CB  1 
ATOM   311  C CG  . ARG A 1 39  ? 11.640  -2.258  -2.527  1.00 41.28  ? 35  ARG A CG  1 
ATOM   312  C CD  . ARG A 1 39  ? 11.595  -3.632  -1.919  1.00 46.97  ? 35  ARG A CD  1 
ATOM   313  N NE  . ARG A 1 39  ? 11.102  -3.704  -0.542  1.00 51.42  ? 35  ARG A NE  1 
ATOM   314  C CZ  . ARG A 1 39  ? 11.649  -4.466  0.402   1.00 44.65  ? 35  ARG A CZ  1 
ATOM   315  N NH1 . ARG A 1 39  ? 11.315  -4.311  1.671   1.00 48.93  ? 35  ARG A NH1 1 
ATOM   316  N NH2 . ARG A 1 39  ? 12.600  -5.331  0.099   1.00 46.19  ? 35  ARG A NH2 1 
ATOM   317  N N   . TRP A 1 40  ? 14.078  1.388   -0.853  1.00 42.36  ? 36  TRP A N   1 
ATOM   318  C CA  . TRP A 1 40  ? 14.297  2.388   0.190   1.00 45.64  ? 36  TRP A CA  1 
ATOM   319  C C   . TRP A 1 40  ? 14.574  3.749   -0.424  1.00 40.95  ? 36  TRP A C   1 
ATOM   320  O O   . TRP A 1 40  ? 14.033  4.764   0.040   1.00 46.03  ? 36  TRP A O   1 
ATOM   321  C CB  . TRP A 1 40  ? 15.387  1.964   1.188   1.00 44.79  ? 36  TRP A CB  1 
ATOM   322  C CG  . TRP A 1 40  ? 14.941  0.835   2.068   1.00 44.24  ? 36  TRP A CG  1 
ATOM   323  C CD1 . TRP A 1 40  ? 14.400  0.942   3.317   1.00 45.24  ? 36  TRP A CD1 1 
ATOM   324  C CD2 . TRP A 1 40  ? 14.955  -0.575  1.761   1.00 44.89  ? 36  TRP A CD2 1 
ATOM   325  N NE1 . TRP A 1 40  ? 14.078  -0.297  3.811   1.00 46.02  ? 36  TRP A NE1 1 
ATOM   326  C CE2 . TRP A 1 40  ? 14.434  -1.247  2.891   1.00 51.21  ? 36  TRP A CE2 1 
ATOM   327  C CE3 . TRP A 1 40  ? 15.404  -1.333  0.678   1.00 46.58  ? 36  TRP A CE3 1 
ATOM   328  C CZ2 . TRP A 1 40  ? 14.307  -2.634  2.940   1.00 48.89  ? 36  TRP A CZ2 1 
ATOM   329  C CZ3 . TRP A 1 40  ? 15.295  -2.708  0.734   1.00 55.92  ? 36  TRP A CZ3 1 
ATOM   330  C CH2 . TRP A 1 40  ? 14.741  -3.349  1.845   1.00 53.90  ? 36  TRP A CH2 1 
ATOM   331  N N   . ASP A 1 41  ? 15.330  3.775   -1.529  1.00 46.33  ? 37  ASP A N   1 
ATOM   332  C CA  . ASP A 1 41  ? 15.538  5.023   -2.257  1.00 42.65  ? 37  ASP A CA  1 
ATOM   333  C C   . ASP A 1 41  ? 14.224  5.523   -2.856  1.00 43.19  ? 37  ASP A C   1 
ATOM   334  O O   . ASP A 1 41  ? 13.984  6.727   -2.942  1.00 40.41  ? 37  ASP A O   1 
ATOM   335  C CB  . ASP A 1 41  ? 16.601  4.869   -3.347  1.00 44.25  ? 37  ASP A CB  1 
ATOM   336  C CG  . ASP A 1 41  ? 17.956  4.397   -2.845  1.00 51.45  ? 37  ASP A CG  1 
ATOM   337  O OD1 . ASP A 1 41  ? 18.242  4.511   -1.622  1.00 52.78  ? 37  ASP A OD1 1 
ATOM   338  O OD2 . ASP A 1 41  ? 18.693  3.857   -3.667  1.00 56.50  ? 37  ASP A OD2 1 
ATOM   339  N N   . LYS A 1 42  ? 13.351  4.617   -3.309  1.00 42.30  ? 38  LYS A N   1 
ATOM   340  C CA  . LYS A 1 42  ? 12.110  5.096   -3.898  1.00 40.34  ? 38  LYS A CA  1 
ATOM   341  C C   . LYS A 1 42  ? 11.284  5.806   -2.812  1.00 37.49  ? 38  LYS A C   1 
ATOM   342  O O   . LYS A 1 42  ? 10.749  6.891   -3.013  1.00 39.88  ? 38  LYS A O   1 
ATOM   343  C CB  . LYS A 1 42  ? 11.358  3.926   -4.549  1.00 43.01  ? 38  LYS A CB  1 
ATOM   344  C CG  . LYS A 1 42  ? 10.058  4.317   -5.238  1.00 44.68  ? 38  LYS A CG  1 
ATOM   345  C CD  . LYS A 1 42  ? 9.237   3.156   -5.794  1.00 40.95  ? 38  LYS A CD  1 
ATOM   346  C CE  . LYS A 1 42  ? 7.811   3.595   -6.093  1.00 42.39  ? 38  LYS A CE  1 
ATOM   347  N NZ  . LYS A 1 42  ? 7.098   2.613   -6.928  1.00 38.78  ? 38  LYS A NZ  1 
ATOM   348  N N   . ALA A 1 43  ? 11.173  5.165   -1.651  1.00 40.79  ? 39  ALA A N   1 
ATOM   349  C CA  . ALA A 1 43  ? 10.418  5.705   -0.541  1.00 42.80  ? 39  ALA A CA  1 
ATOM   350  C C   . ALA A 1 43  ? 10.992  7.061   -0.158  1.00 47.14  ? 39  ALA A C   1 
ATOM   351  O O   . ALA A 1 43  ? 10.235  7.961   0.206   1.00 43.79  ? 39  ALA A O   1 
ATOM   352  C CB  . ALA A 1 43  ? 10.459  4.745   0.635   1.00 43.56  ? 39  ALA A CB  1 
ATOM   353  N N   . LYS A 1 44  ? 12.326  7.184   -0.212  1.00 44.96  ? 40  LYS A N   1 
ATOM   354  C CA  . LYS A 1 44  ? 12.986  8.419   0.179   1.00 46.04  ? 40  LYS A CA  1 
ATOM   355  C C   . LYS A 1 44  ? 12.615  9.517   -0.803  1.00 47.71  ? 40  LYS A C   1 
ATOM   356  O O   . LYS A 1 44  ? 12.251  10.626  -0.423  1.00 42.96  ? 40  LYS A O   1 
ATOM   357  C CB  . LYS A 1 44  ? 14.501  8.216   0.290   1.00 52.47  ? 40  LYS A CB  1 
ATOM   358  C CG  . LYS A 1 44  ? 15.253  9.442   0.777   1.00 68.21  ? 40  LYS A CG  1 
ATOM   359  C CD  . LYS A 1 44  ? 16.458  9.161   1.653   1.00 80.86  ? 40  LYS A CD  1 
ATOM   360  C CE  . LYS A 1 44  ? 16.886  10.409  2.402   1.00 95.71  ? 40  LYS A CE  1 
ATOM   361  N NZ  . LYS A 1 44  ? 17.655  10.091  3.629   1.00 104.15 ? 40  LYS A NZ  1 
ATOM   362  N N   . LEU A 1 45  ? 12.679  9.180   -2.086  1.00 45.43  ? 41  LEU A N   1 
ATOM   363  C CA  . LEU A 1 45  ? 12.305  10.102  -3.142  1.00 49.21  ? 41  LEU A CA  1 
ATOM   364  C C   . LEU A 1 45  ? 10.852  10.579  -2.982  1.00 44.22  ? 41  LEU A C   1 
ATOM   365  O O   . LEU A 1 45  ? 10.530  11.723  -3.289  1.00 44.30  ? 41  LEU A O   1 
ATOM   366  C CB  . LEU A 1 45  ? 12.530  9.315   -4.436  1.00 51.53  ? 41  LEU A CB  1 
ATOM   367  C CG  . LEU A 1 45  ? 12.531  10.080  -5.743  1.00 56.81  ? 41  LEU A CG  1 
ATOM   368  C CD1 . LEU A 1 45  ? 13.304  11.382  -5.600  1.00 63.44  ? 41  LEU A CD1 1 
ATOM   369  C CD2 . LEU A 1 45  ? 13.155  9.197   -6.811  1.00 58.48  ? 41  LEU A CD2 1 
ATOM   370  N N   . LEU A 1 46  ? 9.970   9.714   -2.476  1.00 43.29  ? 42  LEU A N   1 
ATOM   371  C CA  . LEU A 1 46  ? 8.584   10.075  -2.232  1.00 46.58  ? 42  LEU A CA  1 
ATOM   372  C C   . LEU A 1 46  ? 8.381   10.850  -0.921  1.00 49.87  ? 42  LEU A C   1 
ATOM   373  O O   . LEU A 1 46  ? 7.227   11.090  -0.564  1.00 50.19  ? 42  LEU A O   1 
ATOM   374  C CB  . LEU A 1 46  ? 7.729   8.792   -2.224  1.00 43.53  ? 42  LEU A CB  1 
ATOM   375  C CG  . LEU A 1 46  ? 7.701   8.020   -3.541  1.00 48.35  ? 42  LEU A CG  1 
ATOM   376  C CD1 . LEU A 1 46  ? 6.592   6.979   -3.573  1.00 47.04  ? 42  LEU A CD1 1 
ATOM   377  C CD2 . LEU A 1 46  ? 7.583   8.953   -4.721  1.00 51.42  ? 42  LEU A CD2 1 
ATOM   378  N N   . GLY A 1 47  ? 9.449   11.173  -0.175  1.00 49.33  ? 43  GLY A N   1 
ATOM   379  C CA  . GLY A 1 47  ? 9.328   11.952  1.059   1.00 48.31  ? 43  GLY A CA  1 
ATOM   380  C C   . GLY A 1 47  ? 8.848   11.146  2.277   1.00 51.96  ? 43  GLY A C   1 
ATOM   381  O O   . GLY A 1 47  ? 8.624   11.712  3.347   1.00 45.49  ? 43  GLY A O   1 
ATOM   382  N N   . PHE A 1 48  ? 8.788   9.809   2.165   1.00 41.46  ? 44  PHE A N   1 
ATOM   383  C CA  . PHE A 1 48  ? 8.305   8.969   3.242   1.00 42.38  ? 44  PHE A CA  1 
ATOM   384  C C   . PHE A 1 48  ? 9.343   8.918   4.352   1.00 44.93  ? 44  PHE A C   1 
ATOM   385  O O   . PHE A 1 48  ? 10.509  9.164   4.107   1.00 49.60  ? 44  PHE A O   1 
ATOM   386  C CB  . PHE A 1 48  ? 8.046   7.544   2.720   1.00 46.23  ? 44  PHE A CB  1 
ATOM   387  C CG  . PHE A 1 48  ? 6.951   7.387   1.694   1.00 47.12  ? 44  PHE A CG  1 
ATOM   388  C CD1 . PHE A 1 48  ? 6.060   8.411   1.415   1.00 47.61  ? 44  PHE A CD1 1 
ATOM   389  C CD2 . PHE A 1 48  ? 6.775   6.182   1.027   1.00 41.94  ? 44  PHE A CD2 1 
ATOM   390  C CE1 . PHE A 1 48  ? 5.027   8.242   0.506   1.00 44.08  ? 44  PHE A CE1 1 
ATOM   391  C CE2 . PHE A 1 48  ? 5.750   6.020   0.107   1.00 44.72  ? 44  PHE A CE2 1 
ATOM   392  C CZ  . PHE A 1 48  ? 4.857   7.037   -0.132  1.00 46.18  ? 44  PHE A CZ  1 
ATOM   393  N N   . GLY A 1 49  ? 8.939   8.484   5.547   1.00 46.60  ? 45  GLY A N   1 
ATOM   394  C CA  . GLY A 1 49  ? 9.846   8.376   6.681   1.00 48.25  ? 45  GLY A CA  1 
ATOM   395  C C   . GLY A 1 49  ? 10.975  7.347   6.525   1.00 55.99  ? 45  GLY A C   1 
ATOM   396  O O   . GLY A 1 49  ? 10.880  6.352   5.797   1.00 48.28  ? 45  GLY A O   1 
ATOM   397  N N   . GLU A 1 50  ? 12.056  7.602   7.273   1.00 46.31  ? 46  GLU A N   1 
ATOM   398  C CA  . GLU A 1 50  ? 13.202  6.710   7.365   1.00 50.85  ? 46  GLU A CA  1 
ATOM   399  C C   . GLU A 1 50  ? 12.737  5.278   7.614   1.00 45.49  ? 46  GLU A C   1 
ATOM   400  O O   . GLU A 1 50  ? 11.866  5.045   8.454   1.00 41.16  ? 46  GLU A O   1 
ATOM   401  C CB  . GLU A 1 50  ? 14.096  7.194   8.518   1.00 47.12  ? 46  GLU A CB  1 
ATOM   402  C CG  . GLU A 1 50  ? 15.433  6.483   8.631   1.00 56.11  ? 46  GLU A CG  1 
ATOM   403  C CD  . GLU A 1 50  ? 16.258  6.839   9.862   1.00 50.28  ? 46  GLU A CD  1 
ATOM   404  O OE1 . GLU A 1 50  ? 17.210  6.128   10.127  1.00 58.90  ? 46  GLU A OE1 1 
ATOM   405  O OE2 . GLU A 1 50  ? 15.924  7.799   10.569  1.00 48.87  ? 46  GLU A OE2 1 
ATOM   406  N N   . GLY A 1 51  ? 13.363  4.306   6.931   1.00 45.36  ? 47  GLY A N   1 
ATOM   407  C CA  . GLY A 1 51  ? 13.066  2.885   7.133   1.00 41.06  ? 47  GLY A CA  1 
ATOM   408  C C   . GLY A 1 51  ? 11.902  2.347   6.305   1.00 41.39  ? 47  GLY A C   1 
ATOM   409  O O   . GLY A 1 51  ? 11.692  1.125   6.214   1.00 44.63  ? 47  GLY A O   1 
ATOM   410  N N   . THR A 1 52  ? 11.112  3.261   5.730   1.00 40.76  ? 48  THR A N   1 
ATOM   411  C CA  . THR A 1 52  ? 9.988   2.882   4.892   1.00 42.61  ? 48  THR A CA  1 
ATOM   412  C C   . THR A 1 52  ? 10.503  2.348   3.556   1.00 41.06  ? 48  THR A C   1 
ATOM   413  O O   . THR A 1 52  ? 11.487  2.846   3.002   1.00 38.22  ? 48  THR A O   1 
ATOM   414  C CB  . THR A 1 52  ? 8.990   4.042   4.785   1.00 43.56  ? 48  THR A CB  1 
ATOM   415  O OG1 . THR A 1 52  ? 8.309   4.135   6.040   1.00 45.52  ? 48  THR A OG1 1 
ATOM   416  C CG2 . THR A 1 52  ? 7.970   3.894   3.679   1.00 44.84  ? 48  THR A CG2 1 
ATOM   417  N N   . SER A 1 53  ? 9.775   1.370   3.005   1.00 37.42  ? 49  SER A N   1 
ATOM   418  C CA  . SER A 1 53  ? 10.172  0.796   1.733   1.00 38.14  ? 49  SER A CA  1 
ATOM   419  C C   . SER A 1 53  ? 8.930   0.584   0.876   1.00 43.53  ? 49  SER A C   1 
ATOM   420  O O   . SER A 1 53  ? 7.841   0.306   1.398   1.00 40.70  ? 49  SER A O   1 
ATOM   421  C CB  . SER A 1 53  ? 10.961  -0.494  1.957   1.00 41.20  ? 49  SER A CB  1 
ATOM   422  O OG  . SER A 1 53  ? 10.138  -1.502  2.514   1.00 39.01  ? 49  SER A OG  1 
ATOM   423  N N   . ILE A 1 54  ? 9.121   0.703   -0.440  1.00 39.36  ? 50  ILE A N   1 
ATOM   424  C CA  . ILE A 1 54  ? 8.020   0.555   -1.375  1.00 39.38  ? 50  ILE A CA  1 
ATOM   425  C C   . ILE A 1 54  ? 8.541   -0.071  -2.663  1.00 38.93  ? 50  ILE A C   1 
ATOM   426  O O   . ILE A 1 54  ? 9.538   0.366   -3.239  1.00 36.60  ? 50  ILE A O   1 
ATOM   427  C CB  . ILE A 1 54  ? 7.290   1.900   -1.572  1.00 42.49  ? 50  ILE A CB  1 
ATOM   428  C CG1 . ILE A 1 54  ? 6.108   1.806   -2.539  1.00 42.81  ? 50  ILE A CG1 1 
ATOM   429  C CG2 . ILE A 1 54  ? 8.259   2.994   -1.986  1.00 42.38  ? 50  ILE A CG2 1 
ATOM   430  C CD1 . ILE A 1 54  ? 5.313   3.101   -2.670  1.00 38.90  ? 50  ILE A CD1 1 
ATOM   431  N N   . TYR A 1 55  ? 7.822   -1.103  -3.097  1.00 36.32  ? 51  TYR A N   1 
ATOM   432  C CA  . TYR A 1 55  ? 8.108   -1.803  -4.328  1.00 40.66  ? 51  TYR A CA  1 
ATOM   433  C C   . TYR A 1 55  ? 7.819   -0.919  -5.537  1.00 41.19  ? 51  TYR A C   1 
ATOM   434  O O   . TYR A 1 55  ? 6.968   -0.042  -5.502  1.00 37.04  ? 51  TYR A O   1 
ATOM   435  C CB  . TYR A 1 55  ? 7.295   -3.103  -4.419  1.00 37.40  ? 51  TYR A CB  1 
ATOM   436  C CG  . TYR A 1 55  ? 7.860   -4.250  -3.632  1.00 36.91  ? 51  TYR A CG  1 
ATOM   437  C CD1 . TYR A 1 55  ? 8.525   -5.289  -4.264  1.00 42.02  ? 51  TYR A CD1 1 
ATOM   438  C CD2 . TYR A 1 55  ? 7.780   -4.275  -2.253  1.00 39.69  ? 51  TYR A CD2 1 
ATOM   439  C CE1 . TYR A 1 55  ? 9.076   -6.341  -3.552  1.00 40.08  ? 51  TYR A CE1 1 
ATOM   440  C CE2 . TYR A 1 55  ? 8.324   -5.324  -1.519  1.00 44.46  ? 51  TYR A CE2 1 
ATOM   441  C CZ  . TYR A 1 55  ? 8.952   -6.368  -2.176  1.00 43.46  ? 51  TYR A CZ  1 
ATOM   442  O OH  . TYR A 1 55  ? 9.504   -7.376  -1.459  1.00 44.25  ? 51  TYR A OH  1 
ATOM   443  N N   . ASP A 1 56  ? 8.553   -1.213  -6.616  1.00 39.84  ? 52  ASP A N   1 
ATOM   444  C CA  . ASP A 1 56  ? 8.378   -0.562  -7.905  1.00 40.15  ? 52  ASP A CA  1 
ATOM   445  C C   . ASP A 1 56  ? 6.920   -0.646  -8.347  1.00 35.70  ? 52  ASP A C   1 
ATOM   446  O O   . ASP A 1 56  ? 6.388   0.321   -8.882  1.00 37.33  ? 52  ASP A O   1 
ATOM   447  C CB  . ASP A 1 56  ? 9.282   -1.179  -8.982  1.00 37.07  ? 52  ASP A CB  1 
ATOM   448  C CG  . ASP A 1 56  ? 8.976   -0.656  -10.387 1.00 41.39  ? 52  ASP A CG  1 
ATOM   449  O OD1 . ASP A 1 56  ? 9.056   0.554   -10.577 1.00 36.58  ? 52  ASP A OD1 1 
ATOM   450  O OD2 . ASP A 1 56  ? 8.623   -1.454  -11.263 1.00 38.19  ? 52  ASP A OD2 1 
ATOM   451  N N   . SER A 1 57  ? 6.281   -1.802  -8.129  1.00 36.72  ? 53  SER A N   1 
ATOM   452  C CA  . SER A 1 57  ? 4.960   -2.094  -8.666  1.00 38.25  ? 53  SER A CA  1 
ATOM   453  C C   . SER A 1 57  ? 3.836   -1.282  -7.988  1.00 39.96  ? 53  SER A C   1 
ATOM   454  O O   . SER A 1 57  ? 2.696   -1.300  -8.453  1.00 39.49  ? 53  SER A O   1 
ATOM   455  C CB  . SER A 1 57  ? 4.674   -3.574  -8.563  1.00 38.72  ? 53  SER A CB  1 
ATOM   456  O OG  . SER A 1 57  ? 4.706   -3.987  -7.191  1.00 38.14  ? 53  SER A OG  1 
ATOM   457  N N   . SER A 1 58  ? 4.158   -0.590  -6.895  1.00 41.12  ? 54  SER A N   1 
ATOM   458  C CA  . SER A 1 58  ? 3.244   0.286   -6.173  1.00 42.11  ? 54  SER A CA  1 
ATOM   459  C C   . SER A 1 58  ? 2.936   1.589   -6.910  1.00 39.59  ? 54  SER A C   1 
ATOM   460  O O   . SER A 1 58  ? 3.817   2.239   -7.485  1.00 41.92  ? 54  SER A O   1 
ATOM   461  C CB  . SER A 1 58  ? 3.850   0.577   -4.804  1.00 44.21  ? 54  SER A CB  1 
ATOM   462  O OG  . SER A 1 58  ? 2.920   1.216   -3.978  1.00 45.66  ? 54  SER A OG  1 
ATOM   463  N N   . ILE A 1 59  ? 1.675   2.039   -6.825  1.00 38.41  ? 55  ILE A N   1 
ATOM   464  C CA  . ILE A 1 59  ? 1.237   3.324   -7.365  1.00 39.36  ? 55  ILE A CA  1 
ATOM   465  C C   . ILE A 1 59  ? 0.904   4.286   -6.224  1.00 41.71  ? 55  ILE A C   1 
ATOM   466  O O   . ILE A 1 59  ? 0.116   3.958   -5.343  1.00 42.32  ? 55  ILE A O   1 
ATOM   467  C CB  . ILE A 1 59  ? 0.030   3.144   -8.308  1.00 41.03  ? 55  ILE A CB  1 
ATOM   468  C CG1 . ILE A 1 59  ? 0.434   2.327   -9.537  1.00 44.56  ? 55  ILE A CG1 1 
ATOM   469  C CG2 . ILE A 1 59  ? -0.614  4.472   -8.686  1.00 40.39  ? 55  ILE A CG2 1 
ATOM   470  C CD1 . ILE A 1 59  ? -0.698  1.892   -10.408 1.00 39.56  ? 55  ILE A CD1 1 
ATOM   471  N N   . VAL A 1 60  ? 1.479   5.496   -6.281  1.00 41.18  ? 56  VAL A N   1 
ATOM   472  C CA  . VAL A 1 60  ? 1.270   6.505   -5.259  1.00 42.34  ? 56  VAL A CA  1 
ATOM   473  C C   . VAL A 1 60  ? 0.744   7.754   -5.947  1.00 44.43  ? 56  VAL A C   1 
ATOM   474  O O   . VAL A 1 60  ? 1.427   8.331   -6.783  1.00 43.77  ? 56  VAL A O   1 
ATOM   475  C CB  . VAL A 1 60  ? 2.556   6.797   -4.481  1.00 40.87  ? 56  VAL A CB  1 
ATOM   476  C CG1 . VAL A 1 60  ? 2.331   7.833   -3.383  1.00 41.16  ? 56  VAL A CG1 1 
ATOM   477  C CG2 . VAL A 1 60  ? 3.155   5.532   -3.896  1.00 39.93  ? 56  VAL A CG2 1 
ATOM   478  N N   . LEU A 1 61  ? -0.496  8.125   -5.625  1.00 43.48  ? 57  LEU A N   1 
ATOM   479  C CA  . LEU A 1 61  ? -1.164  9.245   -6.272  1.00 41.92  ? 57  LEU A CA  1 
ATOM   480  C C   . LEU A 1 61  ? -1.314  10.388  -5.278  1.00 46.64  ? 57  LEU A C   1 
ATOM   481  O O   . LEU A 1 61  ? -1.768  10.195  -4.146  1.00 46.83  ? 57  LEU A O   1 
ATOM   482  C CB  . LEU A 1 61  ? -2.540  8.810   -6.774  1.00 45.89  ? 57  LEU A CB  1 
ATOM   483  C CG  . LEU A 1 61  ? -2.592  7.575   -7.669  1.00 47.49  ? 57  LEU A CG  1 
ATOM   484  C CD1 . LEU A 1 61  ? -4.036  7.247   -7.993  1.00 54.89  ? 57  LEU A CD1 1 
ATOM   485  C CD2 . LEU A 1 61  ? -1.807  7.769   -8.953  1.00 49.81  ? 57  LEU A CD2 1 
ATOM   486  N N   . GLY A 1 62  ? -0.883  11.575  -5.713  1.00 46.95  ? 58  GLY A N   1 
ATOM   487  C CA  . GLY A 1 62  ? -1.192  12.818  -5.018  1.00 51.03  ? 58  GLY A CA  1 
ATOM   488  C C   . GLY A 1 62  ? -0.505  12.905  -3.665  1.00 52.99  ? 58  GLY A C   1 
ATOM   489  O O   . GLY A 1 62  ? 0.606   12.413  -3.541  1.00 48.01  ? 58  GLY A O   1 
ATOM   490  N N   . GLU A 1 63  ? -1.198  13.472  -2.657  1.00 50.05  ? 59  GLU A N   1 
ATOM   491  C CA  . GLU A 1 63  ? -0.616  13.795  -1.361  1.00 53.74  ? 59  GLU A CA  1 
ATOM   492  C C   . GLU A 1 63  ? -0.672  12.550  -0.489  1.00 54.17  ? 59  GLU A C   1 
ATOM   493  O O   . GLU A 1 63  ? -1.715  12.160  0.051   1.00 47.92  ? 59  GLU A O   1 
ATOM   494  C CB  . GLU A 1 63  ? -1.297  15.017  -0.717  1.00 61.96  ? 59  GLU A CB  1 
ATOM   495  C CG  . GLU A 1 63  ? -0.616  15.563  0.544   1.00 76.38  ? 59  GLU A CG  1 
ATOM   496  C CD  . GLU A 1 63  ? -1.297  16.763  1.216   1.00 88.56  ? 59  GLU A CD  1 
ATOM   497  O OE1 . GLU A 1 63  ? -2.469  16.635  1.664   1.00 80.13  ? 59  GLU A OE1 1 
ATOM   498  O OE2 . GLU A 1 63  ? -0.664  17.847  1.304   1.00 79.92  ? 59  GLU A OE2 1 
ATOM   499  N N   . VAL A 1 64  ? 0.482   11.892  -0.379  1.00 46.87  ? 60  VAL A N   1 
ATOM   500  C CA  . VAL A 1 64  ? 0.590   10.746  0.487   1.00 45.91  ? 60  VAL A CA  1 
ATOM   501  C C   . VAL A 1 64  ? 1.751   10.966  1.445   1.00 46.50  ? 60  VAL A C   1 
ATOM   502  O O   . VAL A 1 64  ? 2.896   11.155  1.022   1.00 48.23  ? 60  VAL A O   1 
ATOM   503  C CB  . VAL A 1 64  ? 0.814   9.452   -0.310  1.00 44.67  ? 60  VAL A CB  1 
ATOM   504  C CG1 . VAL A 1 64  ? 0.979   8.255   0.611   1.00 43.49  ? 60  VAL A CG1 1 
ATOM   505  C CG2 . VAL A 1 64  ? -0.276  9.219   -1.313  1.00 43.54  ? 60  VAL A CG2 1 
ATOM   506  N N   . LYS A 1 65  ? 1.465   10.789  2.728   1.00 45.31  ? 61  LYS A N   1 
ATOM   507  C CA  . LYS A 1 65  ? 2.492   10.903  3.743   1.00 46.96  ? 61  LYS A CA  1 
ATOM   508  C C   . LYS A 1 65  ? 2.602   9.587   4.486   1.00 43.87  ? 61  LYS A C   1 
ATOM   509  O O   . LYS A 1 65  ? 1.604   8.946   4.803   1.00 53.09  ? 61  LYS A O   1 
ATOM   510  C CB  . LYS A 1 65  ? 2.160   12.086  4.656   1.00 58.08  ? 61  LYS A CB  1 
ATOM   511  C CG  . LYS A 1 65  ? 2.136   13.434  3.943   1.00 71.44  ? 61  LYS A CG  1 
ATOM   512  C CD  . LYS A 1 65  ? 3.402   14.269  4.078   1.00 76.13  ? 61  LYS A CD  1 
ATOM   513  C CE  . LYS A 1 65  ? 3.261   15.632  3.427   1.00 88.96  ? 61  LYS A CE  1 
ATOM   514  N NZ  . LYS A 1 65  ? 2.049   16.355  3.891   1.00 92.24  ? 61  LYS A NZ  1 
ATOM   515  N N   . VAL A 1 66  ? 3.838   9.145   4.719   1.00 43.73  ? 62  VAL A N   1 
ATOM   516  C CA  . VAL A 1 66  ? 4.044   7.881   5.403   1.00 44.54  ? 62  VAL A CA  1 
ATOM   517  C C   . VAL A 1 66  ? 5.136   8.069   6.449   1.00 44.55  ? 62  VAL A C   1 
ATOM   518  O O   . VAL A 1 66  ? 6.141   8.736   6.195   1.00 46.17  ? 62  VAL A O   1 
ATOM   519  C CB  . VAL A 1 66  ? 4.456   6.749   4.440   1.00 45.06  ? 62  VAL A CB  1 
ATOM   520  C CG1 . VAL A 1 66  ? 4.731   5.468   5.200   1.00 42.77  ? 62  VAL A CG1 1 
ATOM   521  C CG2 . VAL A 1 66  ? 3.436   6.522   3.346   1.00 47.31  ? 62  VAL A CG2 1 
ATOM   522  N N   . GLY A 1 67  ? 4.961   7.399   7.591   1.00 51.30  ? 63  GLY A N   1 
ATOM   523  C CA  . GLY A 1 67  ? 5.883   7.531   8.706   1.00 49.28  ? 63  GLY A CA  1 
ATOM   524  C C   . GLY A 1 67  ? 7.122   6.669   8.491   1.00 50.43  ? 63  GLY A C   1 
ATOM   525  O O   . GLY A 1 67  ? 7.429   6.301   7.363   1.00 49.47  ? 63  GLY A O   1 
ATOM   526  N N   . LYS A 1 68  ? 7.787   6.348   9.600   1.00 42.54  ? 64  LYS A N   1 
ATOM   527  C CA  . LYS A 1 68  ? 8.984   5.518   9.663   1.00 49.79  ? 64  LYS A CA  1 
ATOM   528  C C   . LYS A 1 68  ? 8.689   4.019   9.670   1.00 45.14  ? 64  LYS A C   1 
ATOM   529  O O   . LYS A 1 68  ? 7.738   3.553   10.303  1.00 47.83  ? 64  LYS A O   1 
ATOM   530  C CB  . LYS A 1 68  ? 9.714   5.750   10.989  1.00 54.08  ? 64  LYS A CB  1 
ATOM   531  C CG  . LYS A 1 68  ? 10.495  7.051   11.134  1.00 60.48  ? 64  LYS A CG  1 
ATOM   532  C CD  . LYS A 1 68  ? 11.159  7.102   12.517  1.00 64.61  ? 64  LYS A CD  1 
ATOM   533  C CE  . LYS A 1 68  ? 12.593  7.596   12.525  1.00 77.72  ? 64  LYS A CE  1 
ATOM   534  N NZ  . LYS A 1 68  ? 13.297  7.239   13.788  1.00 63.66  ? 64  LYS A NZ  1 
ATOM   535  N N   . ASP A 1 69  ? 9.606   3.258   9.057   1.00 46.10  ? 65  ASP A N   1 
ATOM   536  C CA  . ASP A 1 69  ? 9.662   1.802   9.126   1.00 44.84  ? 65  ASP A CA  1 
ATOM   537  C C   . ASP A 1 69  ? 8.324   1.193   8.712   1.00 42.07  ? 65  ASP A C   1 
ATOM   538  O O   . ASP A 1 69  ? 7.906   0.194   9.266   1.00 45.20  ? 65  ASP A O   1 
ATOM   539  C CB  . ASP A 1 69  ? 10.146  1.322   10.504  1.00 48.30  ? 65  ASP A CB  1 
ATOM   540  C CG  . ASP A 1 69  ? 11.518  1.859   10.867  1.00 53.70  ? 65  ASP A CG  1 
ATOM   541  O OD1 . ASP A 1 69  ? 12.473  1.578   10.125  1.00 49.17  ? 65  ASP A OD1 1 
ATOM   542  O OD2 . ASP A 1 69  ? 11.624  2.555   11.892  1.00 51.77  ? 65  ASP A OD2 1 
ATOM   543  N N   . THR A 1 70  ? 7.686   1.760   7.687   1.00 41.16  ? 66  THR A N   1 
ATOM   544  C CA  . THR A 1 70  ? 6.479   1.172   7.157   1.00 40.89  ? 66  THR A CA  1 
ATOM   545  C C   . THR A 1 70  ? 6.877   0.410   5.892   1.00 45.59  ? 66  THR A C   1 
ATOM   546  O O   . THR A 1 70  ? 7.665   0.921   5.079   1.00 41.95  ? 66  THR A O   1 
ATOM   547  C CB  . THR A 1 70  ? 5.433   2.287   6.972   1.00 47.76  ? 66  THR A CB  1 
ATOM   548  O OG1 . THR A 1 70  ? 4.834   2.600   8.237   1.00 43.60  ? 66  THR A OG1 1 
ATOM   549  C CG2 . THR A 1 70  ? 4.370   1.947   5.952   1.00 44.87  ? 66  THR A CG2 1 
ATOM   550  N N   . TRP A 1 71  ? 6.334   -0.809  5.748   1.00 44.47  ? 67  TRP A N   1 
ATOM   551  C CA  . TRP A 1 71  ? 6.575   -1.678  4.605   1.00 40.55  ? 67  TRP A CA  1 
ATOM   552  C C   . TRP A 1 71  ? 5.405   -1.575  3.620   1.00 39.66  ? 67  TRP A C   1 
ATOM   553  O O   . TRP A 1 71  ? 4.292   -1.931  3.965   1.00 42.18  ? 67  TRP A O   1 
ATOM   554  C CB  . TRP A 1 71  ? 6.825   -3.115  5.088   1.00 42.43  ? 67  TRP A CB  1 
ATOM   555  C CG  . TRP A 1 71  ? 7.266   -4.099  4.043   1.00 45.26  ? 67  TRP A CG  1 
ATOM   556  C CD1 . TRP A 1 71  ? 8.565   -4.413  3.744   1.00 50.30  ? 67  TRP A CD1 1 
ATOM   557  C CD2 . TRP A 1 71  ? 6.458   -4.942  3.194   1.00 49.65  ? 67  TRP A CD2 1 
ATOM   558  N NE1 . TRP A 1 71  ? 8.616   -5.373  2.767   1.00 46.94  ? 67  TRP A NE1 1 
ATOM   559  C CE2 . TRP A 1 71  ? 7.343   -5.711  2.400   1.00 47.16  ? 67  TRP A CE2 1 
ATOM   560  C CE3 . TRP A 1 71  ? 5.079   -5.122  3.002   1.00 51.52  ? 67  TRP A CE3 1 
ATOM   561  C CZ2 . TRP A 1 71  ? 6.897   -6.662  1.474   1.00 44.39  ? 67  TRP A CZ2 1 
ATOM   562  C CZ3 . TRP A 1 71  ? 4.638   -6.046  2.079   1.00 47.78  ? 67  TRP A CZ3 1 
ATOM   563  C CH2 . TRP A 1 71  ? 5.536   -6.828  1.344   1.00 49.22  ? 67  TRP A CH2 1 
ATOM   564  N N   . ILE A 1 72  ? 5.669   -1.064  2.407   1.00 37.26  ? 68  ILE A N   1 
ATOM   565  C CA  . ILE A 1 72  ? 4.668   -0.937  1.368   1.00 38.35  ? 68  ILE A CA  1 
ATOM   566  C C   . ILE A 1 72  ? 4.939   -2.003  0.330   1.00 40.45  ? 68  ILE A C   1 
ATOM   567  O O   . ILE A 1 72  ? 5.948   -1.935  -0.348  1.00 41.75  ? 68  ILE A O   1 
ATOM   568  C CB  . ILE A 1 72  ? 4.653   0.478   0.786   1.00 41.65  ? 68  ILE A CB  1 
ATOM   569  C CG1 . ILE A 1 72  ? 4.608   1.523   1.904   1.00 44.38  ? 68  ILE A CG1 1 
ATOM   570  C CG2 . ILE A 1 72  ? 3.516   0.639   -0.227  1.00 41.24  ? 68  ILE A CG2 1 
ATOM   571  C CD1 . ILE A 1 72  ? 4.786   2.930   1.451   1.00 48.43  ? 68  ILE A CD1 1 
ATOM   572  N N   . GLY A 1 73  ? 4.001   -2.944  0.208   1.00 38.42  ? 69  GLY A N   1 
ATOM   573  C CA  . GLY A 1 73  ? 4.223   -4.167  -0.510  1.00 36.32  ? 69  GLY A CA  1 
ATOM   574  C C   . GLY A 1 73  ? 4.020   -4.005  -2.021  1.00 36.33  ? 69  GLY A C   1 
ATOM   575  O O   . GLY A 1 73  ? 3.635   -2.956  -2.536  1.00 36.09  ? 69  GLY A O   1 
ATOM   576  N N   . PRO A 1 74  ? 4.172   -5.113  -2.754  1.00 38.85  ? 70  PRO A N   1 
ATOM   577  C CA  . PRO A 1 74  ? 3.960   -5.108  -4.200  1.00 42.62  ? 70  PRO A CA  1 
ATOM   578  C C   . PRO A 1 74  ? 2.490   -4.961  -4.548  1.00 42.82  ? 70  PRO A C   1 
ATOM   579  O O   . PRO A 1 74  ? 1.613   -5.363  -3.779  1.00 39.44  ? 70  PRO A O   1 
ATOM   580  C CB  . PRO A 1 74  ? 4.529   -6.459  -4.654  1.00 40.29  ? 70  PRO A CB  1 
ATOM   581  C CG  . PRO A 1 74  ? 4.495   -7.333  -3.419  1.00 43.96  ? 70  PRO A CG  1 
ATOM   582  C CD  . PRO A 1 74  ? 4.622   -6.408  -2.238  1.00 41.87  ? 70  PRO A CD  1 
ATOM   583  N N   . ASN A 1 75  ? 2.240   -4.386  -5.731  1.00 38.59  ? 71  ASN A N   1 
ATOM   584  C CA  . ASN A 1 75  ? 0.923   -4.395  -6.336  1.00 40.57  ? 71  ASN A CA  1 
ATOM   585  C C   . ASN A 1 75  ? -0.078  -3.634  -5.471  1.00 43.62  ? 71  ASN A C   1 
ATOM   586  O O   . ASN A 1 75  ? -1.275  -3.914  -5.568  1.00 42.40  ? 71  ASN A O   1 
ATOM   587  C CB  . ASN A 1 75  ? 0.423   -5.810  -6.635  1.00 41.03  ? 71  ASN A CB  1 
ATOM   588  C CG  . ASN A 1 75  ? 1.492   -6.703  -7.239  1.00 46.50  ? 71  ASN A CG  1 
ATOM   589  O OD1 . ASN A 1 75  ? 1.566   -7.912  -6.962  1.00 49.64  ? 71  ASN A OD1 1 
ATOM   590  N ND2 . ASN A 1 75  ? 2.289   -6.120  -8.121  1.00 40.48  ? 71  ASN A ND2 1 
ATOM   591  N N   . THR A 1 76  ? 0.421   -2.597  -4.771  1.00 39.57  ? 72  THR A N   1 
ATOM   592  C CA  . THR A 1 76  ? -0.367  -1.772  -3.890  1.00 41.21  ? 72  THR A CA  1 
ATOM   593  C C   . THR A 1 76  ? -0.763  -0.467  -4.574  1.00 40.97  ? 72  THR A C   1 
ATOM   594  O O   . THR A 1 76  ? -0.169  -0.019  -5.565  1.00 42.17  ? 72  THR A O   1 
ATOM   595  C CB  . THR A 1 76  ? 0.397   -1.505  -2.595  1.00 40.90  ? 72  THR A CB  1 
ATOM   596  O OG1 . THR A 1 76  ? 1.692   -0.996  -2.915  1.00 42.12  ? 72  THR A OG1 1 
ATOM   597  C CG2 . THR A 1 76  ? 0.523   -2.749  -1.751  1.00 43.25  ? 72  THR A CG2 1 
ATOM   598  N N   . ILE A 1 77  ? -1.830  0.121   -4.058  1.00 45.56  ? 73  ILE A N   1 
ATOM   599  C CA  . ILE A 1 77  ? -2.261  1.457   -4.447  1.00 42.81  ? 73  ILE A CA  1 
ATOM   600  C C   . ILE A 1 77  ? -2.352  2.329   -3.193  1.00 43.29  ? 73  ILE A C   1 
ATOM   601  O O   . ILE A 1 77  ? -3.105  2.006   -2.262  1.00 45.87  ? 73  ILE A O   1 
ATOM   602  C CB  . ILE A 1 77  ? -3.612  1.381   -5.159  1.00 43.36  ? 73  ILE A CB  1 
ATOM   603  C CG1 . ILE A 1 77  ? -3.651  0.359   -6.310  1.00 45.20  ? 73  ILE A CG1 1 
ATOM   604  C CG2 . ILE A 1 77  ? -4.070  2.759   -5.582  1.00 42.28  ? 73  ILE A CG2 1 
ATOM   605  C CD1 . ILE A 1 77  ? -3.081  0.835   -7.596  1.00 52.62  ? 73  ILE A CD1 1 
ATOM   606  N N   . LEU A 1 78  ? -1.615  3.449   -3.177  1.00 41.54  ? 74  LEU A N   1 
ATOM   607  C CA  . LEU A 1 78  ? -1.751  4.457   -2.131  1.00 44.28  ? 74  LEU A CA  1 
ATOM   608  C C   . LEU A 1 78  ? -2.245  5.740   -2.795  1.00 41.53  ? 74  LEU A C   1 
ATOM   609  O O   . LEU A 1 78  ? -1.475  6.458   -3.441  1.00 43.77  ? 74  LEU A O   1 
ATOM   610  C CB  . LEU A 1 78  ? -0.431  4.709   -1.378  1.00 48.46  ? 74  LEU A CB  1 
ATOM   611  C CG  . LEU A 1 78  ? 0.346   3.510   -0.819  1.00 56.28  ? 74  LEU A CG  1 
ATOM   612  C CD1 . LEU A 1 78  ? 1.282   3.957   0.297   1.00 54.17  ? 74  LEU A CD1 1 
ATOM   613  C CD2 . LEU A 1 78  ? -0.529  2.386   -0.321  1.00 62.16  ? 74  LEU A CD2 1 
ATOM   614  N N   . ASP A 1 79  ? -3.563  5.970   -2.733  1.00 45.70  ? 75  ASP A N   1 
ATOM   615  C CA  . ASP A 1 79  ? -4.178  7.058   -3.478  1.00 42.37  ? 75  ASP A CA  1 
ATOM   616  C C   . ASP A 1 79  ? -4.522  8.195   -2.529  1.00 48.91  ? 75  ASP A C   1 
ATOM   617  O O   . ASP A 1 79  ? -5.497  8.087   -1.782  1.00 50.26  ? 75  ASP A O   1 
ATOM   618  C CB  . ASP A 1 79  ? -5.423  6.598   -4.236  1.00 44.62  ? 75  ASP A CB  1 
ATOM   619  C CG  . ASP A 1 79  ? -6.371  7.725   -4.630  1.00 44.87  ? 75  ASP A CG  1 
ATOM   620  O OD1 . ASP A 1 79  ? -7.591  7.572   -4.327  1.00 45.17  ? 75  ASP A OD1 1 
ATOM   621  O OD2 . ASP A 1 79  ? -5.907  8.752   -5.215  1.00 44.70  ? 75  ASP A OD2 1 
ATOM   622  N N   . GLY A 1 80  ? -3.714  9.259   -2.589  1.00 43.76  ? 76  GLY A N   1 
ATOM   623  C CA  . GLY A 1 80  ? -3.965  10.478  -1.843  1.00 48.52  ? 76  GLY A CA  1 
ATOM   624  C C   . GLY A 1 80  ? -4.583  11.574  -2.711  1.00 46.08  ? 76  GLY A C   1 
ATOM   625  O O   . GLY A 1 80  ? -4.582  12.733  -2.319  1.00 53.32  ? 76  GLY A O   1 
ATOM   626  N N   . SER A 1 81  ? -5.118  11.237  -3.884  1.00 48.73  ? 77  SER A N   1 
ATOM   627  C CA  . SER A 1 81  ? -5.519  12.282  -4.830  1.00 47.36  ? 77  SER A CA  1 
ATOM   628  C C   . SER A 1 81  ? -6.729  13.089  -4.351  1.00 53.29  ? 77  SER A C   1 
ATOM   629  O O   . SER A 1 81  ? -6.981  14.180  -4.876  1.00 54.03  ? 77  SER A O   1 
ATOM   630  C CB  . SER A 1 81  ? -5.831  11.713  -6.157  1.00 48.10  ? 77  SER A CB  1 
ATOM   631  O OG  . SER A 1 81  ? -6.973  10.869  -6.066  1.00 53.25  ? 77  SER A OG  1 
ATOM   632  N N   . GLY A 1 82  ? -7.528  12.530  -3.434  1.00 53.97  ? 78  GLY A N   1 
ATOM   633  C CA  . GLY A 1 82  ? -8.764  13.190  -3.046  1.00 61.27  ? 78  GLY A CA  1 
ATOM   634  C C   . GLY A 1 82  ? -8.712  13.806  -1.648  1.00 59.55  ? 78  GLY A C   1 
ATOM   635  O O   . GLY A 1 82  ? -9.600  13.540  -0.844  1.00 60.21  ? 78  GLY A O   1 
ATOM   636  N N   . GLY A 1 83  ? -7.683  14.622  -1.356  1.00 54.79  ? 79  GLY A N   1 
ATOM   637  C CA  . GLY A 1 83  ? -7.589  15.319  -0.075  1.00 56.39  ? 79  GLY A CA  1 
ATOM   638  C C   . GLY A 1 83  ? -6.502  14.799  0.874   1.00 59.23  ? 79  GLY A C   1 
ATOM   639  O O   . GLY A 1 83  ? -6.452  15.175  2.055   1.00 51.66  ? 79  GLY A O   1 
ATOM   640  N N   . GLY A 1 84  ? -5.620  13.918  0.387   1.00 58.70  ? 80  GLY A N   1 
ATOM   641  C CA  . GLY A 1 84  ? -4.505  13.471  1.209   1.00 51.12  ? 80  GLY A CA  1 
ATOM   642  C C   . GLY A 1 84  ? -4.787  12.147  1.905   1.00 55.33  ? 80  GLY A C   1 
ATOM   643  O O   . GLY A 1 84  ? -5.914  11.880  2.324   1.00 55.96  ? 80  GLY A O   1 
ATOM   644  N N   . LEU A 1 85  ? -3.737  11.312  1.960   1.00 51.65  ? 81  LEU A N   1 
ATOM   645  C CA  . LEU A 1 85  ? -3.728  10.048  2.665   1.00 46.94  ? 81  LEU A CA  1 
ATOM   646  C C   . LEU A 1 85  ? -2.531  10.087  3.592   1.00 47.68  ? 81  LEU A C   1 
ATOM   647  O O   . LEU A 1 85  ? -1.457  10.519  3.175   1.00 47.92  ? 81  LEU A O   1 
ATOM   648  C CB  . LEU A 1 85  ? -3.639  8.897   1.653   1.00 45.61  ? 81  LEU A CB  1 
ATOM   649  C CG  . LEU A 1 85  ? -3.197  7.554   2.210   1.00 48.33  ? 81  LEU A CG  1 
ATOM   650  C CD1 . LEU A 1 85  ? -4.246  6.987   3.142   1.00 54.58  ? 81  LEU A CD1 1 
ATOM   651  C CD2 . LEU A 1 85  ? -2.889  6.540   1.117   1.00 47.50  ? 81  LEU A CD2 1 
ATOM   652  N N   . ILE A 1 86  ? -2.743  9.718   4.862   1.00 50.38  ? 82  ILE A N   1 
ATOM   653  C CA  . ILE A 1 86  ? -1.689  9.782   5.854   1.00 47.62  ? 82  ILE A CA  1 
ATOM   654  C C   . ILE A 1 86  ? -1.586  8.416   6.489   1.00 49.34  ? 82  ILE A C   1 
ATOM   655  O O   . ILE A 1 86  ? -2.585  7.877   6.934   1.00 56.12  ? 82  ILE A O   1 
ATOM   656  C CB  . ILE A 1 86  ? -1.961  10.883  6.896   1.00 56.35  ? 82  ILE A CB  1 
ATOM   657  C CG1 . ILE A 1 86  ? -1.876  12.272  6.257   1.00 62.29  ? 82  ILE A CG1 1 
ATOM   658  C CG2 . ILE A 1 86  ? -1.025  10.745  8.092   1.00 53.03  ? 82  ILE A CG2 1 
ATOM   659  C CD1 . ILE A 1 86  ? -2.437  13.397  7.119   1.00 70.06  ? 82  ILE A CD1 1 
ATOM   660  N N   . ILE A 1 87  ? -0.369  7.860   6.497   1.00 49.54  ? 83  ILE A N   1 
ATOM   661  C CA  . ILE A 1 87  ? -0.131  6.556   7.105   1.00 50.38  ? 83  ILE A CA  1 
ATOM   662  C C   . ILE A 1 87  ? 0.965   6.724   8.165   1.00 50.43  ? 83  ILE A C   1 
ATOM   663  O O   . ILE A 1 87  ? 1.927   7.472   7.970   1.00 53.36  ? 83  ILE A O   1 
ATOM   664  C CB  . ILE A 1 87  ? 0.210   5.497   6.022   1.00 45.32  ? 83  ILE A CB  1 
ATOM   665  C CG1 . ILE A 1 87  ? -0.910  5.337   4.989   1.00 49.33  ? 83  ILE A CG1 1 
ATOM   666  C CG2 . ILE A 1 87  ? 0.551   4.175   6.677   1.00 49.76  ? 83  ILE A CG2 1 
ATOM   667  C CD1 . ILE A 1 87  ? -0.589  4.417   3.826   1.00 49.97  ? 83  ILE A CD1 1 
ATOM   668  N N   . GLY A 1 88  ? 0.822   6.003   9.284   1.00 49.77  ? 84  GLY A N   1 
ATOM   669  C CA  . GLY A 1 88  ? 1.749   6.101   10.391  1.00 48.53  ? 84  GLY A CA  1 
ATOM   670  C C   . GLY A 1 88  ? 3.023   5.286   10.162  1.00 56.30  ? 84  GLY A C   1 
ATOM   671  O O   . GLY A 1 88  ? 3.360   4.968   9.025   1.00 48.31  ? 84  GLY A O   1 
ATOM   672  N N   . SER A 1 89  ? 3.699   5.003   11.288  1.00 47.83  ? 85  SER A N   1 
ATOM   673  C CA  . SER A 1 89  ? 4.927   4.237   11.414  1.00 51.05  ? 85  SER A CA  1 
ATOM   674  C C   . SER A 1 89  ? 4.651   2.774   11.726  1.00 49.18  ? 85  SER A C   1 
ATOM   675  O O   . SER A 1 89  ? 3.633   2.464   12.331  1.00 50.12  ? 85  SER A O   1 
ATOM   676  C CB  . SER A 1 89  ? 5.766   4.830   12.524  1.00 49.32  ? 85  SER A CB  1 
ATOM   677  O OG  . SER A 1 89  ? 6.070   6.181   12.199  1.00 56.01  ? 85  SER A OG  1 
ATOM   678  N N   . ASN A 1 90  ? 5.592   1.912   11.307  1.00 48.68  ? 86  ASN A N   1 
ATOM   679  C CA  . ASN A 1 90  ? 5.649   0.495   11.634  1.00 46.34  ? 86  ASN A CA  1 
ATOM   680  C C   . ASN A 1 90  ? 4.474   -0.283  11.034  1.00 45.66  ? 86  ASN A C   1 
ATOM   681  O O   . ASN A 1 90  ? 4.207   -1.415  11.443  1.00 53.74  ? 86  ASN A O   1 
ATOM   682  C CB  . ASN A 1 90  ? 5.845   0.272   13.135  1.00 50.36  ? 86  ASN A CB  1 
ATOM   683  C CG  . ASN A 1 90  ? 7.310   0.303   13.497  1.00 56.16  ? 86  ASN A CG  1 
ATOM   684  O OD1 . ASN A 1 90  ? 8.020   -0.698  13.393  1.00 66.90  ? 86  ASN A OD1 1 
ATOM   685  N ND2 . ASN A 1 90  ? 7.792   1.470   13.857  1.00 54.54  ? 86  ASN A ND2 1 
ATOM   686  N N   . CYS A 1 91  ? 3.849   0.273   9.998   1.00 44.91  ? 87  CYS A N   1 
ATOM   687  C CA  . CYS A 1 91  ? 2.702   -0.391  9.419   1.00 49.00  ? 87  CYS A CA  1 
ATOM   688  C C   . CYS A 1 91  ? 3.135   -1.465  8.424   1.00 43.81  ? 87  CYS A C   1 
ATOM   689  O O   . CYS A 1 91  ? 4.159   -1.307  7.761   1.00 47.72  ? 87  CYS A O   1 
ATOM   690  C CB  . CYS A 1 91  ? 1.805   0.631   8.746   1.00 55.79  ? 87  CYS A CB  1 
ATOM   691  S SG  . CYS A 1 91  ? 0.967   1.709   9.941   1.00 53.94  ? 87  CYS A SG  1 
ATOM   692  N N   . SER A 1 92  ? 2.335   -2.527  8.300   1.00 47.39  ? 88  SER A N   1 
ATOM   693  C CA  . SER A 1 92  ? 2.525   -3.515  7.241   1.00 48.63  ? 88  SER A CA  1 
ATOM   694  C C   . SER A 1 92  ? 1.462   -3.286  6.168   1.00 46.65  ? 88  SER A C   1 
ATOM   695  O O   . SER A 1 92  ? 0.295   -3.488  6.424   1.00 50.96  ? 88  SER A O   1 
ATOM   696  C CB  . SER A 1 92  ? 2.454   -4.927  7.736   1.00 47.73  ? 88  SER A CB  1 
ATOM   697  O OG  . SER A 1 92  ? 3.442   -5.224  8.721   1.00 45.15  ? 88  SER A OG  1 
ATOM   698  N N   . ILE A 1 93  ? 1.835   -2.795  4.984   1.00 44.63  ? 89  ILE A N   1 
ATOM   699  C CA  . ILE A 1 93  ? 0.853   -2.631  3.924   1.00 44.42  ? 89  ILE A CA  1 
ATOM   700  C C   . ILE A 1 93  ? 1.089   -3.757  2.925   1.00 47.64  ? 89  ILE A C   1 
ATOM   701  O O   . ILE A 1 93  ? 1.976   -3.644  2.062   1.00 44.19  ? 89  ILE A O   1 
ATOM   702  C CB  . ILE A 1 93  ? 0.946   -1.244  3.273   1.00 46.84  ? 89  ILE A CB  1 
ATOM   703  C CG1 . ILE A 1 93  ? 0.935   -0.093  4.286   1.00 49.67  ? 89  ILE A CG1 1 
ATOM   704  C CG2 . ILE A 1 93  ? -0.115  -1.083  2.174   1.00 47.25  ? 89  ILE A CG2 1 
ATOM   705  C CD1 . ILE A 1 93  ? -0.254  -0.065  5.212   1.00 58.68  ? 89  ILE A CD1 1 
ATOM   706  N N   . SER A 1 94  ? 0.297   -4.833  3.067   1.00 46.86  ? 90  SER A N   1 
ATOM   707  C CA  . SER A 1 94  ? 0.545   -6.111  2.410   1.00 42.61  ? 90  SER A CA  1 
ATOM   708  C C   . SER A 1 94  ? 0.351   -6.021  0.902   1.00 40.81  ? 90  SER A C   1 
ATOM   709  O O   . SER A 1 94  ? -0.331  -5.140  0.394   1.00 37.78  ? 90  SER A O   1 
ATOM   710  C CB  . SER A 1 94  ? -0.356  -7.217  2.958   1.00 47.54  ? 90  SER A CB  1 
ATOM   711  O OG  . SER A 1 94  ? -0.041  -7.554  4.303   1.00 46.58  ? 90  SER A OG  1 
ATOM   712  N N   . ALA A 1 95  ? 0.892   -7.027  0.206   1.00 41.97  ? 91  ALA A N   1 
ATOM   713  C CA  . ALA A 1 95  ? 0.671   -7.147  -1.223  1.00 43.70  ? 91  ALA A CA  1 
ATOM   714  C C   . ALA A 1 95  ? -0.808  -6.988  -1.560  1.00 45.43  ? 91  ALA A C   1 
ATOM   715  O O   . ALA A 1 95  ? -1.681  -7.611  -0.952  1.00 43.38  ? 91  ALA A O   1 
ATOM   716  C CB  . ALA A 1 95  ? 1.160   -8.473  -1.738  1.00 43.78  ? 91  ALA A CB  1 
ATOM   717  N N   . GLY A 1 96  ? -1.058  -6.232  -2.626  1.00 38.87  ? 92  GLY A N   1 
ATOM   718  C CA  . GLY A 1 96  ? -2.393  -6.089  -3.165  1.00 42.12  ? 92  GLY A CA  1 
ATOM   719  C C   . GLY A 1 96  ? -3.292  -5.119  -2.392  1.00 40.08  ? 92  GLY A C   1 
ATOM   720  O O   . GLY A 1 96  ? -4.400  -4.875  -2.829  1.00 44.14  ? 92  GLY A O   1 
ATOM   721  N N   . VAL A 1 97  ? -2.805  -4.493  -1.319  1.00 41.52  ? 93  VAL A N   1 
ATOM   722  C CA  . VAL A 1 97  ? -3.627  -3.547  -0.586  1.00 45.40  ? 93  VAL A CA  1 
ATOM   723  C C   . VAL A 1 97  ? -3.859  -2.298  -1.426  1.00 44.01  ? 93  VAL A C   1 
ATOM   724  O O   . VAL A 1 97  ? -2.932  -1.802  -2.072  1.00 43.22  ? 93  VAL A O   1 
ATOM   725  C CB  . VAL A 1 97  ? -2.998  -3.217  0.777   1.00 45.35  ? 93  VAL A CB  1 
ATOM   726  C CG1 . VAL A 1 97  ? -3.631  -1.985  1.432   1.00 45.48  ? 93  VAL A CG1 1 
ATOM   727  C CG2 . VAL A 1 97  ? -3.089  -4.420  1.685   1.00 42.91  ? 93  VAL A CG2 1 
ATOM   728  N N   . GLN A 1 98  ? -5.105  -1.791  -1.401  1.00 43.60  ? 94  GLN A N   1 
ATOM   729  C CA  . GLN A 1 98  ? -5.507  -0.602  -2.142  1.00 41.43  ? 94  GLN A CA  1 
ATOM   730  C C   . GLN A 1 98  ? -6.216  0.368   -1.201  1.00 42.60  ? 94  GLN A C   1 
ATOM   731  O O   . GLN A 1 98  ? -7.191  -0.014  -0.557  1.00 43.17  ? 94  GLN A O   1 
ATOM   732  C CB  . GLN A 1 98  ? -6.413  -0.923  -3.331  1.00 45.64  ? 94  GLN A CB  1 
ATOM   733  C CG  . GLN A 1 98  ? -6.031  -2.161  -4.107  1.00 44.99  ? 94  GLN A CG  1 
ATOM   734  C CD  . GLN A 1 98  ? -6.904  -2.401  -5.321  1.00 38.93  ? 94  GLN A CD  1 
ATOM   735  O OE1 . GLN A 1 98  ? -6.915  -3.483  -5.908  1.00 49.05  ? 94  GLN A OE1 1 
ATOM   736  N NE2 . GLN A 1 98  ? -7.653  -1.394  -5.694  1.00 40.70  ? 94  GLN A NE2 1 
ATOM   737  N N   . ILE A 1 99  ? -5.657  1.579   -1.077  1.00 39.99  ? 95  ILE A N   1 
ATOM   738  C CA  . ILE A 1 99  ? -6.119  2.623   -0.189  1.00 44.84  ? 95  ILE A CA  1 
ATOM   739  C C   . ILE A 1 99  ? -6.505  3.826   -1.045  1.00 43.51  ? 95  ILE A C   1 
ATOM   740  O O   . ILE A 1 99  ? -5.692  4.286   -1.826  1.00 45.65  ? 95  ILE A O   1 
ATOM   741  C CB  . ILE A 1 99  ? -5.022  2.964   0.836   1.00 42.42  ? 95  ILE A CB  1 
ATOM   742  C CG1 . ILE A 1 99  ? -4.538  1.717   1.564   1.00 40.95  ? 95  ILE A CG1 1 
ATOM   743  C CG2 . ILE A 1 99  ? -5.498  4.030   1.811   1.00 47.75  ? 95  ILE A CG2 1 
ATOM   744  C CD1 . ILE A 1 99  ? -3.403  1.970   2.524   1.00 45.61  ? 95  ILE A CD1 1 
ATOM   745  N N   . TYR A 1 100 ? -7.729  4.347   -0.863  1.00 45.14  ? 96  TYR A N   1 
ATOM   746  C CA  . TYR A 1 100 ? -8.346  5.293   -1.780  1.00 46.20  ? 96  TYR A CA  1 
ATOM   747  C C   . TYR A 1 100 ? -8.831  6.545   -1.051  1.00 49.80  ? 96  TYR A C   1 
ATOM   748  O O   . TYR A 1 100 ? -9.203  6.487   0.111   1.00 50.43  ? 96  TYR A O   1 
ATOM   749  C CB  . TYR A 1 100 ? -9.504  4.647   -2.548  1.00 42.38  ? 96  TYR A CB  1 
ATOM   750  C CG  . TYR A 1 100 ? -9.064  3.650   -3.593  1.00 44.53  ? 96  TYR A CG  1 
ATOM   751  C CD1 . TYR A 1 100 ? -8.372  4.067   -4.721  1.00 53.19  ? 96  TYR A CD1 1 
ATOM   752  C CD2 . TYR A 1 100 ? -9.247  2.286   -3.424  1.00 45.83  ? 96  TYR A CD2 1 
ATOM   753  C CE1 . TYR A 1 100 ? -7.896  3.166   -5.662  1.00 47.58  ? 96  TYR A CE1 1 
ATOM   754  C CE2 . TYR A 1 100 ? -8.771  1.372   -4.347  1.00 48.80  ? 96  TYR A CE2 1 
ATOM   755  C CZ  . TYR A 1 100 ? -8.116  1.819   -5.488  1.00 48.77  ? 96  TYR A CZ  1 
ATOM   756  O OH  . TYR A 1 100 ? -7.639  0.939   -6.429  1.00 47.52  ? 96  TYR A OH  1 
ATOM   757  N N   . THR A 1 101 ? -8.808  7.666   -1.779  1.00 50.82  ? 97  THR A N   1 
ATOM   758  C CA  . THR A 1 101 ? -9.419  8.907   -1.359  1.00 48.29  ? 97  THR A CA  1 
ATOM   759  C C   . THR A 1 101 ? -10.365 9.437   -2.435  1.00 48.13  ? 97  THR A C   1 
ATOM   760  O O   . THR A 1 101 ? -10.769 10.596  -2.378  1.00 50.55  ? 97  THR A O   1 
ATOM   761  C CB  . THR A 1 101 ? -8.340  9.940   -1.019  1.00 51.45  ? 97  THR A CB  1 
ATOM   762  O OG1 . THR A 1 101 ? -7.415  10.076  -2.103  1.00 46.48  ? 97  THR A OG1 1 
ATOM   763  C CG2 . THR A 1 101 ? -7.602  9.580   0.248   1.00 48.28  ? 97  THR A CG2 1 
ATOM   764  N N   . HIS A 1 102 ? -10.682 8.621   -3.447  1.00 49.15  ? 98  HIS A N   1 
ATOM   765  C CA  . HIS A 1 102 ? -11.612 9.049   -4.480  1.00 47.80  ? 98  HIS A CA  1 
ATOM   766  C C   . HIS A 1 102 ? -12.415 7.834   -4.929  1.00 50.49  ? 98  HIS A C   1 
ATOM   767  O O   . HIS A 1 102 ? -12.025 6.709   -4.613  1.00 48.98  ? 98  HIS A O   1 
ATOM   768  C CB  . HIS A 1 102 ? -10.904 9.781   -5.626  1.00 48.37  ? 98  HIS A CB  1 
ATOM   769  C CG  . HIS A 1 102 ? -10.191 8.882   -6.574  1.00 54.14  ? 98  HIS A CG  1 
ATOM   770  N ND1 . HIS A 1 102 ? -8.965  8.334   -6.278  1.00 52.41  ? 98  HIS A ND1 1 
ATOM   771  C CD2 . HIS A 1 102 ? -10.507 8.461   -7.805  1.00 57.69  ? 98  HIS A CD2 1 
ATOM   772  C CE1 . HIS A 1 102 ? -8.591  7.563   -7.296  1.00 53.71  ? 98  HIS A CE1 1 
ATOM   773  N NE2 . HIS A 1 102 ? -9.506  7.630   -8.234  1.00 52.76  ? 98  HIS A NE2 1 
ATOM   774  N N   . ASP A 1 103 ? -13.557 8.085   -5.601  1.00 51.29  ? 99  ASP A N   1 
ATOM   775  C CA  . ASP A 1 103 ? -14.094 7.112   -6.537  1.00 55.34  ? 99  ASP A CA  1 
ATOM   776  C C   . ASP A 1 103 ? -14.983 7.770   -7.592  1.00 54.65  ? 99  ASP A C   1 
ATOM   777  O O   . ASP A 1 103 ? -15.249 8.975   -7.568  1.00 49.82  ? 99  ASP A O   1 
ATOM   778  C CB  . ASP A 1 103 ? -14.661 5.854   -5.858  1.00 71.69  ? 99  ASP A CB  1 
ATOM   779  C CG  . ASP A 1 103 ? -16.117 5.825   -5.462  1.00 75.72  ? 99  ASP A CG  1 
ATOM   780  O OD1 . ASP A 1 103 ? -16.399 5.203   -4.421  1.00 78.95  ? 99  ASP A OD1 1 
ATOM   781  O OD2 . ASP A 1 103 ? -16.953 6.356   -6.224  1.00 102.52 ? 99  ASP A OD2 1 
ATOM   782  N N   . THR A 1 104 ? -15.323 6.927   -8.572  1.00 49.21  ? 100 THR A N   1 
ATOM   783  C CA  . THR A 1 104 ? -15.912 7.311   -9.836  1.00 51.04  ? 100 THR A CA  1 
ATOM   784  C C   . THR A 1 104 ? -17.192 6.493   -10.086 1.00 46.75  ? 100 THR A C   1 
ATOM   785  O O   . THR A 1 104 ? -17.549 6.220   -11.235 1.00 51.99  ? 100 THR A O   1 
ATOM   786  C CB  . THR A 1 104 ? -14.894 7.072   -10.966 1.00 53.58  ? 100 THR A CB  1 
ATOM   787  O OG1 . THR A 1 104 ? -14.620 5.669   -11.060 1.00 54.55  ? 100 THR A OG1 1 
ATOM   788  C CG2 . THR A 1 104 ? -13.590 7.816   -10.779 1.00 57.28  ? 100 THR A CG2 1 
ATOM   789  N N   . VAL A 1 105 ? -17.867 6.010   -9.040  1.00 51.30  ? 101 VAL A N   1 
ATOM   790  C CA  . VAL A 1 105 ? -19.070 5.232   -9.307  1.00 51.00  ? 101 VAL A CA  1 
ATOM   791  C C   . VAL A 1 105 ? -20.067 6.089   -10.090 1.00 48.79  ? 101 VAL A C   1 
ATOM   792  O O   . VAL A 1 105 ? -20.556 5.698   -11.162 1.00 47.84  ? 101 VAL A O   1 
ATOM   793  C CB  . VAL A 1 105 ? -19.689 4.661   -8.020  1.00 52.33  ? 101 VAL A CB  1 
ATOM   794  C CG1 . VAL A 1 105 ? -20.992 3.922   -8.331  1.00 55.07  ? 101 VAL A CG1 1 
ATOM   795  C CG2 . VAL A 1 105 ? -18.710 3.747   -7.309  1.00 58.29  ? 101 VAL A CG2 1 
ATOM   796  N N   . ARG A 1 106 ? -20.280 7.315   -9.605  1.00 53.80  ? 102 ARG A N   1 
ATOM   797  C CA  . ARG A 1 106 ? -21.305 8.183   -10.169 1.00 59.75  ? 102 ARG A CA  1 
ATOM   798  C C   . ARG A 1 106 ? -20.862 8.698   -11.542 1.00 62.37  ? 102 ARG A C   1 
ATOM   799  O O   . ARG A 1 106 ? -21.668 8.782   -12.488 1.00 55.18  ? 102 ARG A O   1 
ATOM   800  C CB  . ARG A 1 106 ? -21.632 9.293   -9.160  1.00 64.06  ? 102 ARG A CB  1 
ATOM   801  C CG  . ARG A 1 106 ? -22.292 8.797   -7.872  1.00 69.68  ? 102 ARG A CG  1 
ATOM   802  C CD  . ARG A 1 106 ? -22.945 9.895   -7.037  1.00 80.76  ? 102 ARG A CD  1 
ATOM   803  N NE  . ARG A 1 106 ? -22.073 11.057  -6.987  1.00 93.89  ? 102 ARG A NE  1 
ATOM   804  C CZ  . ARG A 1 106 ? -22.181 12.130  -7.771  1.00 111.10 ? 102 ARG A CZ  1 
ATOM   805  N NH1 . ARG A 1 106 ? -23.331 12.427  -8.355  1.00 105.32 ? 102 ARG A NH1 1 
ATOM   806  N NH2 . ARG A 1 106 ? -21.135 12.928  -7.936  1.00 108.12 ? 102 ARG A NH2 1 
ATOM   807  N N   . LYS A 1 107 ? -19.565 9.001   -11.670 1.00 57.80  ? 103 LYS A N   1 
ATOM   808  C CA  . LYS A 1 107 ? -19.048 9.445   -12.951 1.00 51.13  ? 103 LYS A CA  1 
ATOM   809  C C   . LYS A 1 107 ? -19.345 8.417   -14.035 1.00 51.02  ? 103 LYS A C   1 
ATOM   810  O O   . LYS A 1 107 ? -19.769 8.803   -15.123 1.00 58.29  ? 103 LYS A O   1 
ATOM   811  C CB  . LYS A 1 107 ? -17.546 9.744   -12.920 1.00 58.97  ? 103 LYS A CB  1 
ATOM   812  C CG  . LYS A 1 107 ? -16.980 10.005  -14.309 1.00 63.31  ? 103 LYS A CG  1 
ATOM   813  C CD  . LYS A 1 107 ? -15.490 10.022  -14.402 1.00 75.56  ? 103 LYS A CD  1 
ATOM   814  C CE  . LYS A 1 107 ? -14.901 11.402  -14.236 1.00 79.58  ? 103 LYS A CE  1 
ATOM   815  N NZ  . LYS A 1 107 ? -13.710 11.543  -15.111 1.00 80.81  ? 103 LYS A NZ  1 
ATOM   816  N N   . SER A 1 108 ? -19.041 7.133   -13.779 1.00 47.38  ? 104 SER A N   1 
ATOM   817  C CA  . SER A 1 108 ? -19.310 6.078   -14.744 1.00 52.07  ? 104 SER A CA  1 
ATOM   818  C C   . SER A 1 108 ? -20.819 5.887   -14.909 1.00 48.58  ? 104 SER A C   1 
ATOM   819  O O   . SER A 1 108 ? -21.319 5.834   -16.037 1.00 49.55  ? 104 SER A O   1 
ATOM   820  C CB  . SER A 1 108 ? -18.622 4.765   -14.390 1.00 49.84  ? 104 SER A CB  1 
ATOM   821  O OG  . SER A 1 108 ? -17.274 4.755   -14.864 1.00 57.98  ? 104 SER A OG  1 
ATOM   822  N N   . LEU A 1 109 ? -21.533 5.765   -13.782 1.00 49.69  ? 105 LEU A N   1 
ATOM   823  C CA  . LEU A 1 109 ? -22.945 5.403   -13.846 1.00 51.65  ? 105 LEU A CA  1 
ATOM   824  C C   . LEU A 1 109 ? -23.740 6.490   -14.577 1.00 59.07  ? 105 LEU A C   1 
ATOM   825  O O   . LEU A 1 109 ? -24.691 6.180   -15.300 1.00 64.89  ? 105 LEU A O   1 
ATOM   826  C CB  . LEU A 1 109 ? -23.460 5.083   -12.440 1.00 49.72  ? 105 LEU A CB  1 
ATOM   827  C CG  . LEU A 1 109 ? -23.397 3.596   -12.048 1.00 55.37  ? 105 LEU A CG  1 
ATOM   828  C CD1 . LEU A 1 109 ? -24.465 2.787   -12.769 1.00 57.66  ? 105 LEU A CD1 1 
ATOM   829  C CD2 . LEU A 1 109 ? -22.025 2.962   -12.324 1.00 51.57  ? 105 LEU A CD2 1 
ATOM   830  N N   . SER A 1 110 ? -23.260 7.734   -14.512 1.00 62.38  ? 106 SER A N   1 
ATOM   831  C CA  . SER A 1 110 ? -23.913 8.876   -15.137 1.00 66.10  ? 106 SER A CA  1 
ATOM   832  C C   . SER A 1 110 ? -23.459 9.114   -16.580 1.00 64.82  ? 106 SER A C   1 
ATOM   833  O O   . SER A 1 110 ? -23.674 10.208  -17.089 1.00 61.39  ? 106 SER A O   1 
ATOM   834  C CB  . SER A 1 110 ? -23.649 10.119  -14.320 1.00 62.98  ? 106 SER A CB  1 
ATOM   835  O OG  . SER A 1 110 ? -22.289 10.519  -14.458 1.00 61.54  ? 106 SER A OG  1 
ATOM   836  N N   . GLY A 1 111 ? -22.820 8.132   -17.236 1.00 61.81  ? 107 GLY A N   1 
ATOM   837  C CA  . GLY A 1 111 ? -22.341 8.293   -18.610 1.00 59.40  ? 107 GLY A CA  1 
ATOM   838  C C   . GLY A 1 111 ? -21.145 9.246   -18.763 1.00 59.73  ? 107 GLY A C   1 
ATOM   839  O O   . GLY A 1 111 ? -20.842 9.686   -19.882 1.00 56.80  ? 107 GLY A O   1 
ATOM   840  N N   . GLY A 1 112 ? -20.457 9.550   -17.646 1.00 57.71  ? 108 GLY A N   1 
ATOM   841  C CA  . GLY A 1 112 ? -19.305 10.446  -17.637 1.00 63.84  ? 108 GLY A CA  1 
ATOM   842  C C   . GLY A 1 112 ? -19.606 11.874  -17.172 1.00 61.67  ? 108 GLY A C   1 
ATOM   843  O O   . GLY A 1 112 ? -18.747 12.742  -17.236 1.00 64.34  ? 108 GLY A O   1 
ATOM   844  N N   . LYS A 1 113 ? -20.815 12.141  -16.690 1.00 57.61  ? 109 LYS A N   1 
ATOM   845  C CA  . LYS A 1 113 ? -21.217 13.507  -16.401 1.00 62.02  ? 109 LYS A CA  1 
ATOM   846  C C   . LYS A 1 113 ? -20.776 13.893  -14.992 1.00 52.98  ? 109 LYS A C   1 
ATOM   847  O O   . LYS A 1 113 ? -20.199 14.942  -14.782 1.00 59.44  ? 109 LYS A O   1 
ATOM   848  C CB  . LYS A 1 113 ? -22.735 13.649  -16.564 1.00 77.27  ? 109 LYS A CB  1 
ATOM   849  C CG  . LYS A 1 113 ? -23.239 13.781  -18.002 1.00 92.08  ? 109 LYS A CG  1 
ATOM   850  C CD  . LYS A 1 113 ? -24.661 13.235  -18.280 1.00 99.76  ? 109 LYS A CD  1 
ATOM   851  C CE  . LYS A 1 113 ? -25.685 13.427  -17.173 1.00 108.55 ? 109 LYS A CE  1 
ATOM   852  N NZ  . LYS A 1 113 ? -25.878 14.851  -16.804 1.00 116.01 ? 109 LYS A NZ  1 
ATOM   853  N N   . ALA A 1 114 ? -21.086 13.070  -13.998 1.00 54.31  ? 110 ALA A N   1 
ATOM   854  C CA  . ALA A 1 114 ? -20.805 13.442  -12.620 1.00 53.63  ? 110 ALA A CA  1 
ATOM   855  C C   . ALA A 1 114 ? -19.301 13.553  -12.375 1.00 63.31  ? 110 ALA A C   1 
ATOM   856  O O   . ALA A 1 114 ? -18.487 12.907  -13.045 1.00 58.93  ? 110 ALA A O   1 
ATOM   857  C CB  . ALA A 1 114 ? -21.418 12.434  -11.679 1.00 60.99  ? 110 ALA A CB  1 
ATOM   858  N N   . ASP A 1 115 ? -18.976 14.361  -11.370 1.00 56.10  ? 111 ASP A N   1 
ATOM   859  C CA  . ASP A 1 115 ? -17.633 14.517  -10.855 1.00 66.90  ? 111 ASP A CA  1 
ATOM   860  C C   . ASP A 1 115 ? -17.173 13.294  -10.071 1.00 65.98  ? 111 ASP A C   1 
ATOM   861  O O   . ASP A 1 115 ? -17.965 12.513  -9.540  1.00 60.32  ? 111 ASP A O   1 
ATOM   862  C CB  . ASP A 1 115 ? -17.539 15.649  -9.824  1.00 65.48  ? 111 ASP A CB  1 
ATOM   863  C CG  . ASP A 1 115 ? -17.951 17.026  -10.303 1.00 71.94  ? 111 ASP A CG  1 
ATOM   864  O OD1 . ASP A 1 115 ? -18.062 17.216  -11.535 1.00 75.01  ? 111 ASP A OD1 1 
ATOM   865  O OD2 . ASP A 1 115 ? -18.139 17.892  -9.428  1.00 70.06  ? 111 ASP A OD2 1 
ATOM   866  N N   . ILE A 1 116 ? -15.848 13.251  -9.911  1.00 62.68  ? 112 ILE A N   1 
ATOM   867  C CA  . ILE A 1 116 ? -15.165 12.325  -9.030  1.00 62.32  ? 112 ILE A CA  1 
ATOM   868  C C   . ILE A 1 116 ? -15.482 12.715  -7.596  1.00 55.34  ? 112 ILE A C   1 
ATOM   869  O O   . ILE A 1 116 ? -15.304 13.871  -7.241  1.00 61.88  ? 112 ILE A O   1 
ATOM   870  C CB  . ILE A 1 116 ? -13.644 12.405  -9.286  1.00 61.72  ? 112 ILE A CB  1 
ATOM   871  C CG1 . ILE A 1 116 ? -13.306 12.069  -10.741 1.00 67.53  ? 112 ILE A CG1 1 
ATOM   872  C CG2 . ILE A 1 116 ? -12.884 11.546  -8.287  1.00 65.59  ? 112 ILE A CG2 1 
ATOM   873  C CD1 . ILE A 1 116 ? -11.843 12.202  -11.087 1.00 76.08  ? 112 ILE A CD1 1 
ATOM   874  N N   . ASP A 1 117 ? -15.891 11.744  -6.774  1.00 53.69  ? 113 ASP A N   1 
ATOM   875  C CA  . ASP A 1 117 ? -16.106 11.969  -5.351  1.00 58.47  ? 113 ASP A CA  1 
ATOM   876  C C   . ASP A 1 117 ? -14.799 11.713  -4.596  1.00 62.13  ? 113 ASP A C   1 
ATOM   877  O O   . ASP A 1 117 ? -14.070 10.766  -4.898  1.00 57.30  ? 113 ASP A O   1 
ATOM   878  C CB  . ASP A 1 117 ? -17.254 11.093  -4.820  1.00 60.31  ? 113 ASP A CB  1 
ATOM   879  C CG  . ASP A 1 117 ? -18.565 11.315  -5.568  1.00 67.38  ? 113 ASP A CG  1 
ATOM   880  O OD1 . ASP A 1 117 ? -18.988 12.466  -5.614  1.00 58.90  ? 113 ASP A OD1 1 
ATOM   881  O OD2 . ASP A 1 117 ? -19.122 10.344  -6.139  1.00 61.12  ? 113 ASP A OD2 1 
ATOM   882  N N   . LYS A 1 118 ? -14.550 12.534  -3.570  1.00 58.56  ? 114 LYS A N   1 
ATOM   883  C CA  . LYS A 1 118 ? -13.267 12.585  -2.889  1.00 57.89  ? 114 LYS A CA  1 
ATOM   884  C C   . LYS A 1 118 ? -13.488 12.711  -1.392  1.00 60.33  ? 114 LYS A C   1 
ATOM   885  O O   . LYS A 1 118 ? -14.436 13.363  -0.963  1.00 59.14  ? 114 LYS A O   1 
ATOM   886  C CB  . LYS A 1 118 ? -12.450 13.798  -3.343  1.00 54.53  ? 114 LYS A CB  1 
ATOM   887  C CG  . LYS A 1 118 ? -12.323 13.952  -4.848  1.00 55.81  ? 114 LYS A CG  1 
ATOM   888  C CD  . LYS A 1 118 ? -11.508 15.125  -5.261  1.00 59.37  ? 114 LYS A CD  1 
ATOM   889  C CE  . LYS A 1 118 ? -11.356 15.220  -6.760  1.00 62.02  ? 114 LYS A CE  1 
ATOM   890  N NZ  . LYS A 1 118 ? -10.297 16.189  -7.108  1.00 68.43  ? 114 LYS A NZ  1 
ATOM   891  N N   . ALA A 1 119 ? -12.602 12.074  -0.620  1.00 50.85  ? 115 ALA A N   1 
ATOM   892  C CA  . ALA A 1 119 ? -12.537 12.247  0.819   1.00 55.32  ? 115 ALA A CA  1 
ATOM   893  C C   . ALA A 1 119 ? -11.213 11.695  1.340   1.00 62.75  ? 115 ALA A C   1 
ATOM   894  O O   . ALA A 1 119 ? -10.808 10.588  0.964   1.00 68.81  ? 115 ALA A O   1 
ATOM   895  C CB  . ALA A 1 119 ? -13.699 11.559  1.503   1.00 52.76  ? 115 ALA A CB  1 
ATOM   896  N N   . SER A 1 120 ? -10.623 12.445  2.280   1.00 59.53  ? 116 SER A N   1 
ATOM   897  C CA  . SER A 1 120 ? -9.328  12.158  2.866   1.00 57.41  ? 116 SER A CA  1 
ATOM   898  C C   . SER A 1 120 ? -9.397  10.928  3.761   1.00 56.25  ? 116 SER A C   1 
ATOM   899  O O   . SER A 1 120 ? -10.455 10.563  4.259   1.00 56.61  ? 116 SER A O   1 
ATOM   900  C CB  . SER A 1 120 ? -8.822  13.349  3.623   1.00 59.66  ? 116 SER A CB  1 
ATOM   901  O OG  . SER A 1 120 ? -9.353  13.350  4.932   1.00 64.49  ? 116 SER A OG  1 
ATOM   902  N N   . THR A 1 121 ? -8.237  10.278  3.916   1.00 54.65  ? 117 THR A N   1 
ATOM   903  C CA  . THR A 1 121 ? -8.121  8.971   4.527   1.00 51.21  ? 117 THR A CA  1 
ATOM   904  C C   . THR A 1 121 ? -6.856  8.961   5.378   1.00 49.86  ? 117 THR A C   1 
ATOM   905  O O   . THR A 1 121 ? -5.834  9.505   4.977   1.00 47.29  ? 117 THR A O   1 
ATOM   906  C CB  . THR A 1 121 ? -8.079  7.847   3.484   1.00 51.79  ? 117 THR A CB  1 
ATOM   907  O OG1 . THR A 1 121 ? -9.316  7.880   2.789   1.00 52.82  ? 117 THR A OG1 1 
ATOM   908  C CG2 . THR A 1 121 ? -7.869  6.460   4.067   1.00 51.65  ? 117 THR A CG2 1 
ATOM   909  N N   . ARG A 1 122 ? -6.936  8.302   6.526   1.00 50.10  ? 118 ARG A N   1 
ATOM   910  C CA  . ARG A 1 122 ? -5.846  8.273   7.474   1.00 57.09  ? 118 ARG A CA  1 
ATOM   911  C C   . ARG A 1 122 ? -5.771  6.881   8.091   1.00 54.12  ? 118 ARG A C   1 
ATOM   912  O O   . ARG A 1 122 ? -6.788  6.261   8.388   1.00 55.85  ? 118 ARG A O   1 
ATOM   913  C CB  . ARG A 1 122 ? -6.062  9.346   8.547   1.00 61.37  ? 118 ARG A CB  1 
ATOM   914  C CG  . ARG A 1 122 ? -5.202  9.142   9.789   1.00 70.65  ? 118 ARG A CG  1 
ATOM   915  C CD  . ARG A 1 122 ? -5.640  9.995   10.966  1.00 77.88  ? 118 ARG A CD  1 
ATOM   916  N NE  . ARG A 1 122 ? -5.383  11.410  10.722  1.00 80.89  ? 118 ARG A NE  1 
ATOM   917  C CZ  . ARG A 1 122 ? -4.211  12.017  10.888  1.00 75.70  ? 118 ARG A CZ  1 
ATOM   918  N NH1 . ARG A 1 122 ? -3.182  11.372  11.411  1.00 77.17  ? 118 ARG A NH1 1 
ATOM   919  N NH2 . ARG A 1 122 ? -4.083  13.287  10.547  1.00 77.05  ? 118 ARG A NH2 1 
ATOM   920  N N   . ILE A 1 123 ? -4.542  6.414   8.304   1.00 54.25  ? 119 ILE A N   1 
ATOM   921  C CA  . ILE A 1 123 ? -4.254  5.180   9.015   1.00 50.06  ? 119 ILE A CA  1 
ATOM   922  C C   . ILE A 1 123 ? -3.197  5.521   10.062  1.00 50.70  ? 119 ILE A C   1 
ATOM   923  O O   . ILE A 1 123 ? -2.230  6.206   9.741   1.00 51.51  ? 119 ILE A O   1 
ATOM   924  C CB  . ILE A 1 123 ? -3.751  4.115   8.021   1.00 51.48  ? 119 ILE A CB  1 
ATOM   925  C CG1 . ILE A 1 123 ? -4.718  3.941   6.853   1.00 54.09  ? 119 ILE A CG1 1 
ATOM   926  C CG2 . ILE A 1 123 ? -3.406  2.780   8.685   1.00 48.44  ? 119 ILE A CG2 1 
ATOM   927  C CD1 . ILE A 1 123 ? -4.346  2.806   5.932   1.00 55.46  ? 119 ILE A CD1 1 
ATOM   928  N N   . GLY A 1 124 ? -3.367  5.060   11.302  1.00 48.51  ? 120 GLY A N   1 
ATOM   929  C CA  . GLY A 1 124 ? -2.406  5.366   12.357  1.00 51.60  ? 120 GLY A CA  1 
ATOM   930  C C   . GLY A 1 124 ? -1.123  4.532   12.255  1.00 57.74  ? 120 GLY A C   1 
ATOM   931  O O   . GLY A 1 124 ? -0.755  4.073   11.169  1.00 59.68  ? 120 GLY A O   1 
ATOM   932  N N   . SER A 1 125 ? -0.451  4.349   13.403  1.00 51.40  ? 121 SER A N   1 
ATOM   933  C CA  . SER A 1 125 ? 0.794   3.604   13.500  1.00 49.98  ? 121 SER A CA  1 
ATOM   934  C C   . SER A 1 125 ? 0.535   2.203   14.037  1.00 50.76  ? 121 SER A C   1 
ATOM   935  O O   . SER A 1 125 ? -0.497  1.949   14.656  1.00 53.12  ? 121 SER A O   1 
ATOM   936  C CB  . SER A 1 125 ? 1.783   4.326   14.368  1.00 49.90  ? 121 SER A CB  1 
ATOM   937  O OG  . SER A 1 125 ? 2.228   5.520   13.746  1.00 47.43  ? 121 SER A OG  1 
ATOM   938  N N   . ASP A 1 126 ? 1.505   1.315   13.808  1.00 45.56  ? 122 ASP A N   1 
ATOM   939  C CA  . ASP A 1 126 ? 1.494   -0.042  14.325  1.00 53.11  ? 122 ASP A CA  1 
ATOM   940  C C   . ASP A 1 126 ? 0.329   -0.857  13.793  1.00 55.81  ? 122 ASP A C   1 
ATOM   941  O O   . ASP A 1 126 ? -0.067  -1.825  14.443  1.00 56.82  ? 122 ASP A O   1 
ATOM   942  C CB  . ASP A 1 126 ? 1.446   -0.037  15.852  1.00 57.94  ? 122 ASP A CB  1 
ATOM   943  C CG  . ASP A 1 126 ? 2.667   0.622   16.454  1.00 56.55  ? 122 ASP A CG  1 
ATOM   944  O OD1 . ASP A 1 126 ? 3.581   1.007   15.672  1.00 60.77  ? 122 ASP A OD1 1 
ATOM   945  O OD2 . ASP A 1 126 ? 2.701   0.736   17.663  1.00 56.26  ? 122 ASP A OD2 1 
ATOM   946  N N   . CYS A 1 127 ? -0.167  -0.502  12.595  1.00 54.12  ? 123 CYS A N   1 
ATOM   947  C CA  . CYS A 1 127 ? -1.256  -1.231  11.964  1.00 50.17  ? 123 CYS A CA  1 
ATOM   948  C C   . CYS A 1 127 ? -0.733  -2.356  11.061  1.00 52.07  ? 123 CYS A C   1 
ATOM   949  O O   . CYS A 1 127 ? 0.379   -2.286  10.544  1.00 49.20  ? 123 CYS A O   1 
ATOM   950  C CB  . CYS A 1 127 ? -2.141  -0.271  11.183  1.00 53.70  ? 123 CYS A CB  1 
ATOM   951  S SG  . CYS A 1 127 ? -3.082  0.860   12.252  1.00 54.02  ? 123 CYS A SG  1 
ATOM   952  N N   . TYR A 1 128 ? -1.547  -3.403  10.889  1.00 46.49  ? 124 TYR A N   1 
ATOM   953  C CA  . TYR A 1 128 ? -1.387  -4.399  9.832   1.00 48.70  ? 124 TYR A CA  1 
ATOM   954  C C   . TYR A 1 128 ? -2.585  -4.371  8.881   1.00 50.69  ? 124 TYR A C   1 
ATOM   955  O O   . TYR A 1 128 ? -3.723  -4.504  9.306   1.00 48.64  ? 124 TYR A O   1 
ATOM   956  C CB  . TYR A 1 128 ? -1.218  -5.769  10.490  1.00 46.16  ? 124 TYR A CB  1 
ATOM   957  C CG  . TYR A 1 128 ? -1.046  -6.957  9.580   1.00 46.95  ? 124 TYR A CG  1 
ATOM   958  C CD1 . TYR A 1 128 ? 0.203   -7.478  9.295   1.00 49.70  ? 124 TYR A CD1 1 
ATOM   959  C CD2 . TYR A 1 128 ? -2.142  -7.636  9.083   1.00 49.31  ? 124 TYR A CD2 1 
ATOM   960  C CE1 . TYR A 1 128 ? 0.360   -8.611  8.499   1.00 53.30  ? 124 TYR A CE1 1 
ATOM   961  C CE2 . TYR A 1 128 ? -2.006  -8.762  8.290   1.00 47.18  ? 124 TYR A CE2 1 
ATOM   962  C CZ  . TYR A 1 128 ? -0.752  -9.263  7.998   1.00 49.39  ? 124 TYR A CZ  1 
ATOM   963  O OH  . TYR A 1 128 ? -0.671  -10.398 7.205   1.00 56.73  ? 124 TYR A OH  1 
ATOM   964  N N   . LEU A 1 129 ? -2.338  -4.171  7.579   1.00 46.48  ? 125 LEU A N   1 
ATOM   965  C CA  . LEU A 1 129 ? -3.346  -4.379  6.559   1.00 44.47  ? 125 LEU A CA  1 
ATOM   966  C C   . LEU A 1 129 ? -2.969  -5.632  5.778   1.00 54.40  ? 125 LEU A C   1 
ATOM   967  O O   . LEU A 1 129 ? -1.937  -5.665  5.103   1.00 50.45  ? 125 LEU A O   1 
ATOM   968  C CB  . LEU A 1 129 ? -3.434  -3.167  5.640   1.00 49.86  ? 125 LEU A CB  1 
ATOM   969  C CG  . LEU A 1 129 ? -3.488  -1.814  6.346   1.00 59.17  ? 125 LEU A CG  1 
ATOM   970  C CD1 . LEU A 1 129 ? -3.675  -0.695  5.343   1.00 63.57  ? 125 LEU A CD1 1 
ATOM   971  C CD2 . LEU A 1 129 ? -4.594  -1.775  7.385   1.00 57.04  ? 125 LEU A CD2 1 
ATOM   972  N N   . GLY A 1 130 ? -3.822  -6.653  5.882   1.00 44.97  ? 126 GLY A N   1 
ATOM   973  C CA  . GLY A 1 130 ? -3.573  -7.944  5.278   1.00 49.37  ? 126 GLY A CA  1 
ATOM   974  C C   . GLY A 1 130 ? -3.801  -7.909  3.767   1.00 43.87  ? 126 GLY A C   1 
ATOM   975  O O   . GLY A 1 130 ? -4.385  -6.956  3.227   1.00 38.64  ? 126 GLY A O   1 
ATOM   976  N N   . PRO A 1 131 ? -3.300  -8.951  3.074   1.00 42.33  ? 127 PRO A N   1 
ATOM   977  C CA  . PRO A 1 131 ? -3.396  -9.048  1.621   1.00 45.14  ? 127 PRO A CA  1 
ATOM   978  C C   . PRO A 1 131 ? -4.761  -8.707  1.053   1.00 52.66  ? 127 PRO A C   1 
ATOM   979  O O   . PRO A 1 131 ? -5.770  -9.169  1.571   1.00 46.19  ? 127 PRO A O   1 
ATOM   980  C CB  . PRO A 1 131 ? -3.111  -10.519 1.401   1.00 41.92  ? 127 PRO A CB  1 
ATOM   981  C CG  . PRO A 1 131 ? -2.080  -10.839 2.436   1.00 44.24  ? 127 PRO A CG  1 
ATOM   982  C CD  . PRO A 1 131 ? -2.524  -10.063 3.651   1.00 39.19  ? 127 PRO A CD  1 
ATOM   983  N N   . ASN A 1 132 ? -4.766  -7.886  -0.001  1.00 43.25  ? 128 ASN A N   1 
ATOM   984  C CA  . ASN A 1 132 ? -5.959  -7.599  -0.788  1.00 49.62  ? 128 ASN A CA  1 
ATOM   985  C C   . ASN A 1 132 ? -7.007  -6.823  0.020   1.00 53.55  ? 128 ASN A C   1 
ATOM   986  O O   . ASN A 1 132 ? -8.163  -6.774  -0.368  1.00 56.62  ? 128 ASN A O   1 
ATOM   987  C CB  . ASN A 1 132 ? -6.491  -8.879  -1.445  1.00 50.27  ? 128 ASN A CB  1 
ATOM   988  C CG  . ASN A 1 132 ? -5.613  -9.334  -2.600  1.00 55.55  ? 128 ASN A CG  1 
ATOM   989  O OD1 . ASN A 1 132 ? -5.786  -10.398 -3.191  1.00 52.87  ? 128 ASN A OD1 1 
ATOM   990  N ND2 . ASN A 1 132 ? -4.627  -8.532  -2.931  1.00 48.70  ? 128 ASN A ND2 1 
ATOM   991  N N   . THR A 1 133 ? -6.586  -6.147  1.092   1.00 51.63  ? 129 THR A N   1 
ATOM   992  C CA  . THR A 1 133 ? -7.446  -5.236  1.832   1.00 51.47  ? 129 THR A CA  1 
ATOM   993  C C   . THR A 1 133 ? -7.763  -4.010  0.971   1.00 47.19  ? 129 THR A C   1 
ATOM   994  O O   . THR A 1 133 ? -6.861  -3.442  0.350   1.00 44.95  ? 129 THR A O   1 
ATOM   995  C CB  . THR A 1 133 ? -6.765  -4.818  3.146   1.00 52.53  ? 129 THR A CB  1 
ATOM   996  O OG1 . THR A 1 133 ? -6.723  -5.914  4.059   1.00 55.29  ? 129 THR A OG1 1 
ATOM   997  C CG2 . THR A 1 133 ? -7.430  -3.640  3.827   1.00 62.28  ? 129 THR A CG2 1 
ATOM   998  N N   . ILE A 1 134 ? -9.039  -3.595  0.954   1.00 42.00  ? 130 ILE A N   1 
ATOM   999  C CA  . ILE A 1 134 ? -9.478  -2.367  0.303   1.00 41.19  ? 130 ILE A CA  1 
ATOM   1000 C C   . ILE A 1 134 ? -9.983  -1.391  1.352   1.00 46.96  ? 130 ILE A C   1 
ATOM   1001 O O   . ILE A 1 134 ? -10.923 -1.708  2.077   1.00 48.09  ? 130 ILE A O   1 
ATOM   1002 C CB  . ILE A 1 134 ? -10.553 -2.627  -0.765  1.00 44.23  ? 130 ILE A CB  1 
ATOM   1003 C CG1 . ILE A 1 134 ? -10.153 -3.762  -1.725  1.00 48.24  ? 130 ILE A CG1 1 
ATOM   1004 C CG2 . ILE A 1 134 ? -10.896 -1.327  -1.495  1.00 49.10  ? 130 ILE A CG2 1 
ATOM   1005 C CD1 . ILE A 1 134 ? -9.026  -3.398  -2.689  1.00 53.10  ? 130 ILE A CD1 1 
ATOM   1006 N N   . ILE A 1 135 ? -9.355  -0.213  1.412   1.00 45.10  ? 131 ILE A N   1 
ATOM   1007 C CA  . ILE A 1 135 ? -9.775  0.875   2.271   1.00 48.15  ? 131 ILE A CA  1 
ATOM   1008 C C   . ILE A 1 135 ? -10.290 2.022   1.400   1.00 51.22  ? 131 ILE A C   1 
ATOM   1009 O O   . ILE A 1 135 ? -9.640  2.440   0.447   1.00 51.56  ? 131 ILE A O   1 
ATOM   1010 C CB  . ILE A 1 135 ? -8.613  1.222   3.213   1.00 51.45  ? 131 ILE A CB  1 
ATOM   1011 C CG1 . ILE A 1 135 ? -8.341  0.029   4.137   1.00 52.57  ? 131 ILE A CG1 1 
ATOM   1012 C CG2 . ILE A 1 135 ? -8.898  2.492   4.007   1.00 59.68  ? 131 ILE A CG2 1 
ATOM   1013 C CD1 . ILE A 1 135 ? -7.048  0.090   4.862   1.00 58.34  ? 131 ILE A CD1 1 
ATOM   1014 N N   . VAL A 1 136 ? -11.514 2.493   1.687   1.00 53.15  ? 132 VAL A N   1 
ATOM   1015 C CA  . VAL A 1 136 ? -12.219 3.400   0.787   1.00 45.37  ? 132 VAL A CA  1 
ATOM   1016 C C   . VAL A 1 136 ? -12.018 4.819   1.301   1.00 50.13  ? 132 VAL A C   1 
ATOM   1017 O O   . VAL A 1 136 ? -11.511 5.022   2.402   1.00 50.63  ? 132 VAL A O   1 
ATOM   1018 C CB  . VAL A 1 136 ? -13.716 3.069   0.628   1.00 56.47  ? 132 VAL A CB  1 
ATOM   1019 C CG1 . VAL A 1 136 ? -13.963 1.642   0.144   1.00 54.85  ? 132 VAL A CG1 1 
ATOM   1020 C CG2 . VAL A 1 136 ? -14.499 3.356   1.909   1.00 58.19  ? 132 VAL A CG2 1 
ATOM   1021 N N   . LYS A 1 137 ? -12.383 5.803   0.471   1.00 50.30  ? 133 LYS A N   1 
ATOM   1022 C CA  . LYS A 1 137 ? -12.225 7.204   0.838   1.00 53.53  ? 133 LYS A CA  1 
ATOM   1023 C C   . LYS A 1 137 ? -12.957 7.502   2.148   1.00 61.92  ? 133 LYS A C   1 
ATOM   1024 O O   . LYS A 1 137 ? -13.922 6.829   2.488   1.00 55.07  ? 133 LYS A O   1 
ATOM   1025 C CB  . LYS A 1 137 ? -12.763 8.101   -0.271  1.00 52.03  ? 133 LYS A CB  1 
ATOM   1026 C CG  . LYS A 1 137 ? -14.253 7.969   -0.555  1.00 54.26  ? 133 LYS A CG  1 
ATOM   1027 C CD  . LYS A 1 137 ? -14.717 9.050   -1.478  1.00 60.50  ? 133 LYS A CD  1 
ATOM   1028 C CE  . LYS A 1 137 ? -16.219 9.114   -1.627  1.00 72.24  ? 133 LYS A CE  1 
ATOM   1029 N NZ  . LYS A 1 137 ? -16.666 8.152   -2.654  1.00 82.41  ? 133 LYS A NZ  1 
ATOM   1030 N N   . GLY A 1 138 ? -12.474 8.501   2.894   1.00 61.28  ? 134 GLY A N   1 
ATOM   1031 C CA  . GLY A 1 138 ? -13.194 9.000   4.058   1.00 65.68  ? 134 GLY A CA  1 
ATOM   1032 C C   . GLY A 1 138 ? -12.863 8.254   5.351   1.00 65.08  ? 134 GLY A C   1 
ATOM   1033 O O   . GLY A 1 138 ? -13.108 8.761   6.436   1.00 61.01  ? 134 GLY A O   1 
ATOM   1034 N N   . VAL A 1 139 ? -12.288 7.058   5.235   1.00 57.77  ? 135 VAL A N   1 
ATOM   1035 C CA  . VAL A 1 139 ? -12.073 6.204   6.385   1.00 54.70  ? 135 VAL A CA  1 
ATOM   1036 C C   . VAL A 1 139 ? -10.954 6.781   7.226   1.00 56.50  ? 135 VAL A C   1 
ATOM   1037 O O   . VAL A 1 139 ? -10.004 7.354   6.694   1.00 62.98  ? 135 VAL A O   1 
ATOM   1038 C CB  . VAL A 1 139 ? -11.744 4.766   5.939   1.00 52.43  ? 135 VAL A CB  1 
ATOM   1039 C CG1 . VAL A 1 139 ? -11.069 3.943   7.021   1.00 52.67  ? 135 VAL A CG1 1 
ATOM   1040 C CG2 . VAL A 1 139 ? -12.973 4.056   5.393   1.00 57.37  ? 135 VAL A CG2 1 
ATOM   1041 N N   . LYS A 1 140 ? -11.067 6.541   8.537   1.00 61.75  ? 136 LYS A N   1 
ATOM   1042 C CA  . LYS A 1 140 ? -10.026 6.805   9.513   1.00 61.50  ? 136 LYS A CA  1 
ATOM   1043 C C   . LYS A 1 140 ? -9.807  5.517   10.304  1.00 59.38  ? 136 LYS A C   1 
ATOM   1044 O O   . LYS A 1 140 ? -10.740 4.961   10.879  1.00 54.76  ? 136 LYS A O   1 
ATOM   1045 C CB  . LYS A 1 140 ? -10.408 7.992   10.415  1.00 72.42  ? 136 LYS A CB  1 
ATOM   1046 C CG  . LYS A 1 140 ? -9.512  8.180   11.639  1.00 84.95  ? 136 LYS A CG  1 
ATOM   1047 C CD  . LYS A 1 140 ? -10.122 9.004   12.774  1.00 97.88  ? 136 LYS A CD  1 
ATOM   1048 C CE  . LYS A 1 140 ? -10.437 10.437  12.395  1.00 100.41 ? 136 LYS A CE  1 
ATOM   1049 N NZ  . LYS A 1 140 ? -9.208  11.201  12.081  1.00 103.85 ? 136 LYS A NZ  1 
ATOM   1050 N N   . ILE A 1 141 ? -8.563  5.024   10.285  1.00 58.76  ? 137 ILE A N   1 
ATOM   1051 C CA  . ILE A 1 141 ? -8.152  3.882   11.084  1.00 51.94  ? 137 ILE A CA  1 
ATOM   1052 C C   . ILE A 1 141 ? -7.169  4.422   12.117  1.00 57.45  ? 137 ILE A C   1 
ATOM   1053 O O   . ILE A 1 141 ? -6.319  5.253   11.764  1.00 58.25  ? 137 ILE A O   1 
ATOM   1054 C CB  . ILE A 1 141 ? -7.530  2.778   10.201  1.00 53.02  ? 137 ILE A CB  1 
ATOM   1055 C CG1 . ILE A 1 141 ? -8.495  2.301   9.113   1.00 57.23  ? 137 ILE A CG1 1 
ATOM   1056 C CG2 . ILE A 1 141 ? -7.000  1.625   11.030  1.00 54.25  ? 137 ILE A CG2 1 
ATOM   1057 C CD1 . ILE A 1 141 ? -7.866  1.347   8.107   1.00 59.62  ? 137 ILE A CD1 1 
ATOM   1058 N N   . GLY A 1 142 ? -7.325  3.958   13.376  1.00 57.54  ? 138 GLY A N   1 
ATOM   1059 C CA  . GLY A 1 142 ? -6.548  4.434   14.514  1.00 51.77  ? 138 GLY A CA  1 
ATOM   1060 C C   . GLY A 1 142 ? -5.198  3.727   14.583  1.00 60.97  ? 138 GLY A C   1 
ATOM   1061 O O   . GLY A 1 142 ? -4.717  3.253   13.553  1.00 57.60  ? 138 GLY A O   1 
ATOM   1062 N N   . ASP A 1 143 ? -4.606  3.667   15.790  1.00 56.81  ? 139 ASP A N   1 
ATOM   1063 C CA  . ASP A 1 143 ? -3.326  3.016   16.016  1.00 53.13  ? 139 ASP A CA  1 
ATOM   1064 C C   . ASP A 1 143 ? -3.567  1.571   16.422  1.00 57.69  ? 139 ASP A C   1 
ATOM   1065 O O   . ASP A 1 143 ? -4.636  1.259   16.907  1.00 58.80  ? 139 ASP A O   1 
ATOM   1066 C CB  . ASP A 1 143 ? -2.502  3.758   17.059  1.00 62.91  ? 139 ASP A CB  1 
ATOM   1067 C CG  . ASP A 1 143 ? -2.275  5.222   16.715  1.00 70.90  ? 139 ASP A CG  1 
ATOM   1068 O OD1 . ASP A 1 143 ? -1.767  5.518   15.606  1.00 64.58  ? 139 ASP A OD1 1 
ATOM   1069 O OD2 . ASP A 1 143 ? -2.614  6.067   17.558  1.00 74.26  ? 139 ASP A OD2 1 
ATOM   1070 N N   . ARG A 1 144 ? -2.587  0.692   16.145  1.00 57.85  ? 140 ARG A N   1 
ATOM   1071 C CA  . ARG A 1 144 ? -2.553  -0.698  16.579  1.00 53.08  ? 140 ARG A CA  1 
ATOM   1072 C C   . ARG A 1 144 ? -3.842  -1.406  16.178  1.00 59.94  ? 140 ARG A C   1 
ATOM   1073 O O   . ARG A 1 144 ? -4.486  -2.026  17.006  1.00 58.00  ? 140 ARG A O   1 
ATOM   1074 C CB  . ARG A 1 144 ? -2.319  -0.800  18.096  1.00 60.88  ? 140 ARG A CB  1 
ATOM   1075 C CG  . ARG A 1 144 ? -1.128  -0.008  18.634  1.00 56.93  ? 140 ARG A CG  1 
ATOM   1076 C CD  . ARG A 1 144 ? -1.063  0.132   20.164  1.00 57.88  ? 140 ARG A CD  1 
ATOM   1077 N NE  . ARG A 1 144 ? -2.212  0.845   20.726  1.00 52.68  ? 140 ARG A NE  1 
ATOM   1078 C CZ  . ARG A 1 144 ? -2.447  2.158   20.645  1.00 54.11  ? 140 ARG A CZ  1 
ATOM   1079 N NH1 . ARG A 1 144 ? -3.672  2.613   20.829  1.00 66.28  ? 140 ARG A NH1 1 
ATOM   1080 N NH2 . ARG A 1 144 ? -1.508  3.023   20.323  1.00 54.59  ? 140 ARG A NH2 1 
ATOM   1081 N N   . VAL A 1 145 ? -4.212  -1.303  14.897  1.00 55.85  ? 141 VAL A N   1 
ATOM   1082 C CA  . VAL A 1 145 ? -5.330  -2.034  14.334  1.00 53.95  ? 141 VAL A CA  1 
ATOM   1083 C C   . VAL A 1 145 ? -4.804  -3.159  13.450  1.00 59.07  ? 141 VAL A C   1 
ATOM   1084 O O   . VAL A 1 145 ? -3.863  -2.973  12.669  1.00 60.42  ? 141 VAL A O   1 
ATOM   1085 C CB  . VAL A 1 145 ? -6.228  -1.103  13.505  1.00 51.96  ? 141 VAL A CB  1 
ATOM   1086 C CG1 . VAL A 1 145 ? -7.176  -1.910  12.638  1.00 57.55  ? 141 VAL A CG1 1 
ATOM   1087 C CG2 . VAL A 1 145 ? -6.996  -0.091  14.363  1.00 56.37  ? 141 VAL A CG2 1 
ATOM   1088 N N   . VAL A 1 146 ? -5.492  -4.292  13.503  1.00 54.95  ? 142 VAL A N   1 
ATOM   1089 C CA  . VAL A 1 146 ? -5.283  -5.374  12.564  1.00 53.06  ? 142 VAL A CA  1 
ATOM   1090 C C   . VAL A 1 146 ? -6.438  -5.403  11.573  1.00 55.72  ? 142 VAL A C   1 
ATOM   1091 O O   . VAL A 1 146 ? -7.585  -5.475  11.977  1.00 56.80  ? 142 VAL A O   1 
ATOM   1092 C CB  . VAL A 1 146 ? -5.177  -6.714  13.297  1.00 50.22  ? 142 VAL A CB  1 
ATOM   1093 C CG1 . VAL A 1 146 ? -5.104  -7.882  12.333  1.00 50.13  ? 142 VAL A CG1 1 
ATOM   1094 C CG2 . VAL A 1 146 ? -4.008  -6.731  14.246  1.00 49.19  ? 142 VAL A CG2 1 
ATOM   1095 N N   . VAL A 1 147 ? -6.138  -5.345  10.269  1.00 53.34  ? 143 VAL A N   1 
ATOM   1096 C CA  . VAL A 1 147 ? -7.154  -5.610  9.271   1.00 49.51  ? 143 VAL A CA  1 
ATOM   1097 C C   . VAL A 1 147 ? -6.773  -6.884  8.527   1.00 54.25  ? 143 VAL A C   1 
ATOM   1098 O O   . VAL A 1 147 ? -5.746  -6.968  7.851   1.00 51.10  ? 143 VAL A O   1 
ATOM   1099 C CB  . VAL A 1 147 ? -7.390  -4.408  8.339   1.00 52.41  ? 143 VAL A CB  1 
ATOM   1100 C CG1 . VAL A 1 147 ? -8.534  -4.659  7.378   1.00 53.63  ? 143 VAL A CG1 1 
ATOM   1101 C CG2 . VAL A 1 147 ? -7.615  -3.113  9.113   1.00 52.35  ? 143 VAL A CG2 1 
ATOM   1102 N N   . GLY A 1 148 ? -7.630  -7.894  8.678   1.00 47.56  ? 144 GLY A N   1 
ATOM   1103 C CA  . GLY A 1 148 ? -7.428  -9.191  8.054   1.00 47.97  ? 144 GLY A CA  1 
ATOM   1104 C C   . GLY A 1 148 ? -7.494  -9.125  6.526   1.00 49.03  ? 144 GLY A C   1 
ATOM   1105 O O   . GLY A 1 148 ? -8.087  -8.212  5.960   1.00 47.27  ? 144 GLY A O   1 
ATOM   1106 N N   . ALA A 1 149 ? -6.928  -10.155 5.888   1.00 49.69  ? 145 ALA A N   1 
ATOM   1107 C CA  . ALA A 1 149 ? -6.901  -10.291 4.440   1.00 51.78  ? 145 ALA A CA  1 
ATOM   1108 C C   . ALA A 1 149 ? -8.312  -10.281 3.874   1.00 55.14  ? 145 ALA A C   1 
ATOM   1109 O O   . ALA A 1 149 ? -9.222  -10.799 4.490   1.00 51.23  ? 145 ALA A O   1 
ATOM   1110 C CB  . ALA A 1 149 ? -6.185  -11.565 4.063   1.00 50.99  ? 145 ALA A CB  1 
ATOM   1111 N N   . ASN A 1 150 ? -8.454  -9.700  2.680   1.00 46.79  ? 146 ASN A N   1 
ATOM   1112 C CA  . ASN A 1 150 ? -9.635  -9.830  1.854   1.00 52.92  ? 146 ASN A CA  1 
ATOM   1113 C C   . ASN A 1 150 ? -10.766 -8.998  2.437   1.00 56.78  ? 146 ASN A C   1 
ATOM   1114 O O   . ASN A 1 150 ? -11.924 -9.262  2.149   1.00 67.27  ? 146 ASN A O   1 
ATOM   1115 C CB  . ASN A 1 150 ? -10.040 -11.290 1.642   1.00 59.46  ? 146 ASN A CB  1 
ATOM   1116 C CG  . ASN A 1 150 ? -9.052  -12.022 0.764   1.00 59.86  ? 146 ASN A CG  1 
ATOM   1117 O OD1 . ASN A 1 150 ? -8.185  -11.404 0.145   1.00 62.86  ? 146 ASN A OD1 1 
ATOM   1118 N ND2 . ASN A 1 150 ? -9.185  -13.334 0.689   1.00 56.49  ? 146 ASN A ND2 1 
ATOM   1119 N N   . SER A 1 151 ? -10.409 -7.950  3.185   1.00 51.35  ? 147 SER A N   1 
ATOM   1120 C CA  . SER A 1 151 ? -11.395 -7.072  3.781   1.00 55.07  ? 147 SER A CA  1 
ATOM   1121 C C   . SER A 1 151 ? -11.724 -5.914  2.847   1.00 57.79  ? 147 SER A C   1 
ATOM   1122 O O   . SER A 1 151 ? -10.903 -5.476  2.019   1.00 56.32  ? 147 SER A O   1 
ATOM   1123 C CB  . SER A 1 151 ? -10.939 -6.569  5.128   1.00 58.86  ? 147 SER A CB  1 
ATOM   1124 O OG  . SER A 1 151 ? -10.718 -7.650  6.026   1.00 53.21  ? 147 SER A OG  1 
ATOM   1125 N N   . LEU A 1 152 ? -12.940 -5.398  3.041   1.00 50.78  ? 148 LEU A N   1 
ATOM   1126 C CA  . LEU A 1 152 ? -13.341 -4.115  2.508   1.00 47.83  ? 148 LEU A CA  1 
ATOM   1127 C C   . LEU A 1 152 ? -13.802 -3.220  3.651   1.00 61.82  ? 148 LEU A C   1 
ATOM   1128 O O   . LEU A 1 152 ? -14.855 -3.483  4.245   1.00 55.37  ? 148 LEU A O   1 
ATOM   1129 C CB  . LEU A 1 152 ? -14.451 -4.376  1.505   1.00 48.53  ? 148 LEU A CB  1 
ATOM   1130 C CG  . LEU A 1 152 ? -15.121 -3.130  0.965   1.00 51.82  ? 148 LEU A CG  1 
ATOM   1131 C CD1 . LEU A 1 152 ? -14.125 -2.310  0.167   1.00 55.45  ? 148 LEU A CD1 1 
ATOM   1132 C CD2 . LEU A 1 152 ? -16.317 -3.516  0.122   1.00 51.15  ? 148 LEU A CD2 1 
ATOM   1133 N N   . VAL A 1 153 ? -12.996 -2.184  3.939   1.00 49.57  ? 149 VAL A N   1 
ATOM   1134 C CA  . VAL A 1 153 ? -13.206 -1.267  5.037   1.00 52.95  ? 149 VAL A CA  1 
ATOM   1135 C C   . VAL A 1 153 ? -14.002 -0.063  4.529   1.00 63.37  ? 149 VAL A C   1 
ATOM   1136 O O   . VAL A 1 153 ? -13.478 0.782   3.799   1.00 54.20  ? 149 VAL A O   1 
ATOM   1137 C CB  . VAL A 1 153 ? -11.856 -0.834  5.643   1.00 55.10  ? 149 VAL A CB  1 
ATOM   1138 C CG1 . VAL A 1 153 ? -12.011 0.068   6.857   1.00 56.61  ? 149 VAL A CG1 1 
ATOM   1139 C CG2 . VAL A 1 153 ? -10.997 -2.029  5.996   1.00 57.32  ? 149 VAL A CG2 1 
ATOM   1140 N N   . LEU A 1 154 ? -15.273 0.019   4.962   1.00 59.62  ? 150 LEU A N   1 
ATOM   1141 C CA  . LEU A 1 154 ? -16.187 1.080   4.565   1.00 56.52  ? 150 LEU A CA  1 
ATOM   1142 C C   . LEU A 1 154 ? -16.355 2.135   5.661   1.00 52.68  ? 150 LEU A C   1 
ATOM   1143 O O   . LEU A 1 154 ? -16.792 3.228   5.340   1.00 57.42  ? 150 LEU A O   1 
ATOM   1144 C CB  . LEU A 1 154 ? -17.547 0.469   4.207   1.00 61.97  ? 150 LEU A CB  1 
ATOM   1145 C CG  . LEU A 1 154 ? -17.565 -0.581  3.089   1.00 63.74  ? 150 LEU A CG  1 
ATOM   1146 C CD1 . LEU A 1 154 ? -18.999 -0.972  2.759   1.00 65.91  ? 150 LEU A CD1 1 
ATOM   1147 C CD2 . LEU A 1 154 ? -16.870 -0.090  1.828   1.00 61.78  ? 150 LEU A CD2 1 
ATOM   1148 N N   . LYS A 1 155 ? -16.025 1.830   6.928   1.00 61.09  ? 151 LYS A N   1 
ATOM   1149 C CA  . LYS A 1 155 ? -16.245 2.756   8.035   1.00 65.22  ? 151 LYS A CA  1 
ATOM   1150 C C   . LYS A 1 155 ? -15.001 2.864   8.907   1.00 62.12  ? 151 LYS A C   1 
ATOM   1151 O O   . LYS A 1 155 ? -14.187 1.939   8.929   1.00 58.35  ? 151 LYS A O   1 
ATOM   1152 C CB  . LYS A 1 155 ? -17.384 2.259   8.931   1.00 79.79  ? 151 LYS A CB  1 
ATOM   1153 C CG  . LYS A 1 155 ? -18.780 2.308   8.318   1.00 90.48  ? 151 LYS A CG  1 
ATOM   1154 C CD  . LYS A 1 155 ? -19.577 1.035   8.513   1.00 96.34  ? 151 LYS A CD  1 
ATOM   1155 C CE  . LYS A 1 155 ? -18.853 -0.176  7.953   1.00 96.16  ? 151 LYS A CE  1 
ATOM   1156 N NZ  . LYS A 1 155 ? -19.775 -1.146  7.314   1.00 87.92  ? 151 LYS A NZ  1 
ATOM   1157 N N   . ASP A 1 156 ? -14.903 3.971   9.662   1.00 56.32  ? 152 ASP A N   1 
ATOM   1158 C CA  . ASP A 1 156 ? -13.821 4.189   10.610  1.00 57.36  ? 152 ASP A CA  1 
ATOM   1159 C C   . ASP A 1 156 ? -13.600 2.983   11.516  1.00 56.52  ? 152 ASP A C   1 
ATOM   1160 O O   . ASP A 1 156 ? -14.501 2.199   11.778  1.00 61.14  ? 152 ASP A O   1 
ATOM   1161 C CB  . ASP A 1 156 ? -14.045 5.394   11.517  1.00 54.43  ? 152 ASP A CB  1 
ATOM   1162 C CG  . ASP A 1 156 ? -14.010 6.716   10.792  1.00 60.11  ? 152 ASP A CG  1 
ATOM   1163 O OD1 . ASP A 1 156 ? -13.946 6.694   9.553   1.00 59.03  ? 152 ASP A OD1 1 
ATOM   1164 O OD2 . ASP A 1 156 ? -14.035 7.750   11.486  1.00 70.61  ? 152 ASP A OD2 1 
ATOM   1165 N N   . ILE A 1 157 ? -12.355 2.829   11.969  1.00 59.04  ? 153 ILE A N   1 
ATOM   1166 C CA  . ILE A 1 157 ? -11.986 1.763   12.883  1.00 57.17  ? 153 ILE A CA  1 
ATOM   1167 C C   . ILE A 1 157 ? -11.205 2.406   14.016  1.00 62.37  ? 153 ILE A C   1 
ATOM   1168 O O   . ILE A 1 157 ? -10.269 3.158   13.757  1.00 65.34  ? 153 ILE A O   1 
ATOM   1169 C CB  . ILE A 1 157 ? -11.129 0.688   12.193  1.00 62.36  ? 153 ILE A CB  1 
ATOM   1170 C CG1 . ILE A 1 157 ? -11.826 0.072   10.982  1.00 61.88  ? 153 ILE A CG1 1 
ATOM   1171 C CG2 . ILE A 1 157 ? -10.706 -0.366  13.204  1.00 59.19  ? 153 ILE A CG2 1 
ATOM   1172 C CD1 . ILE A 1 157 ? -10.955 -0.923  10.221  1.00 60.53  ? 153 ILE A CD1 1 
ATOM   1173 N N   . PRO A 1 158 ? -11.589 2.187   15.291  1.00 64.31  ? 154 PRO A N   1 
ATOM   1174 C CA  . PRO A 1 158 ? -10.818 2.696   16.416  1.00 58.28  ? 154 PRO A CA  1 
ATOM   1175 C C   . PRO A 1 158 ? -9.602  1.829   16.699  1.00 61.53  ? 154 PRO A C   1 
ATOM   1176 O O   . PRO A 1 158 ? -9.560  0.654   16.322  1.00 59.03  ? 154 PRO A O   1 
ATOM   1177 C CB  . PRO A 1 158 ? -11.757 2.609   17.632  1.00 63.04  ? 154 PRO A CB  1 
ATOM   1178 C CG  . PRO A 1 158 ? -13.082 2.076   17.099  1.00 70.11  ? 154 PRO A CG  1 
ATOM   1179 C CD  . PRO A 1 158 ? -12.813 1.498   15.726  1.00 70.72  ? 154 PRO A CD  1 
ATOM   1180 N N   . SER A 1 159 ? -8.678  2.425   17.461  1.00 61.64  ? 155 SER A N   1 
ATOM   1181 C CA  . SER A 1 159 ? -7.445  1.791   17.890  1.00 59.41  ? 155 SER A CA  1 
ATOM   1182 C C   . SER A 1 159 ? -7.727  0.482   18.612  1.00 64.98  ? 155 SER A C   1 
ATOM   1183 O O   . SER A 1 159 ? -8.817  0.289   19.137  1.00 66.10  ? 155 SER A O   1 
ATOM   1184 C CB  . SER A 1 159 ? -6.638  2.723   18.769  1.00 63.87  ? 155 SER A CB  1 
ATOM   1185 O OG  . SER A 1 159 ? -6.498  3.994   18.153  1.00 59.29  ? 155 SER A OG  1 
ATOM   1186 N N   . ASP A 1 160 ? -6.720  -0.400  18.575  1.00 62.56  ? 156 ASP A N   1 
ATOM   1187 C CA  . ASP A 1 160 ? -6.685  -1.665  19.283  1.00 61.58  ? 156 ASP A CA  1 
ATOM   1188 C C   . ASP A 1 160 ? -7.812  -2.596  18.863  1.00 63.56  ? 156 ASP A C   1 
ATOM   1189 O O   . ASP A 1 160 ? -8.135  -3.497  19.631  1.00 69.61  ? 156 ASP A O   1 
ATOM   1190 C CB  . ASP A 1 160 ? -6.696  -1.432  20.791  1.00 68.95  ? 156 ASP A CB  1 
ATOM   1191 C CG  . ASP A 1 160 ? -5.536  -0.549  21.176  1.00 63.46  ? 156 ASP A CG  1 
ATOM   1192 O OD1 . ASP A 1 160 ? -4.390  -1.044  21.151  1.00 58.84  ? 156 ASP A OD1 1 
ATOM   1193 O OD2 . ASP A 1 160 ? -5.780  0.640   21.371  1.00 63.19  ? 156 ASP A OD2 1 
ATOM   1194 N N   . CYS A 1 161 ? -8.321  -2.428  17.631  1.00 62.75  ? 157 CYS A N   1 
ATOM   1195 C CA  . CYS A 1 161 ? -9.341  -3.300  17.063  1.00 60.35  ? 157 CYS A CA  1 
ATOM   1196 C C   . CYS A 1 161 ? -8.746  -4.313  16.079  1.00 68.35  ? 157 CYS A C   1 
ATOM   1197 O O   . CYS A 1 161 ? -7.739  -4.031  15.424  1.00 59.17  ? 157 CYS A O   1 
ATOM   1198 C CB  . CYS A 1 161 ? -10.393 -2.462  16.349  1.00 65.41  ? 157 CYS A CB  1 
ATOM   1199 S SG  . CYS A 1 161 ? -11.292 -1.373  17.483  1.00 73.50  ? 157 CYS A SG  1 
ATOM   1200 N N   . LYS A 1 162 ? -9.404  -5.480  15.979  1.00 60.76  ? 158 LYS A N   1 
ATOM   1201 C CA  . LYS A 1 162 ? -9.161  -6.477  14.948  1.00 57.53  ? 158 LYS A CA  1 
ATOM   1202 C C   . LYS A 1 162 ? -10.434 -6.595  14.121  1.00 63.94  ? 158 LYS A C   1 
ATOM   1203 O O   . LYS A 1 162 ? -11.506 -6.843  14.683  1.00 58.93  ? 158 LYS A O   1 
ATOM   1204 C CB  . LYS A 1 162 ? -8.726  -7.786  15.607  1.00 63.86  ? 158 LYS A CB  1 
ATOM   1205 C CG  . LYS A 1 162 ? -8.296  -8.911  14.678  1.00 68.24  ? 158 LYS A CG  1 
ATOM   1206 C CD  . LYS A 1 162 ? -9.366  -9.926  14.326  1.00 75.45  ? 158 LYS A CD  1 
ATOM   1207 C CE  . LYS A 1 162 ? -9.423  -11.128 15.251  1.00 77.96  ? 158 LYS A CE  1 
ATOM   1208 N NZ  . LYS A 1 162 ? -8.153  -11.890 15.295  1.00 79.72  ? 158 LYS A NZ  1 
ATOM   1209 N N   . VAL A 1 163 ? -10.324 -6.323  12.808  1.00 57.38  ? 159 VAL A N   1 
ATOM   1210 C CA  . VAL A 1 163 ? -11.468 -6.319  11.909  1.00 58.29  ? 159 VAL A CA  1 
ATOM   1211 C C   . VAL A 1 163 ? -11.185 -7.245  10.738  1.00 61.70  ? 159 VAL A C   1 
ATOM   1212 O O   . VAL A 1 163 ? -10.030 -7.445  10.386  1.00 59.72  ? 159 VAL A O   1 
ATOM   1213 C CB  . VAL A 1 163 ? -11.789 -4.896  11.422  1.00 65.42  ? 159 VAL A CB  1 
ATOM   1214 C CG1 . VAL A 1 163 ? -11.735 -3.901  12.571  1.00 60.88  ? 159 VAL A CG1 1 
ATOM   1215 C CG2 . VAL A 1 163 ? -10.870 -4.450  10.292  1.00 69.06  ? 159 VAL A CG2 1 
ATOM   1216 N N   . PHE A 1 164 ? -12.250 -7.831  10.179  1.00 62.35  ? 160 PHE A N   1 
ATOM   1217 C CA  . PHE A 1 164 ? -12.193 -8.473  8.881   1.00 56.89  ? 160 PHE A CA  1 
ATOM   1218 C C   . PHE A 1 164 ? -13.599 -8.647  8.316   1.00 65.99  ? 160 PHE A C   1 
ATOM   1219 O O   . PHE A 1 164 ? -14.601 -8.432  9.007   1.00 59.37  ? 160 PHE A O   1 
ATOM   1220 C CB  . PHE A 1 164 ? -11.371 -9.766  8.898   1.00 60.63  ? 160 PHE A CB  1 
ATOM   1221 C CG  . PHE A 1 164 ? -11.722 -10.791 9.940   1.00 67.56  ? 160 PHE A CG  1 
ATOM   1222 C CD1 . PHE A 1 164 ? -12.986 -11.357 9.984   1.00 74.87  ? 160 PHE A CD1 1 
ATOM   1223 C CD2 . PHE A 1 164 ? -10.758 -11.234 10.838  1.00 71.79  ? 160 PHE A CD2 1 
ATOM   1224 C CE1 . PHE A 1 164 ? -13.290 -12.323 10.936  1.00 81.26  ? 160 PHE A CE1 1 
ATOM   1225 C CE2 . PHE A 1 164 ? -11.062 -12.193 11.794  1.00 75.83  ? 160 PHE A CE2 1 
ATOM   1226 C CZ  . PHE A 1 164 ? -12.332 -12.734 11.844  1.00 79.02  ? 160 PHE A CZ  1 
ATOM   1227 N N   . GLY A 1 165 ? -13.630 -8.952  7.015   1.00 64.15  ? 161 GLY A N   1 
ATOM   1228 C CA  . GLY A 1 165 ? -14.848 -9.206  6.268   1.00 60.32  ? 161 GLY A CA  1 
ATOM   1229 C C   . GLY A 1 165 ? -15.007 -8.209  5.132   1.00 62.41  ? 161 GLY A C   1 
ATOM   1230 O O   . GLY A 1 165 ? -14.324 -7.181  5.103   1.00 55.09  ? 161 GLY A O   1 
ATOM   1231 N N   . SER A 1 166 ? -15.922 -8.531  4.212   1.00 62.14  ? 162 SER A N   1 
ATOM   1232 C CA  . SER A 1 166 ? -16.420 -7.579  3.234   1.00 63.79  ? 162 SER A CA  1 
ATOM   1233 C C   . SER A 1 166 ? -17.932 -7.455  3.422   1.00 61.96  ? 162 SER A C   1 
ATOM   1234 O O   . SER A 1 166 ? -18.687 -8.318  2.979   1.00 63.66  ? 162 SER A O   1 
ATOM   1235 C CB  . SER A 1 166 ? -16.074 -7.994  1.814   1.00 64.26  ? 162 SER A CB  1 
ATOM   1236 O OG  . SER A 1 166 ? -14.665 -8.148  1.634   1.00 67.04  ? 162 SER A OG  1 
ATOM   1237 N N   . PRO A 1 167 ? -18.447 -6.393  4.072   1.00 66.14  ? 163 PRO A N   1 
ATOM   1238 C CA  . PRO A 1 167 ? -17.645 -5.289  4.589   1.00 54.82  ? 163 PRO A CA  1 
ATOM   1239 C C   . PRO A 1 167 ? -16.980 -5.699  5.894   1.00 58.95  ? 163 PRO A C   1 
ATOM   1240 O O   . PRO A 1 167 ? -17.313 -6.736  6.465   1.00 54.21  ? 163 PRO A O   1 
ATOM   1241 C CB  . PRO A 1 167 ? -18.692 -4.199  4.798   1.00 64.91  ? 163 PRO A CB  1 
ATOM   1242 C CG  . PRO A 1 167 ? -19.902 -4.991  5.261   1.00 70.04  ? 163 PRO A CG  1 
ATOM   1243 C CD  . PRO A 1 167 ? -19.873 -6.245  4.411   1.00 71.64  ? 163 PRO A CD  1 
ATOM   1244 N N   . ALA A 1 168 ? -16.012 -4.895  6.337   1.00 57.82  ? 164 ALA A N   1 
ATOM   1245 C CA  . ALA A 1 168 ? -15.226 -5.232  7.518   1.00 64.36  ? 164 ALA A CA  1 
ATOM   1246 C C   . ALA A 1 168 ? -16.046 -4.929  8.765   1.00 64.01  ? 164 ALA A C   1 
ATOM   1247 O O   . ALA A 1 168 ? -16.745 -3.926  8.791   1.00 58.37  ? 164 ALA A O   1 
ATOM   1248 C CB  . ALA A 1 168 ? -13.946 -4.430  7.554   1.00 63.34  ? 164 ALA A CB  1 
ATOM   1249 N N   . VAL A 1 169 ? -15.907 -5.754  9.804   1.00 68.80  ? 165 VAL A N   1 
ATOM   1250 C CA  . VAL A 1 169 ? -16.573 -5.470  11.067  1.00 72.12  ? 165 VAL A CA  1 
ATOM   1251 C C   . VAL A 1 169 ? -15.583 -5.725  12.195  1.00 64.52  ? 165 VAL A C   1 
ATOM   1252 O O   . VAL A 1 169 ? -14.645 -6.505  12.037  1.00 61.37  ? 165 VAL A O   1 
ATOM   1253 C CB  . VAL A 1 169 ? -17.881 -6.280  11.224  1.00 76.38  ? 165 VAL A CB  1 
ATOM   1254 C CG1 . VAL A 1 169 ? -18.877 -5.918  10.137  1.00 78.83  ? 165 VAL A CG1 1 
ATOM   1255 C CG2 . VAL A 1 169 ? -17.656 -7.791  11.247  1.00 76.94  ? 165 VAL A CG2 1 
ATOM   1256 N N   . ILE A 1 170 ? -15.805 -5.051  13.329  1.00 67.20  ? 166 ILE A N   1 
ATOM   1257 C CA  . ILE A 1 170 ? -14.954 -5.226  14.498  1.00 63.81  ? 166 ILE A CA  1 
ATOM   1258 C C   . ILE A 1 170 ? -15.184 -6.637  15.027  1.00 65.86  ? 166 ILE A C   1 
ATOM   1259 O O   . ILE A 1 170 ? -16.320 -7.089  15.097  1.00 69.96  ? 166 ILE A O   1 
ATOM   1260 C CB  . ILE A 1 170 ? -15.213 -4.103  15.527  1.00 67.37  ? 166 ILE A CB  1 
ATOM   1261 C CG1 . ILE A 1 170 ? -14.900 -2.731  14.913  1.00 66.93  ? 166 ILE A CG1 1 
ATOM   1262 C CG2 . ILE A 1 170 ? -14.449 -4.344  16.828  1.00 62.46  ? 166 ILE A CG2 1 
ATOM   1263 C CD1 . ILE A 1 170 ? -15.243 -1.534  15.786  1.00 71.16  ? 166 ILE A CD1 1 
ATOM   1264 N N   . ILE A 1 171 ? -14.106 -7.366  15.338  1.00 66.30  ? 167 ILE A N   1 
ATOM   1265 C CA  . ILE A 1 171 ? -14.261 -8.752  15.741  1.00 63.41  ? 167 ILE A CA  1 
ATOM   1266 C C   . ILE A 1 171 ? -13.819 -8.930  17.190  1.00 73.78  ? 167 ILE A C   1 
ATOM   1267 O O   . ILE A 1 171 ? -14.311 -9.813  17.882  1.00 79.23  ? 167 ILE A O   1 
ATOM   1268 C CB  . ILE A 1 171 ? -13.477 -9.706  14.827  1.00 70.17  ? 167 ILE A CB  1 
ATOM   1269 C CG1 . ILE A 1 171 ? -13.756 -9.456  13.340  1.00 69.62  ? 167 ILE A CG1 1 
ATOM   1270 C CG2 . ILE A 1 171 ? -13.745 -11.154 15.224  1.00 67.88  ? 167 ILE A CG2 1 
ATOM   1271 C CD1 . ILE A 1 171 ? -15.202 -9.601  12.938  1.00 75.91  ? 167 ILE A CD1 1 
ATOM   1272 N N   . THR A 1 172 ? -12.826 -8.148  17.606  1.00 65.45  ? 168 THR A N   1 
ATOM   1273 C CA  . THR A 1 172 ? -12.289 -8.206  18.952  1.00 64.69  ? 168 THR A CA  1 
ATOM   1274 C C   . THR A 1 172 ? -11.297 -7.056  19.077  1.00 63.46  ? 168 THR A C   1 
ATOM   1275 O O   . THR A 1 172 ? -11.281 -6.182  18.211  1.00 56.87  ? 168 THR A O   1 
ATOM   1276 C CB  . THR A 1 172 ? -11.692 -9.582  19.274  1.00 73.13  ? 168 THR A CB  1 
ATOM   1277 O OG1 . THR A 1 172 ? -11.389 -9.544  20.667  1.00 89.77  ? 168 THR A OG1 1 
ATOM   1278 C CG2 . THR A 1 172 ? -10.447 -9.924  18.492  1.00 69.74  ? 168 THR A CG2 1 
ATOM   1279 N N   . ASP A 1 173 ? -10.512 -7.040  20.160  1.00 66.73  ? 169 ASP A N   1 
ATOM   1280 C CA  . ASP A 1 173 ? -9.446  -6.064  20.302  1.00 69.80  ? 169 ASP A CA  1 
ATOM   1281 C C   . ASP A 1 173 ? -8.160  -6.692  19.766  1.00 69.00  ? 169 ASP A C   1 
ATOM   1282 O O   . ASP A 1 173 ? -8.119  -7.888  19.469  1.00 64.26  ? 169 ASP A O   1 
ATOM   1283 C CB  . ASP A 1 173 ? -9.346  -5.497  21.725  1.00 72.31  ? 169 ASP A CB  1 
ATOM   1284 C CG  . ASP A 1 173 ? -9.030  -6.506  22.812  1.00 76.89  ? 169 ASP A CG  1 
ATOM   1285 O OD1 . ASP A 1 173 ? -7.896  -7.009  22.836  1.00 77.25  ? 169 ASP A OD1 1 
ATOM   1286 O OD2 . ASP A 1 173 ? -9.917  -6.758  23.641  1.00 87.68  ? 169 ASP A OD2 1 
ATOM   1287 N N   . SER A 1 174 ? -7.126  -5.864  19.600  1.00 67.02  ? 170 SER A N   1 
ATOM   1288 C CA  . SER A 1 174 ? -5.897  -6.332  18.971  1.00 72.60  ? 170 SER A CA  1 
ATOM   1289 C C   . SER A 1 174 ? -4.829  -6.576  20.025  1.00 70.87  ? 170 SER A C   1 
ATOM   1290 O O   . SER A 1 174 ? -3.674  -6.800  19.663  1.00 64.35  ? 170 SER A O   1 
ATOM   1291 C CB  . SER A 1 174 ? -5.394  -5.347  17.946  1.00 68.63  ? 170 SER A CB  1 
ATOM   1292 O OG  . SER A 1 174 ? -4.816  -4.222  18.591  1.00 64.98  ? 170 SER A OG  1 
ATOM   1293 N N   . LEU A 1 175 ? -5.238  -6.540  21.308  1.00 67.24  ? 171 LEU A N   1 
ATOM   1294 C CA  . LEU A 1 175 ? -4.312  -6.478  22.430  1.00 72.81  ? 171 LEU A CA  1 
ATOM   1295 C C   . LEU A 1 175 ? -3.303  -7.620  22.395  1.00 56.52  ? 171 LEU A C   1 
ATOM   1296 O O   . LEU A 1 175 ? -2.135  -7.394  22.687  1.00 59.59  ? 171 LEU A O   1 
ATOM   1297 C CB  . LEU A 1 175 ? -5.068  -6.516  23.766  1.00 74.13  ? 171 LEU A CB  1 
ATOM   1298 C CG  . LEU A 1 175 ? -5.561  -5.182  24.328  1.00 83.28  ? 171 LEU A CG  1 
ATOM   1299 C CD1 . LEU A 1 175 ? -5.653  -5.270  25.850  1.00 83.58  ? 171 LEU A CD1 1 
ATOM   1300 C CD2 . LEU A 1 175 ? -4.681  -4.001  23.910  1.00 74.52  ? 171 LEU A CD2 1 
ATOM   1301 N N   . ASN A 1 176 ? -3.762  -8.836  22.084  1.00 57.49  ? 172 ASN A N   1 
ATOM   1302 C CA  . ASN A 1 176 ? -2.922  -10.022 22.204  1.00 67.81  ? 172 ASN A CA  1 
ATOM   1303 C C   . ASN A 1 176 ? -1.782  -10.001 21.175  1.00 74.87  ? 172 ASN A C   1 
ATOM   1304 O O   . ASN A 1 176 ? -0.743  -10.612 21.414  1.00 67.36  ? 172 ASN A O   1 
ATOM   1305 C CB  . ASN A 1 176 ? -3.765  -11.300 22.117  1.00 70.11  ? 172 ASN A CB  1 
ATOM   1306 C CG  . ASN A 1 176 ? -4.539  -11.390 20.815  1.00 85.21  ? 172 ASN A CG  1 
ATOM   1307 O OD1 . ASN A 1 176 ? -5.152  -10.415 20.376  1.00 93.61  ? 172 ASN A OD1 1 
ATOM   1308 N ND2 . ASN A 1 176 ? -4.488  -12.541 20.164  1.00 94.85  ? 172 ASN A ND2 1 
ATOM   1309 N N   . TYR A 1 177 ? -1.968  -9.314  20.028  1.00 73.98  ? 173 TYR A N   1 
ATOM   1310 C CA  . TYR A 1 177 ? -0.935  -9.208  18.992  1.00 71.33  ? 173 TYR A CA  1 
ATOM   1311 C C   . TYR A 1 177 ? 0.163   -8.229  19.417  1.00 71.86  ? 173 TYR A C   1 
ATOM   1312 O O   . TYR A 1 177 ? 1.258   -8.242  18.853  1.00 59.07  ? 173 TYR A O   1 
ATOM   1313 C CB  . TYR A 1 177 ? -1.532  -8.773  17.641  1.00 68.60  ? 173 TYR A CB  1 
ATOM   1314 C CG  . TYR A 1 177 ? -2.552  -9.729  17.065  1.00 66.95  ? 173 TYR A CG  1 
ATOM   1315 C CD1 . TYR A 1 177 ? -2.174  -10.916 16.450  1.00 60.22  ? 173 TYR A CD1 1 
ATOM   1316 C CD2 . TYR A 1 177 ? -3.907  -9.471  17.191  1.00 68.93  ? 173 TYR A CD2 1 
ATOM   1317 C CE1 . TYR A 1 177 ? -3.114  -11.796 15.935  1.00 66.27  ? 173 TYR A CE1 1 
ATOM   1318 C CE2 . TYR A 1 177 ? -4.861  -10.345 16.692  1.00 66.39  ? 173 TYR A CE2 1 
ATOM   1319 C CZ  . TYR A 1 177 ? -4.466  -11.511 16.062  1.00 71.52  ? 173 TYR A CZ  1 
ATOM   1320 O OH  . TYR A 1 177 ? -5.450  -12.355 15.597  1.00 66.66  ? 173 TYR A OH  1 
ATOM   1321 N N   . GLN A 1 178 ? -0.121  -7.386  20.428  1.00 64.49  ? 174 GLN A N   1 
ATOM   1322 C CA  . GLN A 1 178 ? 0.825   -6.366  20.845  1.00 62.30  ? 174 GLN A CA  1 
ATOM   1323 C C   . GLN A 1 178 ? 1.787   -6.887  21.919  1.00 72.55  ? 174 GLN A C   1 
ATOM   1324 O O   . GLN A 1 178 ? 2.652   -6.126  22.339  1.00 82.82  ? 174 GLN A O   1 
ATOM   1325 C CB  . GLN A 1 178 ? 0.081   -5.140  21.360  1.00 66.79  ? 174 GLN A CB  1 
ATOM   1326 C CG  . GLN A 1 178 ? -1.127  -4.742  20.523  1.00 66.76  ? 174 GLN A CG  1 
ATOM   1327 C CD  . GLN A 1 178 ? -1.775  -3.470  21.017  1.00 69.07  ? 174 GLN A CD  1 
ATOM   1328 O OE1 . GLN A 1 178 ? -1.189  -2.716  21.789  1.00 69.20  ? 174 GLN A OE1 1 
ATOM   1329 N NE2 . GLN A 1 178 ? -2.994  -3.221  20.567  1.00 69.50  ? 174 GLN A NE2 1 
ATOM   1330 N N   . ARG A 1 179 ? 1.684   -8.176  22.305  1.00 80.06  ? 175 ARG A N   1 
ATOM   1331 C CA  . ARG A 1 179 ? 2.314   -8.745  23.500  1.00 81.92  ? 175 ARG A CA  1 
ATOM   1332 C C   . ARG A 1 179 ? 3.838   -8.735  23.408  1.00 93.23  ? 175 ARG A C   1 
ATOM   1333 O O   . ARG A 1 179 ? 4.398   -8.242  22.431  1.00 89.80  ? 175 ARG A O   1 
ATOM   1334 C CB  . ARG A 1 179 ? 1.840   -10.164 23.702  1.00 77.47  ? 175 ARG A CB  1 
ATOM   1335 N N   . ASN A 1 180 ? 4.490   -9.304  24.439  1.00 101.65 ? 176 ASN A N   1 
ATOM   1336 C CA  . ASN A 1 180 ? 5.926   -9.558  24.434  1.00 100.06 ? 176 ASN A CA  1 
ATOM   1337 C C   . ASN A 1 180 ? 6.206   -10.962 24.993  1.00 94.33  ? 176 ASN A C   1 
ATOM   1338 O O   . ASN A 1 180 ? 6.783   -11.783 24.244  1.00 88.95  ? 176 ASN A O   1 
ATOM   1339 C CB  . ASN A 1 180 ? 6.650   -8.486  25.221  1.00 92.06  ? 176 ASN A CB  1 
HETATM 1340 C C17 . 5NG B 2 .   ? -22.790 -2.820  1.850   1.00 75.17  ? 201 5NG A C17 1 
HETATM 1341 C C20 . 5NG B 2 .   ? -23.789 -1.469  3.498   1.00 75.47  ? 201 5NG A C20 1 
HETATM 1342 C C01 . 5NG B 2 .   ? -20.216 0.257   -4.904  1.00 74.62  ? 201 5NG A C01 1 
HETATM 1343 C C02 . 5NG B 2 .   ? -19.375 0.847   -3.765  1.00 70.59  ? 201 5NG A C02 1 
HETATM 1344 C C03 . 5NG B 2 .   ? -18.362 1.824   -4.359  1.00 78.28  ? 201 5NG A C03 1 
HETATM 1345 C C04 . 5NG B 2 .   ? -20.249 1.689   -2.847  1.00 77.65  ? 201 5NG A C04 1 
HETATM 1346 O O05 . 5NG B 2 .   ? -21.303 0.879   -2.296  1.00 81.81  ? 201 5NG A O05 1 
HETATM 1347 P P06 . 5NG B 2 .   ? -22.540 1.630   -1.594  1.00 72.54  ? 201 5NG A P06 1 
HETATM 1348 O O07 . 5NG B 2 .   ? -23.640 0.618   -1.528  1.00 65.45  ? 201 5NG A O07 1 
HETATM 1349 O O08 . 5NG B 2 .   ? -22.783 2.926   -2.295  1.00 78.61  ? 201 5NG A O08 1 
HETATM 1350 O O09 . 5NG B 2 .   ? -21.883 1.903   -0.162  1.00 68.04  ? 201 5NG A O09 1 
HETATM 1351 P P10 . 5NG B 2 .   ? -22.554 1.991   1.301   1.00 70.06  ? 201 5NG A P10 1 
HETATM 1352 O O11 . 5NG B 2 .   ? -23.722 2.921   1.166   1.00 75.86  ? 201 5NG A O11 1 
HETATM 1353 O O12 . 5NG B 2 .   ? -21.501 2.293   2.315   1.00 75.35  ? 201 5NG A O12 1 
HETATM 1354 O O13 . 5NG B 2 .   ? -23.053 0.486   1.512   1.00 67.82  ? 201 5NG A O13 1 
HETATM 1355 C C14 . 5NG B 2 .   ? -24.444 0.100   1.545   1.00 68.93  ? 201 5NG A C14 1 
HETATM 1356 O O16 . 5NG B 2 .   ? -23.941 -2.235  1.259   1.00 71.18  ? 201 5NG A O16 1 
HETATM 1357 C C18 . 5NG B 2 .   ? -22.409 -1.986  3.073   1.00 69.43  ? 201 5NG A C18 1 
HETATM 1358 O O19 . 5NG B 2 .   ? -21.804 -2.744  4.108   1.00 59.75  ? 201 5NG A O19 1 
HETATM 1359 O O21 . 5NG B 2 .   ? -24.328 -2.524  4.299   1.00 82.06  ? 201 5NG A O21 1 
HETATM 1360 P P22 . 5NG B 2 .   ? -25.697 -2.202  5.112   1.00 86.34  ? 201 5NG A P22 1 
HETATM 1361 O O23 . 5NG B 2 .   ? -26.819 -2.608  4.165   1.00 70.10  ? 201 5NG A O23 1 
HETATM 1362 O O24 . 5NG B 2 .   ? -25.630 -3.065  6.342   1.00 72.63  ? 201 5NG A O24 1 
HETATM 1363 O O25 . 5NG B 2 .   ? -25.688 -0.717  5.443   1.00 76.76  ? 201 5NG A O25 1 
HETATM 1364 N N26 . 5NG B 2 .   ? -21.763 -2.891  0.816   1.00 74.59  ? 201 5NG A N26 1 
HETATM 1365 C C27 . 5NG B 2 .   ? -21.421 -1.904  -0.073  1.00 69.16  ? 201 5NG A C27 1 
HETATM 1366 N N28 . 5NG B 2 .   ? -20.500 -2.275  -0.919  1.00 65.10  ? 201 5NG A N28 1 
HETATM 1367 C C29 . 5NG B 2 .   ? -20.215 -3.585  -0.569  1.00 68.76  ? 201 5NG A C29 1 
HETATM 1368 C C30 . 5NG B 2 .   ? -19.308 -4.530  -1.091  1.00 67.77  ? 201 5NG A C30 1 
HETATM 1369 N N31 . 5NG B 2 .   ? -18.502 -4.289  -2.125  1.00 65.83  ? 201 5NG A N31 1 
HETATM 1370 N N32 . 5NG B 2 .   ? -19.266 -5.748  -0.494  1.00 66.90  ? 201 5NG A N32 1 
HETATM 1371 C C33 . 5NG B 2 .   ? -20.098 -5.994  0.528   1.00 79.10  ? 201 5NG A C33 1 
HETATM 1372 N N34 . 5NG B 2 .   ? -20.986 -5.183  1.098   1.00 80.11  ? 201 5NG A N34 1 
HETATM 1373 C C35 . 5NG B 2 .   ? -20.995 -3.979  0.497   1.00 68.36  ? 201 5NG A C35 1 
HETATM 1374 C C36 . 5NG B 2 .   ? -18.645 -0.279  -3.008  1.00 68.23  ? 201 5NG A C36 1 
HETATM 1375 O O37 . 5NG B 2 .   ? -19.180 -1.582  -3.124  1.00 55.55  ? 201 5NG A O37 1 
HETATM 1376 C C38 . 5NG B 2 .   ? -17.222 -0.373  -3.501  1.00 68.78  ? 201 5NG A C38 1 
HETATM 1377 O O39 . 5NG B 2 .   ? -16.967 -1.057  -4.491  1.00 63.52  ? 201 5NG A O39 1 
HETATM 1378 N N40 . 5NG B 2 .   ? -16.313 0.253   -2.782  1.00 66.48  ? 201 5NG A N40 1 
HETATM 1379 C C41 . 5NG B 2 .   ? -14.965 0.481   -3.275  1.00 74.60  ? 201 5NG A C41 1 
HETATM 1380 C C42 . 5NG B 2 .   ? -14.722 1.931   -3.376  1.00 65.94  ? 201 5NG A C42 1 
HETATM 1381 C C43 . 5NG B 2 .   ? -13.354 2.299   -3.898  1.00 60.52  ? 201 5NG A C43 1 
HETATM 1382 O O44 . 5NG B 2 .   ? -12.476 2.713   -3.149  1.00 54.23  ? 201 5NG A O44 1 
HETATM 1383 N N45 . 5NG B 2 .   ? -13.178 2.219   -5.211  1.00 57.85  ? 201 5NG A N45 1 
HETATM 1384 C C46 . 5NG B 2 .   ? -12.473 3.283   -5.900  1.00 61.64  ? 201 5NG A C46 1 
HETATM 1385 C C47 . 5NG B 2 .   ? -11.220 2.859   -6.531  1.00 57.83  ? 201 5NG A C47 1 
HETATM 1386 S S48 . 5NG B 2 .   ? -10.586 4.263   -7.498  1.00 61.87  ? 201 5NG A S48 1 
HETATM 1387 S S49 . 5NG B 2 .   ? -12.195 4.828   -8.644  1.00 58.51  ? 201 5NG A S49 1 
HETATM 1388 C C50 . 5NG B 2 .   ? -12.233 3.601   -9.985  1.00 63.37  ? 201 5NG A C50 1 
HETATM 1389 C C51 . 5NG B 2 .   ? -11.067 3.626   -10.958 1.00 61.38  ? 201 5NG A C51 1 
HETATM 1390 N N52 . 5NG B 2 .   ? -11.009 4.832   -11.781 1.00 51.21  ? 201 5NG A N52 1 
HETATM 1391 C C53 . 5NG B 2 .   ? -10.170 5.846   -11.515 1.00 55.64  ? 201 5NG A C53 1 
HETATM 1392 O O54 . 5NG B 2 .   ? -9.445  5.846   -10.523 1.00 53.72  ? 201 5NG A O54 1 
HETATM 1393 C C55 . 5NG B 2 .   ? -10.127 7.001   -12.485 1.00 59.24  ? 201 5NG A C55 1 
HETATM 1394 C C56 . 5NG B 2 .   ? -8.709  7.527   -12.581 1.00 66.32  ? 201 5NG A C56 1 
HETATM 1395 N N57 . 5NG B 2 .   ? -8.455  8.636   -11.671 1.00 67.62  ? 201 5NG A N57 1 
HETATM 1396 C C58 . 5NG B 2 .   ? -7.413  8.683   -10.842 1.00 66.32  ? 201 5NG A C58 1 
HETATM 1397 O O59 . 5NG B 2 .   ? -6.631  7.734   -10.718 1.00 55.44  ? 201 5NG A O59 1 
HETATM 1398 C C60 . 5NG B 2 .   ? -7.240  9.967   -10.019 1.00 58.55  ? 201 5NG A C60 1 
HETATM 1399 O O61 . 5NG B 2 .   ? -8.502  10.643  -9.930  1.00 58.18  ? 201 5NG A O61 1 
HETATM 1400 C C62 . 5NG B 2 .   ? -6.254  11.041  -10.528 1.00 59.86  ? 201 5NG A C62 1 
HETATM 1401 C C63 . 5NG B 2 .   ? -6.418  12.327  -9.699  1.00 59.75  ? 201 5NG A C63 1 
HETATM 1402 C C64 . 5NG B 2 .   ? -4.812  10.552  -10.345 1.00 55.70  ? 201 5NG A C64 1 
HETATM 1403 C C65 . 5NG B 2 .   ? -6.507  11.388  -11.999 1.00 50.98  ? 201 5NG A C65 1 
HETATM 1404 O O66 . 5NG B 2 .   ? -6.184  10.229  -12.829 1.00 61.88  ? 201 5NG A O66 1 
HETATM 1405 P P67 . 5NG B 2 .   ? -6.660  10.195  -14.364 1.00 65.35  ? 201 5NG A P67 1 
HETATM 1406 O O68 . 5NG B 2 .   ? -8.151  10.097  -14.410 1.00 79.89  ? 201 5NG A O68 1 
HETATM 1407 O O69 . 5NG B 2 .   ? -5.796  9.208   -15.095 1.00 62.65  ? 201 5NG A O69 1 
HETATM 1408 O O70 . 5NG B 2 .   ? -6.310  11.662  -14.840 1.00 80.23  ? 201 5NG A O70 1 
HETATM 1409 P P71 . 5NG B 2 .   ? -4.912  12.197  -15.370 1.00 75.34  ? 201 5NG A P71 1 
HETATM 1410 O O72 . 5NG B 2 .   ? -4.123  10.962  -15.718 1.00 72.53  ? 201 5NG A O72 1 
HETATM 1411 O O73 . 5NG B 2 .   ? -4.445  13.131  -14.300 1.00 68.35  ? 201 5NG A O73 1 
HETATM 1412 O O74 . 5NG B 2 .   ? -5.331  13.017  -16.717 1.00 81.65  ? 201 5NG A O74 1 
HETATM 1413 C C75 . 5NG B 2 .   ? -6.492  13.924  -16.805 1.00 68.61  ? 201 5NG A C75 1 
HETATM 1414 C C76 . 5NG B 2 .   ? -7.148  13.841  -18.173 1.00 77.03  ? 201 5NG A C76 1 
HETATM 1415 O O77 . 5NG B 2 .   ? -6.224  14.342  -19.173 1.00 64.13  ? 201 5NG A O77 1 
HETATM 1416 C C78 . 5NG B 2 .   ? -6.322  13.607  -20.375 1.00 70.05  ? 201 5NG A C78 1 
HETATM 1417 C C79 . 5NG B 2 .   ? -7.433  12.573  -20.216 1.00 79.71  ? 201 5NG A C79 1 
HETATM 1418 O O80 . 5NG B 2 .   ? -8.580  13.026  -20.918 1.00 74.30  ? 201 5NG A O80 1 
HETATM 1419 C C81 . 5NG B 2 .   ? -7.548  12.448  -18.681 1.00 79.44  ? 201 5NG A C81 1 
HETATM 1420 O O82 . 5NG B 2 .   ? -8.869  12.094  -18.258 1.00 87.60  ? 201 5NG A O82 1 
HETATM 1421 P P83 . 5NG B 2 .   ? -9.061  10.504  -17.901 1.00 105.15 ? 201 5NG A P83 1 
HETATM 1422 O O84 . 5NG B 2 .   ? -10.459 10.411  -17.309 1.00 92.79  ? 201 5NG A O84 1 
HETATM 1423 O O85 . 5NG B 2 .   ? -8.913  9.710   -19.213 1.00 88.33  ? 201 5NG A O85 1 
HETATM 1424 O O86 . 5NG B 2 .   ? -8.023  10.067  -16.876 1.00 111.53 ? 201 5NG A O86 1 
HETATM 1425 N N87 . 5NG B 2 .   ? -5.004  13.052  -20.644 1.00 64.94  ? 201 5NG A N87 1 
HETATM 1426 C C88 . 5NG B 2 .   ? -3.913  13.153  -19.817 1.00 59.59  ? 201 5NG A C88 1 
HETATM 1427 N N89 . 5NG B 2 .   ? -2.829  12.639  -20.331 1.00 71.32  ? 201 5NG A N89 1 
HETATM 1428 C C90 . 5NG B 2 .   ? -3.232  12.160  -21.570 1.00 64.76  ? 201 5NG A C90 1 
HETATM 1429 C C91 . 5NG B 2 .   ? -2.531  11.478  -22.585 1.00 72.12  ? 201 5NG A C91 1 
HETATM 1430 N N92 . 5NG B 2 .   ? -1.237  11.151  -22.494 1.00 70.76  ? 201 5NG A N92 1 
HETATM 1431 N N93 . 5NG B 2 .   ? -3.233  11.138  -23.700 1.00 70.75  ? 201 5NG A N93 1 
HETATM 1432 C C94 . 5NG B 2 .   ? -4.535  11.475  -23.778 1.00 74.40  ? 201 5NG A C94 1 
HETATM 1433 N N95 . 5NG B 2 .   ? -5.296  12.106  -22.881 1.00 67.85  ? 201 5NG A N95 1 
HETATM 1434 C C96 . 5NG B 2 .   ? -4.574  12.418  -21.784 1.00 61.13  ? 201 5NG A C96 1 
HETATM 1435 C C15 . 5NG B 2 .   ? -24.537 -1.275  2.167   1.00 73.06  ? 201 5NG A C15 1 
HETATM 1436 O O   . HOH C 3 .   ? -18.817 8.287   -7.176  1.00 61.20  ? 301 HOH A O   1 
HETATM 1437 O O   . HOH C 3 .   ? 16.385  -3.608  -6.472  1.00 47.50  ? 302 HOH A O   1 
HETATM 1438 O O   . HOH C 3 .   ? 10.153  2.768   13.904  1.00 52.55  ? 303 HOH A O   1 
HETATM 1439 O O   . HOH C 3 .   ? 11.812  -2.715  -5.783  1.00 53.67  ? 304 HOH A O   1 
HETATM 1440 O O   . HOH C 3 .   ? -13.097 5.100   -2.534  1.00 51.08  ? 305 HOH A O   1 
HETATM 1441 O O   . HOH C 3 .   ? 25.034  -12.184 -12.161 1.00 48.87  ? 306 HOH A O   1 
HETATM 1442 O O   . HOH C 3 .   ? 6.531   -5.927  -7.421  1.00 37.99  ? 307 HOH A O   1 
HETATM 1443 O O   . HOH C 3 .   ? 0.113   -1.391  -8.069  1.00 38.33  ? 308 HOH A O   1 
HETATM 1444 O O   . HOH C 3 .   ? 9.955   -7.705  1.093   1.00 44.58  ? 309 HOH A O   1 
HETATM 1445 O O   . HOH C 3 .   ? 8.661   -2.663  0.666   1.00 41.93  ? 310 HOH A O   1 
HETATM 1446 O O   . HOH C 3 .   ? 7.621   -1.536  -13.713 1.00 35.30  ? 311 HOH A O   1 
HETATM 1447 O O   . HOH C 3 .   ? 7.933   -3.975  -10.806 1.00 37.51  ? 312 HOH A O   1 
HETATM 1448 O O   . HOH C 3 .   ? -5.147  -5.680  -5.248  1.00 44.78  ? 313 HOH A O   1 
HETATM 1449 O O   . HOH C 3 .   ? -9.986  15.934  4.961   1.00 65.00  ? 314 HOH A O   1 
HETATM 1450 O O   . HOH C 3 .   ? -3.220  -4.929  -7.121  1.00 46.55  ? 315 HOH A O   1 
HETATM 1451 O O   . HOH C 3 .   ? 8.453   2.925   -9.233  1.00 35.44  ? 316 HOH A O   1 
HETATM 1452 O O   . HOH C 3 .   ? -8.296  14.553  -7.994  1.00 56.76  ? 317 HOH A O   1 
HETATM 1453 O O   . HOH C 3 .   ? 2.835   9.873   8.922   1.00 69.70  ? 318 HOH A O   1 
HETATM 1454 O O   . HOH C 3 .   ? 20.445  -11.329 -24.608 1.00 52.53  ? 319 HOH A O   1 
HETATM 1455 O O   . HOH C 3 .   ? 13.991  -12.416 -11.318 1.00 41.90  ? 320 HOH A O   1 
HETATM 1456 O O   . HOH C 3 .   ? 13.413  4.809   2.867   1.00 42.24  ? 321 HOH A O   1 
HETATM 1457 O O   . HOH C 3 .   ? 22.565  -17.288 -8.506  1.00 49.20  ? 322 HOH A O   1 
HETATM 1458 O O   . HOH C 3 .   ? 8.039   -2.961  11.798  1.00 62.78  ? 323 HOH A O   1 
HETATM 1459 O O   . HOH C 3 .   ? 5.561   11.909  1.495   1.00 48.79  ? 324 HOH A O   1 
HETATM 1460 O O   . HOH C 3 .   ? -8.178  16.638  -4.416  1.00 60.82  ? 325 HOH A O   1 
HETATM 1461 O O   . HOH C 3 .   ? -8.616  1.523   -8.983  1.00 47.17  ? 326 HOH A O   1 
HETATM 1462 O O   . HOH C 3 .   ? -19.273 3.280   0.940   1.00 60.46  ? 327 HOH A O   1 
HETATM 1463 O O   . HOH C 3 .   ? 10.486  -1.264  5.283   1.00 47.80  ? 328 HOH A O   1 
HETATM 1464 O O   . HOH C 3 .   ? 15.044  -2.762  -3.186  1.00 46.29  ? 329 HOH A O   1 
HETATM 1465 O O   . HOH C 3 .   ? 1.636   -1.998  -10.973 1.00 44.02  ? 330 HOH A O   1 
HETATM 1466 O O   . HOH C 3 .   ? 7.209   11.123  7.265   1.00 55.65  ? 331 HOH A O   1 
HETATM 1467 O O   . HOH C 3 .   ? 15.142  4.842   4.800   1.00 44.94  ? 332 HOH A O   1 
HETATM 1468 O O   . HOH C 3 .   ? 12.223  9.919   8.926   1.00 46.83  ? 333 HOH A O   1 
HETATM 1469 O O   . HOH C 3 .   ? 19.060  -19.159 -4.481  1.00 70.19  ? 334 HOH A O   1 
HETATM 1470 O O   . HOH C 3 .   ? -2.992  15.367  -3.835  1.00 57.65  ? 335 HOH A O   1 
HETATM 1471 O O   . HOH C 3 .   ? -23.688 5.458   -0.208  1.00 71.68  ? 336 HOH A O   1 
HETATM 1472 O O   . HOH C 3 .   ? -12.564 12.092  5.534   1.00 67.83  ? 337 HOH A O   1 
HETATM 1473 O O   . HOH C 3 .   ? 5.592   11.325  3.899   1.00 46.42  ? 338 HOH A O   1 
HETATM 1474 O O   . HOH C 3 .   ? 12.176  -8.176  -2.317  1.00 47.16  ? 339 HOH A O   1 
HETATM 1475 O O   . HOH C 3 .   ? 12.827  7.484   3.534   1.00 50.53  ? 340 HOH A O   1 
HETATM 1476 O O   . HOH C 3 .   ? 16.875  2.644   -8.044  1.00 51.99  ? 341 HOH A O   1 
HETATM 1477 O O   . HOH C 3 .   ? -6.975  5.028   -9.020  1.00 53.64  ? 342 HOH A O   1 
HETATM 1478 O O   . HOH C 3 .   ? -10.035 14.561  -16.966 1.00 81.29  ? 343 HOH A O   1 
HETATM 1479 O O   . HOH C 3 .   ? -14.125 15.386  -11.294 1.00 59.65  ? 344 HOH A O   1 
HETATM 1480 O O   . HOH C 3 .   ? -17.084 2.534   -0.819  1.00 50.32  ? 345 HOH A O   1 
HETATM 1481 O O   . HOH C 3 .   ? 2.040   -5.685  -11.188 0.33 59.88  ? 346 HOH A O   1 
HETATM 1482 O O   . HOH C 3 .   ? 13.668  -6.348  -2.649  1.00 58.18  ? 347 HOH A O   1 
HETATM 1483 O O   . HOH C 3 .   ? 14.440  -14.694 -24.301 1.00 59.57  ? 348 HOH A O   1 
HETATM 1484 O O   . HOH C 3 .   ? -11.719 15.440  2.898   1.00 64.03  ? 349 HOH A O   1 
HETATM 1485 O O   . HOH C 3 .   ? 23.502  -7.136  -12.162 1.00 36.07  ? 350 HOH A O   1 
HETATM 1486 O O   . HOH C 3 .   ? 16.421  7.421   5.426   1.00 62.69  ? 351 HOH A O   1 
HETATM 1487 O O   . HOH C 3 .   ? 4.390   11.393  -2.724  1.00 64.02  ? 352 HOH A O   1 
HETATM 1488 O O   . HOH C 3 .   ? 14.421  9.171   4.865   1.00 61.05  ? 353 HOH A O   1 
HETATM 1489 O O   . HOH C 3 .   ? 25.886  -13.182 -9.464  1.00 57.97  ? 354 HOH A O   1 
HETATM 1490 O O   . HOH C 3 .   ? 16.304  -6.692  -2.276  1.00 64.81  ? 355 HOH A O   1 
HETATM 1491 O O   . HOH C 3 .   ? 2.994   14.856  -0.607  1.00 58.57  ? 356 HOH A O   1 
HETATM 1492 O O   . HOH C 3 .   ? 8.766   -3.149  -15.761 0.33 39.14  ? 357 HOH A O   1 
HETATM 1493 O O   . HOH C 3 .   ? -2.424  -7.368  -8.152  0.33 42.75  ? 358 HOH A O   1 
HETATM 1494 O O   . HOH C 3 .   ? 25.163  -17.585 -8.722  1.00 54.20  ? 359 HOH A O   1 
HETATM 1495 O O   . HOH C 3 .   ? 5.222   -2.964  -13.422 1.00 39.54  ? 360 HOH A O   1 
HETATM 1496 O O   . HOH C 3 .   ? 26.693  -15.679 -9.298  1.00 59.59  ? 361 HOH A O   1 
HETATM 1497 O O   . HOH C 3 .   ? 27.770  -11.700 -8.721  1.00 65.45  ? 362 HOH A O   1 
# 
